data_2MLG
#
_entry.id   2MLG
#
_cell.length_a   1.000
_cell.length_b   1.000
_cell.length_c   1.000
_cell.angle_alpha   90.00
_cell.angle_beta   90.00
_cell.angle_gamma   90.00
#
_symmetry.space_group_name_H-M   'P 1'
#
_entity_poly.entity_id   1
_entity_poly.type   'polypeptide(L)'
_entity_poly.pdbx_seq_one_letter_code
;MEKAKLSLTQLILIRLSNRGCQTLEELEEFTQAKREVLLVTLTRLHQRGVIYRKWRHFSGRKYREYCLKHRDELADLEHH
HHHH
;
_entity_poly.pdbx_strand_id   A
#
# COMPACT_ATOMS: atom_id res chain seq x y z
N LYS A 3 13.21 -6.58 9.68
CA LYS A 3 12.55 -6.37 8.39
C LYS A 3 13.09 -7.35 7.33
N ALA A 4 14.39 -7.57 7.35
CA ALA A 4 15.05 -8.39 6.35
C ALA A 4 14.56 -9.84 6.40
N LYS A 5 14.14 -10.26 7.59
CA LYS A 5 13.66 -11.62 7.77
C LYS A 5 12.37 -11.87 7.00
N LEU A 6 11.60 -10.81 6.81
CA LEU A 6 10.33 -10.90 6.09
C LEU A 6 10.49 -10.53 4.62
N SER A 7 9.60 -11.05 3.78
CA SER A 7 9.54 -10.64 2.39
C SER A 7 8.88 -9.27 2.24
N LEU A 8 9.03 -8.67 1.07
CA LEU A 8 8.41 -7.39 0.77
C LEU A 8 6.88 -7.51 0.76
N THR A 9 6.40 -8.68 0.38
CA THR A 9 4.97 -8.98 0.46
C THR A 9 4.50 -9.05 1.90
N GLN A 10 5.24 -9.77 2.73
CA GLN A 10 4.92 -9.89 4.15
C GLN A 10 5.03 -8.54 4.85
N LEU A 11 6.05 -7.77 4.48
CA LEU A 11 6.30 -6.48 5.11
C LEU A 11 5.16 -5.50 4.85
N ILE A 12 4.75 -5.42 3.59
CA ILE A 12 3.67 -4.52 3.20
C ILE A 12 2.35 -4.94 3.85
N LEU A 13 2.04 -6.23 3.80
CA LEU A 13 0.78 -6.74 4.32
C LEU A 13 0.70 -6.56 5.82
N ILE A 14 1.80 -6.85 6.51
CA ILE A 14 1.86 -6.70 7.96
C ILE A 14 1.83 -5.24 8.37
N ARG A 15 2.50 -4.40 7.59
CA ARG A 15 2.48 -2.96 7.81
C ARG A 15 1.08 -2.39 7.64
N LEU A 16 0.36 -2.90 6.64
CA LEU A 16 -1.00 -2.46 6.38
C LEU A 16 -2.00 -3.13 7.32
N SER A 17 -1.56 -4.22 7.95
CA SER A 17 -2.32 -4.83 9.04
C SER A 17 -2.29 -3.96 10.28
N ASN A 18 -1.15 -3.34 10.55
CA ASN A 18 -1.00 -2.44 11.69
C ASN A 18 -1.74 -1.14 11.45
N ARG A 19 -1.66 -0.63 10.23
CA ARG A 19 -2.38 0.59 9.85
C ARG A 19 -3.10 0.40 8.52
N GLY A 20 -4.39 0.69 8.51
CA GLY A 20 -5.27 0.27 7.42
C GLY A 20 -4.71 0.73 6.07
N CYS A 21 -4.14 1.93 6.05
CA CYS A 21 -3.69 2.54 4.81
C CYS A 21 -2.32 3.20 4.99
N GLN A 22 -1.42 2.91 4.07
CA GLN A 22 -0.10 3.56 4.05
C GLN A 22 0.24 4.07 2.66
N THR A 23 1.16 5.01 2.59
CA THR A 23 1.65 5.53 1.31
C THR A 23 2.84 4.71 0.81
N LEU A 24 3.16 4.88 -0.47
CA LEU A 24 4.33 4.23 -1.06
C LEU A 24 5.61 4.69 -0.37
N GLU A 25 5.65 5.95 0.02
CA GLU A 25 6.82 6.52 0.69
C GLU A 25 6.97 5.97 2.10
N GLU A 26 5.84 5.77 2.78
CA GLU A 26 5.84 5.16 4.11
C GLU A 26 6.23 3.70 4.05
N LEU A 27 5.78 3.01 3.01
CA LEU A 27 6.17 1.62 2.76
C LEU A 27 7.63 1.55 2.31
N GLU A 28 8.09 2.59 1.62
CA GLU A 28 9.49 2.68 1.22
C GLU A 28 10.40 2.76 2.44
N GLU A 29 10.03 3.60 3.40
CA GLU A 29 10.82 3.75 4.62
C GLU A 29 10.73 2.50 5.50
N PHE A 30 9.57 1.86 5.49
CA PHE A 30 9.37 0.65 6.29
C PHE A 30 10.24 -0.50 5.77
N THR A 31 10.22 -0.70 4.46
CA THR A 31 10.91 -1.83 3.85
C THR A 31 12.34 -1.47 3.47
N GLN A 32 12.58 -0.19 3.25
CA GLN A 32 13.83 0.28 2.65
C GLN A 32 14.07 -0.39 1.30
N ALA A 33 12.98 -0.66 0.58
CA ALA A 33 13.08 -1.19 -0.78
C ALA A 33 12.83 -0.10 -1.81
N LYS A 34 13.15 -0.40 -3.07
CA LYS A 34 12.90 0.53 -4.17
C LYS A 34 11.42 0.70 -4.42
N ARG A 35 11.03 1.88 -4.90
CA ARG A 35 9.63 2.18 -5.17
C ARG A 35 9.06 1.25 -6.24
N GLU A 36 9.82 1.05 -7.30
CA GLU A 36 9.38 0.20 -8.41
C GLU A 36 9.17 -1.24 -7.94
N VAL A 37 10.12 -1.73 -7.13
CA VAL A 37 10.05 -3.10 -6.63
C VAL A 37 8.84 -3.29 -5.73
N LEU A 38 8.57 -2.30 -4.89
CA LEU A 38 7.40 -2.34 -4.01
C LEU A 38 6.11 -2.26 -4.81
N LEU A 39 6.13 -1.50 -5.91
CA LEU A 39 4.96 -1.35 -6.76
C LEU A 39 4.62 -2.65 -7.47
N VAL A 40 5.64 -3.44 -7.78
CA VAL A 40 5.45 -4.77 -8.33
C VAL A 40 4.65 -5.65 -7.40
N THR A 41 5.01 -5.64 -6.12
CA THR A 41 4.29 -6.39 -5.09
C THR A 41 2.88 -5.83 -4.91
N LEU A 42 2.77 -4.50 -4.87
CA LEU A 42 1.49 -3.85 -4.67
C LEU A 42 0.54 -4.11 -5.84
N THR A 43 1.10 -4.14 -7.04
CA THR A 43 0.31 -4.37 -8.24
C THR A 43 -0.19 -5.80 -8.31
N ARG A 44 0.70 -6.75 -8.00
CA ARG A 44 0.35 -8.16 -8.04
C ARG A 44 -0.69 -8.51 -6.98
N LEU A 45 -0.59 -7.85 -5.83
CA LEU A 45 -1.60 -7.99 -4.79
C LEU A 45 -2.88 -7.24 -5.15
N HIS A 46 -2.72 -6.15 -5.88
CA HIS A 46 -3.86 -5.35 -6.34
C HIS A 46 -4.73 -6.17 -7.30
N GLN A 47 -4.08 -6.91 -8.20
CA GLN A 47 -4.79 -7.77 -9.13
C GLN A 47 -5.48 -8.91 -8.41
N ARG A 48 -4.96 -9.28 -7.26
CA ARG A 48 -5.54 -10.36 -6.46
C ARG A 48 -6.67 -9.85 -5.57
N GLY A 49 -6.87 -8.54 -5.57
CA GLY A 49 -7.91 -7.92 -4.77
C GLY A 49 -7.53 -7.87 -3.30
N VAL A 50 -6.23 -7.77 -3.04
CA VAL A 50 -5.72 -7.73 -1.67
C VAL A 50 -5.47 -6.30 -1.21
N ILE A 51 -4.67 -5.57 -1.98
CA ILE A 51 -4.35 -4.18 -1.67
C ILE A 51 -4.91 -3.23 -2.71
N TYR A 52 -5.71 -2.27 -2.27
CA TYR A 52 -6.38 -1.35 -3.18
C TYR A 52 -5.74 0.03 -3.14
N ARG A 53 -5.87 0.76 -4.23
CA ARG A 53 -5.18 2.05 -4.37
C ARG A 53 -6.17 3.18 -4.63
N LYS A 54 -5.83 4.38 -4.18
CA LYS A 54 -6.65 5.55 -4.41
C LYS A 54 -5.84 6.84 -4.29
N TRP A 55 -6.11 7.79 -5.17
CA TRP A 55 -5.45 9.09 -5.13
C TRP A 55 -6.14 10.03 -4.14
N ARG A 56 -5.34 10.80 -3.41
CA ARG A 56 -5.88 11.79 -2.49
C ARG A 56 -5.12 13.10 -2.58
N HIS A 57 -5.86 14.19 -2.81
CA HIS A 57 -5.27 15.52 -2.85
C HIS A 57 -4.81 15.96 -1.47
N PHE A 58 -3.60 16.50 -1.40
CA PHE A 58 -3.00 16.86 -0.12
C PHE A 58 -1.95 17.95 -0.31
N SER A 59 -2.18 19.09 0.33
CA SER A 59 -1.20 20.18 0.33
C SER A 59 -0.86 20.62 -1.09
N GLY A 60 -1.85 20.58 -1.96
CA GLY A 60 -1.71 21.16 -3.30
C GLY A 60 -1.25 20.11 -4.30
N ARG A 61 -1.03 18.89 -3.80
CA ARG A 61 -0.55 17.80 -4.65
C ARG A 61 -1.29 16.50 -4.35
N LYS A 62 -1.57 15.74 -5.40
CA LYS A 62 -2.26 14.46 -5.24
C LYS A 62 -1.27 13.32 -5.03
N TYR A 63 -1.48 12.54 -3.98
CA TYR A 63 -0.64 11.39 -3.69
C TYR A 63 -1.47 10.11 -3.65
N ARG A 64 -0.90 9.02 -4.15
CA ARG A 64 -1.57 7.72 -4.15
C ARG A 64 -1.27 6.94 -2.89
N GLU A 65 -2.32 6.44 -2.24
CA GLU A 65 -2.16 5.65 -1.03
C GLU A 65 -2.80 4.28 -1.18
N TYR A 66 -2.36 3.32 -0.36
CA TYR A 66 -2.78 1.93 -0.50
C TYR A 66 -3.45 1.43 0.77
N CYS A 67 -4.62 0.81 0.61
CA CYS A 67 -5.34 0.24 1.73
C CYS A 67 -5.43 -1.28 1.63
N LEU A 68 -5.39 -1.95 2.77
CA LEU A 68 -5.43 -3.40 2.81
C LEU A 68 -6.85 -3.91 3.02
N LYS A 69 -7.31 -4.78 2.12
CA LYS A 69 -8.61 -5.40 2.27
C LYS A 69 -9.72 -4.37 2.41
N HIS A 70 -9.68 -3.35 1.55
CA HIS A 70 -10.67 -2.28 1.59
C HIS A 70 -11.39 -2.14 0.25
N ARG A 71 -12.70 -2.32 0.26
CA ARG A 71 -13.49 -2.29 -0.96
C ARG A 71 -13.16 -1.06 -1.79
N ASP A 72 -12.89 -1.28 -3.08
CA ASP A 72 -12.55 -0.18 -3.99
C ASP A 72 -13.70 0.82 -4.09
N GLU A 73 -14.92 0.31 -4.10
CA GLU A 73 -16.11 1.16 -4.11
C GLU A 73 -16.13 2.08 -2.89
N LEU A 74 -15.82 1.52 -1.72
CA LEU A 74 -15.79 2.29 -0.49
C LEU A 74 -14.68 3.34 -0.53
N ALA A 75 -13.57 3.00 -1.18
CA ALA A 75 -12.47 3.94 -1.35
C ALA A 75 -12.91 5.17 -2.14
N ASP A 76 -13.69 4.93 -3.19
CA ASP A 76 -14.22 6.03 -4.00
C ASP A 76 -15.19 6.89 -3.21
N LEU A 77 -15.96 6.24 -2.33
CA LEU A 77 -16.97 6.94 -1.55
C LEU A 77 -16.32 7.77 -0.45
N GLU A 78 -15.27 7.23 0.16
CA GLU A 78 -14.59 7.90 1.26
C GLU A 78 -13.73 9.05 0.76
N HIS A 79 -13.04 8.82 -0.36
CA HIS A 79 -12.13 9.81 -0.92
C HIS A 79 -12.86 10.73 -1.89
N LYS A 3 8.61 -14.32 5.94
CA LYS A 3 8.20 -14.17 4.54
C LYS A 3 7.29 -12.97 4.37
N ALA A 4 6.60 -12.58 5.44
CA ALA A 4 5.66 -11.47 5.38
C ALA A 4 6.36 -10.16 5.10
N LYS A 5 7.55 -9.98 5.69
CA LYS A 5 8.34 -8.79 5.50
C LYS A 5 9.23 -8.91 4.27
N LEU A 6 9.60 -10.14 3.94
CA LEU A 6 10.43 -10.40 2.76
C LEU A 6 9.67 -10.07 1.48
N SER A 7 8.37 -10.36 1.47
CA SER A 7 7.50 -9.94 0.37
C SER A 7 7.18 -8.46 0.46
N LEU A 8 7.48 -7.73 -0.61
CA LEU A 8 7.19 -6.30 -0.67
C LEU A 8 5.69 -6.04 -0.67
N THR A 9 4.94 -6.94 -1.31
CA THR A 9 3.49 -6.85 -1.34
C THR A 9 2.91 -7.03 0.06
N GLN A 10 3.30 -8.11 0.72
CA GLN A 10 2.83 -8.39 2.08
C GLN A 10 3.32 -7.34 3.06
N LEU A 11 4.52 -6.83 2.82
CA LEU A 11 5.11 -5.79 3.67
C LEU A 11 4.29 -4.51 3.62
N ILE A 12 3.89 -4.11 2.42
CA ILE A 12 2.98 -2.98 2.24
C ILE A 12 1.71 -3.17 3.04
N LEU A 13 1.18 -4.39 3.03
CA LEU A 13 -0.11 -4.67 3.66
C LEU A 13 0.01 -4.65 5.19
N ILE A 14 1.22 -4.93 5.68
CA ILE A 14 1.50 -4.83 7.11
C ILE A 14 1.38 -3.40 7.60
N ARG A 15 1.88 -2.46 6.80
CA ARG A 15 1.73 -1.04 7.09
C ARG A 15 0.28 -0.59 6.95
N LEU A 16 -0.40 -1.12 5.95
CA LEU A 16 -1.79 -0.78 5.70
C LEU A 16 -2.72 -1.45 6.71
N SER A 17 -2.20 -2.48 7.38
CA SER A 17 -2.90 -3.08 8.50
C SER A 17 -2.90 -2.17 9.71
N ASN A 18 -1.77 -1.54 9.97
CA ASN A 18 -1.63 -0.63 11.10
C ASN A 18 -2.42 0.65 10.86
N ARG A 19 -2.35 1.17 9.64
CA ARG A 19 -3.12 2.35 9.26
C ARG A 19 -3.79 2.16 7.91
N GLY A 20 -5.10 2.34 7.88
CA GLY A 20 -5.91 1.92 6.75
C GLY A 20 -5.38 2.50 5.44
N CYS A 21 -5.05 3.79 5.46
CA CYS A 21 -4.65 4.50 4.25
C CYS A 21 -3.33 5.22 4.45
N GLN A 22 -2.39 4.97 3.54
CA GLN A 22 -1.09 5.65 3.58
C GLN A 22 -0.73 6.24 2.22
N THR A 23 0.18 7.20 2.22
CA THR A 23 0.63 7.82 0.98
C THR A 23 1.76 7.01 0.34
N LEU A 24 2.06 7.32 -0.92
CA LEU A 24 3.16 6.67 -1.62
C LEU A 24 4.48 6.88 -0.89
N GLU A 25 4.70 8.09 -0.41
CA GLU A 25 5.94 8.43 0.27
C GLU A 25 6.04 7.73 1.62
N GLU A 26 4.92 7.65 2.31
CA GLU A 26 4.88 6.97 3.61
C GLU A 26 5.15 5.48 3.46
N LEU A 27 4.62 4.89 2.39
CA LEU A 27 4.86 3.47 2.10
C LEU A 27 6.29 3.25 1.63
N GLU A 28 6.83 4.24 0.90
CA GLU A 28 8.21 4.17 0.44
C GLU A 28 9.19 4.18 1.62
N GLU A 29 8.91 5.03 2.59
CA GLU A 29 9.76 5.15 3.77
C GLU A 29 9.66 3.91 4.65
N PHE A 30 8.47 3.33 4.71
CA PHE A 30 8.24 2.12 5.49
C PHE A 30 9.04 0.94 4.91
N THR A 31 8.91 0.73 3.61
CA THR A 31 9.53 -0.42 2.96
C THR A 31 10.99 -0.13 2.60
N GLN A 32 11.31 1.15 2.42
CA GLN A 32 12.59 1.54 1.84
C GLN A 32 12.82 0.86 0.50
N ALA A 33 11.73 0.63 -0.24
CA ALA A 33 11.83 0.06 -1.58
C ALA A 33 11.94 1.16 -2.64
N LYS A 34 12.53 0.81 -3.78
CA LYS A 34 12.55 1.71 -4.93
C LYS A 34 11.15 2.13 -5.33
N ARG A 35 10.96 3.43 -5.52
CA ARG A 35 9.63 3.98 -5.80
C ARG A 35 8.98 3.26 -6.97
N GLU A 36 9.75 3.04 -8.02
CA GLU A 36 9.26 2.31 -9.20
C GLU A 36 8.73 0.93 -8.80
N VAL A 37 9.55 0.19 -8.06
CA VAL A 37 9.17 -1.15 -7.62
C VAL A 37 7.97 -1.10 -6.68
N LEU A 38 7.96 -0.12 -5.80
CA LEU A 38 6.83 0.08 -4.90
C LEU A 38 5.53 0.25 -5.66
N LEU A 39 5.56 1.04 -6.73
CA LEU A 39 4.39 1.29 -7.55
C LEU A 39 3.94 0.01 -8.26
N VAL A 40 4.90 -0.81 -8.64
CA VAL A 40 4.61 -2.08 -9.30
C VAL A 40 3.85 -3.02 -8.36
N THR A 41 4.34 -3.13 -7.13
CA THR A 41 3.74 -4.04 -6.15
C THR A 41 2.42 -3.50 -5.63
N LEU A 42 2.29 -2.17 -5.63
CA LEU A 42 1.03 -1.54 -5.29
C LEU A 42 -0.02 -1.77 -6.36
N THR A 43 0.40 -1.70 -7.62
CA THR A 43 -0.48 -1.99 -8.74
C THR A 43 -0.89 -3.46 -8.76
N ARG A 44 0.05 -4.33 -8.39
CA ARG A 44 -0.23 -5.76 -8.30
C ARG A 44 -1.32 -6.04 -7.28
N LEU A 45 -1.23 -5.40 -6.12
CA LEU A 45 -2.23 -5.54 -5.08
C LEU A 45 -3.56 -4.91 -5.49
N HIS A 46 -3.48 -3.76 -6.13
CA HIS A 46 -4.67 -3.05 -6.59
C HIS A 46 -5.45 -3.88 -7.61
N GLN A 47 -4.72 -4.44 -8.57
CA GLN A 47 -5.34 -5.26 -9.61
C GLN A 47 -5.79 -6.61 -9.04
N ARG A 48 -5.06 -7.10 -8.06
CA ARG A 48 -5.44 -8.33 -7.36
C ARG A 48 -6.77 -8.17 -6.65
N GLY A 49 -7.02 -6.98 -6.12
CA GLY A 49 -8.25 -6.69 -5.40
C GLY A 49 -8.03 -6.69 -3.90
N VAL A 50 -6.82 -6.33 -3.48
CA VAL A 50 -6.47 -6.27 -2.07
C VAL A 50 -6.57 -4.84 -1.54
N ILE A 51 -6.03 -3.90 -2.30
CA ILE A 51 -6.03 -2.50 -1.90
C ILE A 51 -6.72 -1.63 -2.94
N TYR A 52 -6.97 -0.38 -2.59
CA TYR A 52 -7.61 0.56 -3.50
C TYR A 52 -6.90 1.91 -3.48
N ARG A 53 -6.74 2.50 -4.66
CA ARG A 53 -6.01 3.76 -4.80
C ARG A 53 -6.90 4.86 -5.36
N LYS A 54 -6.62 6.10 -4.95
CA LYS A 54 -7.43 7.24 -5.38
C LYS A 54 -6.67 8.54 -5.21
N TRP A 55 -7.10 9.58 -5.92
CA TRP A 55 -6.42 10.86 -5.90
C TRP A 55 -7.08 11.81 -4.91
N ARG A 56 -6.27 12.62 -4.24
CA ARG A 56 -6.78 13.63 -3.31
C ARG A 56 -6.07 14.96 -3.51
N HIS A 57 -6.84 16.01 -3.75
CA HIS A 57 -6.30 17.35 -3.91
C HIS A 57 -5.75 17.89 -2.59
N PHE A 58 -4.56 18.45 -2.63
CA PHE A 58 -3.90 18.96 -1.43
C PHE A 58 -2.90 20.06 -1.76
N SER A 59 -3.15 21.25 -1.23
CA SER A 59 -2.21 22.36 -1.37
C SER A 59 -1.94 22.67 -2.84
N GLY A 60 -2.97 22.51 -3.67
CA GLY A 60 -2.90 22.94 -5.07
C GLY A 60 -2.42 21.79 -5.95
N ARG A 61 -2.15 20.64 -5.34
CA ARG A 61 -1.63 19.49 -6.06
C ARG A 61 -2.35 18.20 -5.65
N LYS A 62 -2.70 17.38 -6.63
CA LYS A 62 -3.37 16.11 -6.36
C LYS A 62 -2.36 15.00 -6.12
N TYR A 63 -2.50 14.31 -5.01
CA TYR A 63 -1.62 13.18 -4.68
C TYR A 63 -2.42 11.89 -4.55
N ARG A 64 -1.82 10.77 -4.96
CA ARG A 64 -2.48 9.47 -4.94
C ARG A 64 -2.20 8.75 -3.64
N GLU A 65 -3.26 8.25 -3.00
CA GLU A 65 -3.13 7.52 -1.74
C GLU A 65 -3.55 6.06 -1.92
N TYR A 66 -3.00 5.20 -1.08
CA TYR A 66 -3.32 3.78 -1.15
C TYR A 66 -3.92 3.29 0.18
N CYS A 67 -5.08 2.64 0.08
CA CYS A 67 -5.82 2.23 1.27
C CYS A 67 -6.26 0.77 1.16
N LEU A 68 -6.09 0.03 2.26
CA LEU A 68 -6.46 -1.38 2.28
C LEU A 68 -7.95 -1.55 2.04
N LYS A 69 -8.29 -2.38 1.06
CA LYS A 69 -9.68 -2.57 0.66
C LYS A 69 -10.28 -3.80 1.35
N HIS A 70 -9.57 -4.92 1.27
CA HIS A 70 -10.01 -6.15 1.92
C HIS A 70 -9.02 -6.59 2.99
N ARG A 71 -9.54 -7.25 4.02
CA ARG A 71 -8.71 -7.65 5.16
C ARG A 71 -8.41 -9.15 5.11
N ASP A 72 -8.64 -9.76 3.95
CA ASP A 72 -8.34 -11.18 3.76
C ASP A 72 -6.85 -11.44 3.88
N GLU A 73 -6.04 -10.55 3.32
CA GLU A 73 -4.59 -10.65 3.43
C GLU A 73 -4.12 -10.22 4.82
N LEU A 74 -4.82 -9.25 5.40
CA LEU A 74 -4.56 -8.83 6.78
C LEU A 74 -4.64 -10.01 7.73
N ALA A 75 -5.67 -10.83 7.57
CA ALA A 75 -5.82 -12.05 8.38
C ALA A 75 -4.63 -12.98 8.19
N ASP A 76 -4.19 -13.12 6.94
CA ASP A 76 -3.06 -13.98 6.62
C ASP A 76 -1.79 -13.47 7.29
N LEU A 77 -1.66 -12.15 7.39
CA LEU A 77 -0.52 -11.55 8.06
C LEU A 77 -0.54 -11.84 9.56
N GLU A 78 -1.74 -11.82 10.14
CA GLU A 78 -1.90 -12.15 11.55
C GLU A 78 -1.67 -13.63 11.79
N HIS A 79 -1.98 -14.45 10.80
CA HIS A 79 -1.80 -15.89 10.89
C HIS A 79 -0.34 -16.28 10.71
N LYS A 3 11.71 -7.61 8.93
CA LYS A 3 11.04 -7.22 7.68
C LYS A 3 11.56 -8.02 6.50
N ALA A 4 12.85 -8.37 6.54
CA ALA A 4 13.49 -9.07 5.44
C ALA A 4 12.90 -10.46 5.25
N LYS A 5 12.38 -11.03 6.34
CA LYS A 5 11.77 -12.35 6.28
C LYS A 5 10.46 -12.32 5.50
N LEU A 6 9.83 -11.16 5.44
CA LEU A 6 8.58 -10.99 4.72
C LEU A 6 8.81 -10.43 3.32
N SER A 7 7.88 -10.71 2.41
CA SER A 7 7.91 -10.14 1.08
C SER A 7 7.48 -8.67 1.10
N LEU A 8 7.76 -7.97 0.01
CA LEU A 8 7.31 -6.58 -0.13
C LEU A 8 5.80 -6.50 -0.20
N THR A 9 5.17 -7.55 -0.71
CA THR A 9 3.72 -7.67 -0.68
C THR A 9 3.20 -7.74 0.75
N GLN A 10 3.79 -8.63 1.54
CA GLN A 10 3.40 -8.79 2.94
C GLN A 10 3.67 -7.52 3.73
N LEU A 11 4.79 -6.88 3.46
CA LEU A 11 5.19 -5.68 4.19
C LEU A 11 4.22 -4.53 3.93
N ILE A 12 3.85 -4.35 2.67
CA ILE A 12 2.90 -3.31 2.29
C ILE A 12 1.54 -3.55 2.93
N LEU A 13 1.05 -4.78 2.84
CA LEU A 13 -0.28 -5.12 3.33
C LEU A 13 -0.36 -4.98 4.84
N ILE A 14 0.74 -5.29 5.52
CA ILE A 14 0.85 -5.06 6.95
C ILE A 14 0.91 -3.56 7.27
N ARG A 15 1.64 -2.82 6.45
CA ARG A 15 1.75 -1.37 6.61
C ARG A 15 0.40 -0.70 6.42
N LEU A 16 -0.42 -1.27 5.54
CA LEU A 16 -1.76 -0.73 5.28
C LEU A 16 -2.69 -0.98 6.45
N SER A 17 -2.40 -2.02 7.22
CA SER A 17 -3.11 -2.28 8.47
C SER A 17 -2.72 -1.27 9.54
N ASN A 18 -1.42 -0.96 9.61
CA ASN A 18 -0.92 0.03 10.55
C ASN A 18 -1.43 1.43 10.22
N ARG A 19 -1.47 1.75 8.94
CA ARG A 19 -2.00 3.03 8.48
C ARG A 19 -2.95 2.84 7.30
N GLY A 20 -4.17 3.34 7.46
CA GLY A 20 -5.27 3.01 6.54
C GLY A 20 -4.84 3.23 5.10
N CYS A 21 -4.26 4.40 4.83
CA CYS A 21 -3.77 4.73 3.49
C CYS A 21 -2.34 5.24 3.53
N GLN A 22 -1.50 4.69 2.65
CA GLN A 22 -0.10 5.11 2.57
C GLN A 22 0.29 5.39 1.12
N THR A 23 1.28 6.26 0.94
CA THR A 23 1.80 6.58 -0.38
C THR A 23 2.96 5.67 -0.76
N LEU A 24 3.35 5.71 -2.02
CA LEU A 24 4.49 4.93 -2.50
C LEU A 24 5.76 5.31 -1.75
N GLU A 25 5.95 6.60 -1.51
CA GLU A 25 7.12 7.09 -0.79
C GLU A 25 7.08 6.66 0.67
N GLU A 26 5.89 6.68 1.25
CA GLU A 26 5.71 6.26 2.65
C GLU A 26 5.90 4.76 2.79
N LEU A 27 5.57 4.01 1.74
CA LEU A 27 5.82 2.58 1.72
C LEU A 27 7.31 2.27 1.52
N GLU A 28 8.00 3.16 0.81
CA GLU A 28 9.45 3.07 0.67
C GLU A 28 10.14 3.24 2.03
N GLU A 29 9.59 4.12 2.85
CA GLU A 29 10.12 4.35 4.19
C GLU A 29 9.99 3.09 5.05
N PHE A 30 8.87 2.40 4.92
CA PHE A 30 8.62 1.19 5.70
C PHE A 30 9.51 0.05 5.25
N THR A 31 9.55 -0.17 3.94
CA THR A 31 10.22 -1.34 3.38
C THR A 31 11.70 -1.05 3.10
N GLN A 32 12.01 0.22 2.91
CA GLN A 32 13.32 0.62 2.39
C GLN A 32 13.61 -0.06 1.07
N ALA A 33 12.58 -0.28 0.27
CA ALA A 33 12.73 -0.86 -1.05
C ALA A 33 12.58 0.20 -2.13
N LYS A 34 13.01 -0.13 -3.35
CA LYS A 34 12.89 0.77 -4.49
C LYS A 34 11.43 1.09 -4.79
N ARG A 35 11.14 2.35 -5.05
CA ARG A 35 9.77 2.79 -5.32
C ARG A 35 9.22 2.10 -6.56
N GLU A 36 10.05 1.93 -7.58
CA GLU A 36 9.65 1.24 -8.79
C GLU A 36 9.23 -0.20 -8.49
N VAL A 37 10.03 -0.90 -7.70
CA VAL A 37 9.74 -2.28 -7.33
C VAL A 37 8.46 -2.36 -6.50
N LEU A 38 8.29 -1.42 -5.58
CA LEU A 38 7.09 -1.36 -4.76
C LEU A 38 5.86 -1.06 -5.61
N LEU A 39 6.04 -0.20 -6.61
CA LEU A 39 4.95 0.22 -7.47
C LEU A 39 4.43 -0.94 -8.30
N VAL A 40 5.36 -1.79 -8.76
CA VAL A 40 4.99 -3.00 -9.49
C VAL A 40 4.14 -3.93 -8.63
N THR A 41 4.55 -4.10 -7.37
CA THR A 41 3.79 -4.89 -6.42
C THR A 41 2.40 -4.30 -6.19
N LEU A 42 2.34 -2.99 -6.04
CA LEU A 42 1.08 -2.29 -5.81
C LEU A 42 0.15 -2.44 -7.01
N THR A 43 0.72 -2.37 -8.22
CA THR A 43 -0.05 -2.52 -9.44
C THR A 43 -0.63 -3.93 -9.55
N ARG A 44 0.19 -4.92 -9.24
CA ARG A 44 -0.25 -6.31 -9.32
C ARG A 44 -1.34 -6.60 -8.30
N LEU A 45 -1.22 -6.03 -7.11
CA LEU A 45 -2.23 -6.19 -6.08
C LEU A 45 -3.53 -5.52 -6.47
N HIS A 46 -3.43 -4.29 -6.97
CA HIS A 46 -4.62 -3.50 -7.28
C HIS A 46 -5.46 -4.15 -8.38
N GLN A 47 -4.79 -4.60 -9.44
CA GLN A 47 -5.46 -5.24 -10.56
C GLN A 47 -6.09 -6.56 -10.14
N ARG A 48 -5.47 -7.22 -9.17
CA ARG A 48 -6.01 -8.45 -8.60
C ARG A 48 -7.25 -8.15 -7.76
N GLY A 49 -7.32 -6.94 -7.23
CA GLY A 49 -8.45 -6.52 -6.41
C GLY A 49 -8.12 -6.60 -4.93
N VAL A 50 -6.83 -6.63 -4.61
CA VAL A 50 -6.38 -6.73 -3.23
C VAL A 50 -6.38 -5.35 -2.56
N ILE A 51 -5.83 -4.36 -3.25
CA ILE A 51 -5.77 -3.00 -2.73
C ILE A 51 -6.45 -2.02 -3.67
N TYR A 52 -6.72 -0.82 -3.18
CA TYR A 52 -7.48 0.17 -3.93
C TYR A 52 -6.76 1.51 -3.98
N ARG A 53 -7.01 2.27 -5.04
CA ARG A 53 -6.40 3.59 -5.19
C ARG A 53 -7.29 4.69 -4.60
N LYS A 54 -6.66 5.68 -3.97
CA LYS A 54 -7.39 6.81 -3.44
C LYS A 54 -6.66 8.12 -3.72
N TRP A 55 -7.39 9.10 -4.25
CA TRP A 55 -6.81 10.40 -4.58
C TRP A 55 -7.26 11.46 -3.60
N ARG A 56 -6.31 12.00 -2.84
CA ARG A 56 -6.61 13.03 -1.84
C ARG A 56 -6.23 14.41 -2.35
N HIS A 57 -7.22 15.29 -2.43
CA HIS A 57 -6.99 16.68 -2.83
C HIS A 57 -6.25 17.44 -1.74
N PHE A 58 -5.18 18.13 -2.14
CA PHE A 58 -4.36 18.88 -1.18
C PHE A 58 -3.63 20.02 -1.88
N SER A 59 -3.89 21.24 -1.43
CA SER A 59 -3.20 22.41 -1.95
C SER A 59 -3.40 22.54 -3.46
N GLY A 60 -4.57 22.16 -3.93
CA GLY A 60 -4.94 22.33 -5.33
C GLY A 60 -4.44 21.16 -6.18
N ARG A 61 -3.90 20.14 -5.51
CA ARG A 61 -3.34 18.98 -6.20
C ARG A 61 -3.80 17.68 -5.56
N LYS A 62 -4.32 16.78 -6.39
CA LYS A 62 -4.73 15.47 -5.91
C LYS A 62 -3.57 14.48 -5.93
N TYR A 63 -3.28 13.89 -4.78
CA TYR A 63 -2.16 12.95 -4.66
C TYR A 63 -2.65 11.53 -4.47
N ARG A 64 -1.98 10.58 -5.11
CA ARG A 64 -2.43 9.18 -5.11
C ARG A 64 -1.85 8.41 -3.94
N GLU A 65 -2.71 7.64 -3.27
CA GLU A 65 -2.25 6.73 -2.22
C GLU A 65 -3.01 5.41 -2.27
N TYR A 66 -2.43 4.38 -1.66
CA TYR A 66 -3.00 3.04 -1.73
C TYR A 66 -3.54 2.60 -0.37
N CYS A 67 -4.65 1.88 -0.38
CA CYS A 67 -5.30 1.44 0.84
C CYS A 67 -6.23 0.26 0.59
N LEU A 68 -6.61 -0.43 1.66
CA LEU A 68 -7.52 -1.56 1.56
C LEU A 68 -8.88 -1.22 2.18
N LYS A 69 -9.94 -1.47 1.43
CA LYS A 69 -11.29 -1.10 1.86
C LYS A 69 -11.87 -2.13 2.83
N HIS A 70 -11.46 -3.38 2.64
CA HIS A 70 -11.96 -4.47 3.50
C HIS A 70 -11.06 -4.65 4.72
N ARG A 71 -11.54 -4.24 5.87
CA ARG A 71 -10.77 -4.33 7.11
C ARG A 71 -10.53 -5.79 7.49
N ASP A 72 -11.51 -6.64 7.21
CA ASP A 72 -11.40 -8.05 7.52
C ASP A 72 -10.29 -8.72 6.70
N GLU A 73 -10.30 -8.47 5.39
CA GLU A 73 -9.29 -9.02 4.51
C GLU A 73 -7.92 -8.41 4.79
N LEU A 74 -7.91 -7.12 5.10
CA LEU A 74 -6.67 -6.43 5.45
C LEU A 74 -6.02 -7.04 6.68
N ALA A 75 -6.82 -7.34 7.69
CA ALA A 75 -6.33 -7.97 8.90
C ALA A 75 -5.82 -9.37 8.63
N ASP A 76 -6.53 -10.10 7.78
CA ASP A 76 -6.14 -11.46 7.42
C ASP A 76 -4.84 -11.46 6.62
N LEU A 77 -4.67 -10.44 5.78
CA LEU A 77 -3.45 -10.30 4.99
C LEU A 77 -2.25 -9.95 5.86
N GLU A 78 -2.51 -9.18 6.92
CA GLU A 78 -1.50 -8.93 7.94
C GLU A 78 -1.08 -10.23 8.64
N HIS A 79 -2.07 -11.01 9.07
CA HIS A 79 -1.81 -12.26 9.76
C HIS A 79 -0.88 -13.15 8.94
N LYS A 3 12.63 -6.25 8.78
CA LYS A 3 11.95 -5.99 7.50
C LYS A 3 12.56 -6.85 6.38
N ALA A 4 13.85 -7.10 6.47
CA ALA A 4 14.56 -7.84 5.43
C ALA A 4 14.07 -9.27 5.35
N LYS A 5 13.58 -9.79 6.47
CA LYS A 5 13.04 -11.14 6.51
C LYS A 5 11.74 -11.25 5.72
N LEU A 6 11.05 -10.13 5.59
CA LEU A 6 9.79 -10.10 4.85
C LEU A 6 10.01 -9.67 3.40
N SER A 7 9.13 -10.13 2.52
CA SER A 7 9.13 -9.67 1.14
C SER A 7 8.54 -8.27 1.01
N LEU A 8 8.74 -7.64 -0.14
CA LEU A 8 8.14 -6.35 -0.42
C LEU A 8 6.62 -6.45 -0.48
N THR A 9 6.13 -7.62 -0.83
CA THR A 9 4.69 -7.90 -0.79
C THR A 9 4.19 -7.92 0.65
N GLN A 10 4.88 -8.64 1.52
CA GLN A 10 4.51 -8.73 2.92
C GLN A 10 4.62 -7.37 3.61
N LEU A 11 5.67 -6.63 3.27
CA LEU A 11 5.92 -5.33 3.89
C LEU A 11 4.82 -4.34 3.54
N ILE A 12 4.47 -4.28 2.27
CA ILE A 12 3.44 -3.35 1.80
C ILE A 12 2.07 -3.71 2.40
N LEU A 13 1.75 -4.99 2.39
CA LEU A 13 0.45 -5.45 2.87
C LEU A 13 0.29 -5.19 4.37
N ILE A 14 1.35 -5.48 5.12
CA ILE A 14 1.35 -5.22 6.55
C ILE A 14 1.29 -3.73 6.85
N ARG A 15 1.99 -2.93 6.04
CA ARG A 15 1.98 -1.49 6.19
C ARG A 15 0.58 -0.92 5.96
N LEU A 16 -0.12 -1.46 4.98
CA LEU A 16 -1.47 -1.00 4.64
C LEU A 16 -2.51 -1.68 5.51
N SER A 17 -2.07 -2.63 6.33
CA SER A 17 -2.91 -3.20 7.37
C SER A 17 -2.77 -2.42 8.68
N ASN A 18 -1.59 -1.83 8.89
CA ASN A 18 -1.34 -1.04 10.08
C ASN A 18 -1.64 0.43 9.84
N ARG A 19 -1.77 0.81 8.58
CA ARG A 19 -2.11 2.18 8.22
C ARG A 19 -3.21 2.23 7.17
N GLY A 20 -4.06 3.24 7.27
CA GLY A 20 -5.21 3.36 6.38
C GLY A 20 -4.78 3.32 4.91
N CYS A 21 -3.77 4.10 4.58
CA CYS A 21 -3.22 4.11 3.23
C CYS A 21 -1.85 4.79 3.19
N GLN A 22 -1.06 4.46 2.18
CA GLN A 22 0.28 4.98 2.06
C GLN A 22 0.66 5.21 0.60
N THR A 23 1.52 6.20 0.36
CA THR A 23 1.99 6.51 -0.98
C THR A 23 3.14 5.58 -1.39
N LEU A 24 3.45 5.57 -2.68
CA LEU A 24 4.58 4.81 -3.18
C LEU A 24 5.89 5.27 -2.56
N GLU A 25 5.98 6.58 -2.32
CA GLU A 25 7.18 7.16 -1.72
C GLU A 25 7.30 6.79 -0.25
N GLU A 26 6.16 6.75 0.44
CA GLU A 26 6.12 6.30 1.83
C GLU A 26 6.46 4.82 1.93
N LEU A 27 6.03 4.04 0.96
CA LEU A 27 6.37 2.62 0.90
C LEU A 27 7.84 2.42 0.57
N GLU A 28 8.39 3.33 -0.22
CA GLU A 28 9.83 3.33 -0.50
C GLU A 28 10.64 3.52 0.78
N GLU A 29 10.24 4.51 1.58
CA GLU A 29 10.93 4.80 2.83
C GLU A 29 10.72 3.68 3.85
N PHE A 30 9.54 3.08 3.82
CA PHE A 30 9.22 1.99 4.74
C PHE A 30 10.06 0.76 4.44
N THR A 31 10.11 0.36 3.17
CA THR A 31 10.78 -0.87 2.78
C THR A 31 12.25 -0.64 2.50
N GLN A 32 12.61 0.61 2.25
CA GLN A 32 13.96 0.95 1.80
C GLN A 32 14.36 0.11 0.60
N ALA A 33 13.54 0.14 -0.45
CA ALA A 33 13.74 -0.72 -1.60
C ALA A 33 13.44 0.02 -2.90
N LYS A 34 13.80 -0.59 -4.02
CA LYS A 34 13.61 0.04 -5.33
C LYS A 34 12.15 0.44 -5.54
N ARG A 35 11.93 1.71 -5.85
CA ARG A 35 10.59 2.24 -6.03
C ARG A 35 9.88 1.53 -7.18
N GLU A 36 10.61 1.25 -8.25
CA GLU A 36 10.04 0.60 -9.42
C GLU A 36 9.53 -0.79 -9.08
N VAL A 37 10.31 -1.53 -8.29
CA VAL A 37 9.93 -2.87 -7.88
C VAL A 37 8.70 -2.83 -6.98
N LEU A 38 8.64 -1.85 -6.09
CA LEU A 38 7.48 -1.65 -5.23
C LEU A 38 6.21 -1.41 -6.04
N LEU A 39 6.34 -0.62 -7.10
CA LEU A 39 5.21 -0.32 -7.97
C LEU A 39 4.73 -1.57 -8.69
N VAL A 40 5.67 -2.40 -9.13
CA VAL A 40 5.34 -3.67 -9.77
C VAL A 40 4.58 -4.58 -8.81
N THR A 41 5.02 -4.63 -7.57
CA THR A 41 4.34 -5.41 -6.53
C THR A 41 2.92 -4.88 -6.31
N LEU A 42 2.77 -3.57 -6.27
CA LEU A 42 1.47 -2.95 -6.10
C LEU A 42 0.54 -3.27 -7.27
N THR A 43 1.10 -3.28 -8.46
CA THR A 43 0.34 -3.60 -9.67
C THR A 43 -0.11 -5.05 -9.67
N ARG A 44 0.79 -5.96 -9.31
CA ARG A 44 0.50 -7.38 -9.29
C ARG A 44 -0.52 -7.72 -8.21
N LEU A 45 -0.47 -6.99 -7.10
CA LEU A 45 -1.47 -7.12 -6.05
C LEU A 45 -2.80 -6.50 -6.48
N HIS A 46 -2.72 -5.44 -7.27
CA HIS A 46 -3.91 -4.80 -7.81
C HIS A 46 -4.66 -5.73 -8.75
N GLN A 47 -3.92 -6.52 -9.51
CA GLN A 47 -4.52 -7.47 -10.44
C GLN A 47 -5.39 -8.49 -9.72
N ARG A 48 -5.02 -8.79 -8.48
CA ARG A 48 -5.74 -9.76 -7.68
C ARG A 48 -6.78 -9.08 -6.79
N GLY A 49 -6.88 -7.76 -6.91
CA GLY A 49 -7.89 -6.99 -6.18
C GLY A 49 -7.50 -6.86 -4.71
N VAL A 50 -6.20 -6.87 -4.44
CA VAL A 50 -5.70 -6.78 -3.06
C VAL A 50 -5.49 -5.33 -2.64
N ILE A 51 -4.73 -4.60 -3.46
CA ILE A 51 -4.50 -3.18 -3.19
C ILE A 51 -5.03 -2.32 -4.34
N TYR A 52 -5.72 -1.24 -3.98
CA TYR A 52 -6.22 -0.29 -4.97
C TYR A 52 -5.61 1.09 -4.78
N ARG A 53 -5.77 1.94 -5.78
CA ARG A 53 -5.13 3.26 -5.77
C ARG A 53 -6.17 4.37 -5.85
N LYS A 54 -5.84 5.52 -5.27
CA LYS A 54 -6.74 6.66 -5.27
C LYS A 54 -5.98 7.97 -5.34
N TRP A 55 -6.68 9.04 -5.72
CA TRP A 55 -6.05 10.35 -5.87
C TRP A 55 -6.70 11.38 -4.95
N ARG A 56 -5.87 12.11 -4.21
CA ARG A 56 -6.36 13.12 -3.29
C ARG A 56 -5.52 14.40 -3.39
N HIS A 57 -6.17 15.54 -3.22
CA HIS A 57 -5.49 16.83 -3.31
C HIS A 57 -5.08 17.33 -1.92
N PHE A 58 -3.78 17.52 -1.72
CA PHE A 58 -3.27 18.06 -0.47
C PHE A 58 -2.55 19.38 -0.70
N SER A 59 -3.06 20.45 -0.09
CA SER A 59 -2.55 21.79 -0.33
C SER A 59 -2.68 22.18 -1.80
N GLY A 60 -3.67 21.60 -2.47
CA GLY A 60 -3.93 21.93 -3.87
C GLY A 60 -3.07 21.11 -4.81
N ARG A 61 -2.33 20.16 -4.24
CA ARG A 61 -1.44 19.31 -5.02
C ARG A 61 -1.94 17.87 -5.06
N LYS A 62 -1.99 17.30 -6.25
CA LYS A 62 -2.53 15.96 -6.44
C LYS A 62 -1.51 14.89 -6.05
N TYR A 63 -1.89 14.03 -5.12
CA TYR A 63 -1.04 12.90 -4.73
C TYR A 63 -1.79 11.58 -4.88
N ARG A 64 -1.05 10.51 -5.17
CA ARG A 64 -1.63 9.19 -5.34
C ARG A 64 -1.32 8.30 -4.14
N GLU A 65 -2.35 7.66 -3.61
CA GLU A 65 -2.21 6.81 -2.43
C GLU A 65 -2.67 5.38 -2.72
N TYR A 66 -2.05 4.42 -2.04
CA TYR A 66 -2.45 3.03 -2.15
C TYR A 66 -3.06 2.52 -0.85
N CYS A 67 -4.10 1.70 -0.96
CA CYS A 67 -4.81 1.20 0.21
C CYS A 67 -5.28 -0.24 0.00
N LEU A 68 -5.15 -1.05 1.04
CA LEU A 68 -5.57 -2.44 0.97
C LEU A 68 -7.09 -2.56 0.99
N LYS A 69 -7.64 -3.28 0.01
CA LYS A 69 -9.09 -3.49 -0.07
C LYS A 69 -9.57 -4.42 1.03
N HIS A 70 -10.31 -3.86 1.99
CA HIS A 70 -10.82 -4.63 3.11
C HIS A 70 -11.88 -3.86 3.89
N ARG A 71 -12.92 -4.55 4.31
CA ARG A 71 -14.02 -3.92 5.05
C ARG A 71 -13.50 -3.16 6.25
N ASP A 72 -13.93 -1.92 6.39
CA ASP A 72 -13.47 -1.05 7.47
C ASP A 72 -13.91 -1.59 8.83
N GLU A 73 -15.10 -2.16 8.86
CA GLU A 73 -15.64 -2.75 10.09
C GLU A 73 -14.82 -3.96 10.53
N LEU A 74 -14.41 -4.77 9.56
CA LEU A 74 -13.56 -5.92 9.83
C LEU A 74 -12.15 -5.48 10.19
N ALA A 75 -11.70 -4.37 9.61
CA ALA A 75 -10.41 -3.80 9.94
C ALA A 75 -10.36 -3.33 11.39
N ASP A 76 -11.47 -2.78 11.86
CA ASP A 76 -11.58 -2.34 13.24
C ASP A 76 -11.61 -3.52 14.20
N LEU A 77 -12.23 -4.61 13.77
CA LEU A 77 -12.31 -5.82 14.58
C LEU A 77 -10.96 -6.52 14.66
N GLU A 78 -10.25 -6.53 13.53
CA GLU A 78 -8.95 -7.20 13.46
C GLU A 78 -7.86 -6.36 14.12
N HIS A 79 -7.93 -5.05 13.91
CA HIS A 79 -6.90 -4.14 14.40
C HIS A 79 -7.44 -3.23 15.49
N LYS A 3 12.16 -6.20 8.48
CA LYS A 3 11.34 -5.99 7.30
C LYS A 3 11.89 -6.75 6.10
N ALA A 4 13.21 -6.77 5.96
CA ALA A 4 13.86 -7.42 4.84
C ALA A 4 13.62 -8.92 4.87
N LYS A 5 13.33 -9.45 6.05
CA LYS A 5 13.01 -10.86 6.20
C LYS A 5 11.68 -11.20 5.51
N LEU A 6 10.79 -10.22 5.43
CA LEU A 6 9.53 -10.39 4.75
C LEU A 6 9.65 -10.07 3.26
N SER A 7 8.77 -10.66 2.46
CA SER A 7 8.69 -10.33 1.04
C SER A 7 8.06 -8.96 0.83
N LEU A 8 8.23 -8.41 -0.36
CA LEU A 8 7.65 -7.12 -0.70
C LEU A 8 6.13 -7.18 -0.68
N THR A 9 5.57 -8.30 -1.13
CA THR A 9 4.14 -8.53 -1.05
C THR A 9 3.66 -8.53 0.40
N GLN A 10 4.40 -9.22 1.26
CA GLN A 10 4.06 -9.29 2.68
C GLN A 10 4.18 -7.92 3.34
N LEU A 11 5.24 -7.19 2.97
CA LEU A 11 5.47 -5.86 3.54
C LEU A 11 4.34 -4.91 3.18
N ILE A 12 3.92 -4.94 1.93
CA ILE A 12 2.86 -4.05 1.45
C ILE A 12 1.53 -4.37 2.14
N LEU A 13 1.16 -5.65 2.12
CA LEU A 13 -0.11 -6.08 2.68
C LEU A 13 -0.16 -5.84 4.18
N ILE A 14 0.88 -6.26 4.88
CA ILE A 14 0.93 -6.16 6.33
C ILE A 14 0.91 -4.70 6.78
N ARG A 15 1.64 -3.86 6.06
CA ARG A 15 1.66 -2.42 6.35
C ARG A 15 0.30 -1.79 6.11
N LEU A 16 -0.38 -2.24 5.06
CA LEU A 16 -1.67 -1.68 4.68
C LEU A 16 -2.81 -2.38 5.41
N SER A 17 -2.47 -3.42 6.16
CA SER A 17 -3.42 -4.05 7.07
C SER A 17 -3.27 -3.51 8.48
N ASN A 18 -2.10 -2.93 8.77
CA ASN A 18 -1.84 -2.35 10.08
C ASN A 18 -2.13 -0.85 10.09
N ARG A 19 -2.39 -0.30 8.90
CA ARG A 19 -2.73 1.11 8.78
C ARG A 19 -3.99 1.30 7.94
N GLY A 20 -4.14 0.47 6.92
CA GLY A 20 -5.31 0.53 6.05
C GLY A 20 -4.95 1.13 4.69
N CYS A 21 -4.25 2.25 4.72
CA CYS A 21 -3.85 2.93 3.48
C CYS A 21 -2.61 3.79 3.70
N GLN A 22 -1.65 3.68 2.79
CA GLN A 22 -0.45 4.51 2.83
C GLN A 22 -0.18 5.18 1.50
N THR A 23 0.77 6.10 1.49
CA THR A 23 1.21 6.74 0.25
C THR A 23 2.25 5.89 -0.47
N LEU A 24 2.42 6.13 -1.75
CA LEU A 24 3.46 5.45 -2.53
C LEU A 24 4.85 5.71 -1.96
N GLU A 25 5.10 6.96 -1.57
CA GLU A 25 6.39 7.35 -1.02
C GLU A 25 6.61 6.73 0.35
N GLU A 26 5.53 6.61 1.12
CA GLU A 26 5.60 5.97 2.44
C GLU A 26 5.91 4.49 2.32
N LEU A 27 5.27 3.83 1.36
CA LEU A 27 5.54 2.42 1.09
C LEU A 27 6.92 2.23 0.49
N GLU A 28 7.38 3.20 -0.28
CA GLU A 28 8.73 3.19 -0.83
C GLU A 28 9.76 3.20 0.29
N GLU A 29 9.58 4.11 1.24
CA GLU A 29 10.52 4.26 2.36
C GLU A 29 10.40 3.08 3.32
N PHE A 30 9.18 2.58 3.48
CA PHE A 30 8.93 1.44 4.36
C PHE A 30 9.68 0.20 3.89
N THR A 31 9.50 -0.14 2.62
CA THR A 31 10.09 -1.35 2.06
C THR A 31 11.52 -1.10 1.61
N GLN A 32 11.84 0.15 1.27
CA GLN A 32 13.10 0.48 0.65
C GLN A 32 13.33 -0.34 -0.62
N ALA A 33 12.24 -0.70 -1.28
CA ALA A 33 12.32 -1.44 -2.53
C ALA A 33 12.47 -0.50 -3.72
N LYS A 34 12.98 -1.03 -4.82
CA LYS A 34 13.09 -0.26 -6.06
C LYS A 34 11.75 0.27 -6.51
N ARG A 35 11.74 1.50 -7.02
CA ARG A 35 10.51 2.13 -7.47
C ARG A 35 9.81 1.28 -8.53
N GLU A 36 10.60 0.77 -9.48
CA GLU A 36 10.08 -0.13 -10.51
C GLU A 36 9.44 -1.36 -9.89
N VAL A 37 10.20 -2.06 -9.06
CA VAL A 37 9.73 -3.32 -8.49
C VAL A 37 8.52 -3.10 -7.60
N LEU A 38 8.52 -1.99 -6.86
CA LEU A 38 7.41 -1.66 -5.98
C LEU A 38 6.12 -1.47 -6.77
N LEU A 39 6.20 -0.71 -7.85
CA LEU A 39 5.03 -0.41 -8.67
C LEU A 39 4.51 -1.65 -9.36
N VAL A 40 5.42 -2.53 -9.76
CA VAL A 40 5.05 -3.79 -10.40
C VAL A 40 4.30 -4.70 -9.44
N THR A 41 4.82 -4.81 -8.21
CA THR A 41 4.18 -5.63 -7.19
C THR A 41 2.84 -5.06 -6.79
N LEU A 42 2.77 -3.73 -6.67
CA LEU A 42 1.52 -3.05 -6.34
C LEU A 42 0.49 -3.23 -7.45
N THR A 43 0.97 -3.21 -8.69
CA THR A 43 0.11 -3.45 -9.84
C THR A 43 -0.41 -4.88 -9.87
N ARG A 44 0.46 -5.82 -9.53
CA ARG A 44 0.08 -7.22 -9.48
C ARG A 44 -0.93 -7.48 -8.36
N LEU A 45 -0.77 -6.79 -7.25
CA LEU A 45 -1.71 -6.89 -6.13
C LEU A 45 -3.00 -6.14 -6.44
N HIS A 46 -2.92 -5.19 -7.38
CA HIS A 46 -4.10 -4.52 -7.89
C HIS A 46 -4.91 -5.45 -8.80
N GLN A 47 -4.20 -6.20 -9.63
CA GLN A 47 -4.85 -7.18 -10.51
C GLN A 47 -5.38 -8.36 -9.72
N ARG A 48 -4.70 -8.69 -8.63
CA ARG A 48 -5.14 -9.78 -7.76
C ARG A 48 -6.37 -9.39 -6.95
N GLY A 49 -6.56 -8.09 -6.76
CA GLY A 49 -7.71 -7.59 -6.02
C GLY A 49 -7.43 -7.53 -4.53
N VAL A 50 -6.15 -7.34 -4.18
CA VAL A 50 -5.74 -7.25 -2.79
C VAL A 50 -5.42 -5.81 -2.40
N ILE A 51 -4.56 -5.17 -3.19
CA ILE A 51 -4.17 -3.79 -2.93
C ILE A 51 -4.64 -2.87 -4.04
N TYR A 52 -5.47 -1.88 -3.68
CA TYR A 52 -6.04 -0.96 -4.65
C TYR A 52 -5.41 0.42 -4.56
N ARG A 53 -5.62 1.24 -5.58
CA ARG A 53 -4.95 2.52 -5.68
C ARG A 53 -5.94 3.67 -5.83
N LYS A 54 -5.54 4.85 -5.40
CA LYS A 54 -6.37 6.04 -5.54
C LYS A 54 -5.52 7.31 -5.53
N TRP A 55 -6.08 8.40 -6.06
CA TRP A 55 -5.39 9.68 -6.10
C TRP A 55 -6.09 10.71 -5.22
N ARG A 56 -5.39 11.19 -4.20
CA ARG A 56 -5.88 12.29 -3.38
C ARG A 56 -5.36 13.62 -3.87
N HIS A 57 -6.22 14.64 -3.85
CA HIS A 57 -5.86 15.97 -4.34
C HIS A 57 -5.99 17.02 -3.25
N PHE A 58 -4.91 17.71 -2.97
CA PHE A 58 -4.89 18.74 -1.92
C PHE A 58 -3.90 19.84 -2.24
N SER A 59 -4.37 21.08 -2.25
CA SER A 59 -3.53 22.23 -2.53
C SER A 59 -2.94 22.16 -3.94
N GLY A 60 -3.64 21.46 -4.83
CA GLY A 60 -3.22 21.33 -6.21
C GLY A 60 -2.16 20.25 -6.37
N ARG A 61 -1.88 19.54 -5.29
CA ARG A 61 -0.86 18.49 -5.29
C ARG A 61 -1.50 17.11 -5.43
N LYS A 62 -0.81 16.23 -6.14
CA LYS A 62 -1.31 14.88 -6.36
C LYS A 62 -0.67 13.89 -5.39
N TYR A 63 -1.50 13.12 -4.69
CA TYR A 63 -1.02 12.14 -3.73
C TYR A 63 -1.46 10.73 -4.10
N ARG A 64 -0.55 9.96 -4.68
CA ARG A 64 -0.84 8.58 -5.04
C ARG A 64 -0.79 7.67 -3.81
N GLU A 65 -1.92 7.01 -3.53
CA GLU A 65 -2.05 6.21 -2.32
C GLU A 65 -2.50 4.80 -2.65
N TYR A 66 -2.10 3.85 -1.81
CA TYR A 66 -2.56 2.47 -1.93
C TYR A 66 -3.22 1.98 -0.65
N CYS A 67 -4.25 1.15 -0.81
CA CYS A 67 -5.08 0.76 0.33
C CYS A 67 -5.48 -0.72 0.23
N LEU A 68 -5.53 -1.38 1.37
CA LEU A 68 -5.93 -2.79 1.42
C LEU A 68 -7.44 -2.93 1.20
N LYS A 69 -7.81 -3.91 0.38
CA LYS A 69 -9.22 -4.18 0.12
C LYS A 69 -10.04 -4.15 1.40
N HIS A 70 -9.55 -4.84 2.43
CA HIS A 70 -10.27 -4.95 3.69
C HIS A 70 -10.71 -3.58 4.20
N ARG A 71 -11.98 -3.45 4.54
CA ARG A 71 -12.53 -2.18 4.98
C ARG A 71 -11.66 -1.55 6.05
N ASP A 72 -11.33 -0.27 5.86
CA ASP A 72 -10.46 0.44 6.80
C ASP A 72 -11.12 0.59 8.16
N GLU A 73 -12.44 0.77 8.15
CA GLU A 73 -13.20 0.83 9.39
C GLU A 73 -13.07 -0.47 10.19
N LEU A 74 -13.20 -1.60 9.49
CA LEU A 74 -13.06 -2.90 10.12
C LEU A 74 -11.62 -3.13 10.60
N ALA A 75 -10.67 -2.62 9.84
CA ALA A 75 -9.26 -2.69 10.22
C ALA A 75 -9.00 -1.94 11.53
N ASP A 76 -9.60 -0.75 11.64
CA ASP A 76 -9.44 0.06 12.85
C ASP A 76 -10.06 -0.63 14.05
N LEU A 77 -11.16 -1.34 13.83
CA LEU A 77 -11.79 -2.13 14.88
C LEU A 77 -10.91 -3.29 15.31
N GLU A 78 -10.17 -3.86 14.35
CA GLU A 78 -9.22 -4.92 14.64
C GLU A 78 -7.99 -4.38 15.34
N HIS A 79 -7.64 -3.13 15.03
CA HIS A 79 -6.47 -2.49 15.62
C HIS A 79 -6.68 -2.26 17.12
N LYS A 3 13.46 -6.76 8.45
CA LYS A 3 12.62 -6.48 7.29
C LYS A 3 13.09 -7.27 6.08
N ALA A 4 14.40 -7.44 5.96
CA ALA A 4 14.99 -8.13 4.81
C ALA A 4 14.56 -9.58 4.77
N LYS A 5 14.23 -10.14 5.93
CA LYS A 5 13.77 -11.52 6.01
C LYS A 5 12.39 -11.68 5.38
N LEU A 6 11.63 -10.58 5.33
CA LEU A 6 10.31 -10.60 4.74
C LEU A 6 10.34 -10.18 3.27
N SER A 7 9.35 -10.63 2.51
CA SER A 7 9.22 -10.23 1.11
C SER A 7 8.69 -8.81 1.00
N LEU A 8 8.75 -8.25 -0.21
CA LEU A 8 8.18 -6.94 -0.47
C LEU A 8 6.66 -6.96 -0.32
N THR A 9 6.05 -8.08 -0.68
CA THR A 9 4.61 -8.27 -0.47
C THR A 9 4.27 -8.24 1.02
N GLN A 10 5.02 -8.98 1.82
CA GLN A 10 4.78 -9.03 3.26
C GLN A 10 4.97 -7.66 3.90
N LEU A 11 6.07 -7.01 3.55
CA LEU A 11 6.41 -5.72 4.15
C LEU A 11 5.34 -4.67 3.87
N ILE A 12 4.91 -4.60 2.61
CA ILE A 12 3.89 -3.64 2.20
C ILE A 12 2.57 -3.89 2.93
N LEU A 13 2.14 -5.15 2.94
CA LEU A 13 0.84 -5.51 3.50
C LEU A 13 0.82 -5.32 5.02
N ILE A 14 1.96 -5.55 5.65
CA ILE A 14 2.11 -5.29 7.08
C ILE A 14 1.97 -3.82 7.40
N ARG A 15 2.63 -2.97 6.62
CA ARG A 15 2.58 -1.54 6.81
C ARG A 15 1.17 -1.00 6.58
N LEU A 16 0.49 -1.53 5.57
CA LEU A 16 -0.84 -1.08 5.21
C LEU A 16 -1.88 -1.60 6.19
N SER A 17 -1.62 -2.77 6.76
CA SER A 17 -2.49 -3.34 7.77
C SER A 17 -2.34 -2.63 9.11
N ASN A 18 -1.22 -1.95 9.28
CA ASN A 18 -0.95 -1.20 10.51
C ASN A 18 -1.57 0.19 10.44
N ARG A 19 -1.32 0.88 9.33
CA ARG A 19 -1.69 2.29 9.21
C ARG A 19 -2.88 2.48 8.28
N GLY A 20 -3.33 1.38 7.69
CA GLY A 20 -4.50 1.41 6.82
C GLY A 20 -4.12 1.81 5.39
N CYS A 21 -3.54 3.00 5.25
CA CYS A 21 -3.17 3.51 3.94
C CYS A 21 -1.88 4.33 4.02
N GLN A 22 -0.96 4.07 3.09
CA GLN A 22 0.30 4.80 3.04
C GLN A 22 0.60 5.26 1.62
N THR A 23 1.47 6.26 1.51
CA THR A 23 1.93 6.72 0.21
C THR A 23 3.07 5.84 -0.32
N LEU A 24 3.35 5.97 -1.61
CA LEU A 24 4.46 5.24 -2.23
C LEU A 24 5.78 5.64 -1.61
N GLU A 25 5.94 6.92 -1.30
CA GLU A 25 7.13 7.41 -0.62
C GLU A 25 7.27 6.81 0.76
N GLU A 26 6.17 6.77 1.50
CA GLU A 26 6.17 6.21 2.84
C GLU A 26 6.46 4.71 2.82
N LEU A 27 5.94 4.04 1.79
CA LEU A 27 6.21 2.62 1.60
C LEU A 27 7.67 2.37 1.25
N GLU A 28 8.26 3.29 0.50
CA GLU A 28 9.69 3.24 0.21
C GLU A 28 10.52 3.42 1.47
N GLU A 29 10.10 4.36 2.32
CA GLU A 29 10.80 4.63 3.57
C GLU A 29 10.71 3.44 4.52
N PHE A 30 9.61 2.70 4.43
CA PHE A 30 9.40 1.54 5.27
C PHE A 30 10.22 0.35 4.80
N THR A 31 10.01 -0.04 3.54
CA THR A 31 10.55 -1.29 3.03
C THR A 31 12.05 -1.19 2.77
N GLN A 32 12.52 0.04 2.57
CA GLN A 32 13.91 0.27 2.15
C GLN A 32 14.11 -0.14 0.70
N ALA A 33 13.01 -0.42 0.01
CA ALA A 33 13.07 -0.80 -1.40
C ALA A 33 12.68 0.36 -2.30
N LYS A 34 13.33 0.44 -3.46
CA LYS A 34 13.06 1.53 -4.41
C LYS A 34 11.60 1.58 -4.79
N ARG A 35 11.02 2.78 -4.77
CA ARG A 35 9.62 2.97 -5.11
C ARG A 35 9.30 2.37 -6.48
N GLU A 36 10.28 2.40 -7.38
CA GLU A 36 10.14 1.77 -8.69
C GLU A 36 9.90 0.28 -8.56
N VAL A 37 10.64 -0.35 -7.66
CA VAL A 37 10.50 -1.78 -7.41
C VAL A 37 9.18 -2.08 -6.70
N LEU A 38 8.82 -1.22 -5.76
CA LEU A 38 7.57 -1.38 -5.01
C LEU A 38 6.36 -1.27 -5.93
N LEU A 39 6.46 -0.43 -6.95
CA LEU A 39 5.39 -0.25 -7.92
C LEU A 39 4.98 -1.59 -8.53
N VAL A 40 5.97 -2.43 -8.82
CA VAL A 40 5.71 -3.73 -9.42
C VAL A 40 4.84 -4.60 -8.50
N THR A 41 5.25 -4.71 -7.25
CA THR A 41 4.51 -5.50 -6.27
C THR A 41 3.14 -4.90 -6.00
N LEU A 42 3.09 -3.58 -5.90
CA LEU A 42 1.84 -2.89 -5.60
C LEU A 42 0.81 -3.08 -6.72
N THR A 43 1.27 -2.98 -7.95
CA THR A 43 0.39 -3.15 -9.11
C THR A 43 -0.09 -4.60 -9.22
N ARG A 44 0.80 -5.54 -8.95
CA ARG A 44 0.46 -6.96 -9.00
C ARG A 44 -0.57 -7.31 -7.94
N LEU A 45 -0.41 -6.73 -6.75
CA LEU A 45 -1.37 -6.92 -5.67
C LEU A 45 -2.69 -6.21 -5.98
N HIS A 46 -2.60 -5.08 -6.66
CA HIS A 46 -3.77 -4.34 -7.07
C HIS A 46 -4.61 -5.14 -8.07
N GLN A 47 -3.93 -5.81 -8.98
CA GLN A 47 -4.59 -6.70 -9.92
C GLN A 47 -5.21 -7.91 -9.23
N ARG A 48 -4.53 -8.38 -8.18
CA ARG A 48 -5.04 -9.49 -7.39
C ARG A 48 -6.26 -9.08 -6.58
N GLY A 49 -6.33 -7.81 -6.22
CA GLY A 49 -7.43 -7.29 -5.42
C GLY A 49 -7.07 -7.22 -3.94
N VAL A 50 -5.77 -7.15 -3.66
CA VAL A 50 -5.29 -7.11 -2.29
C VAL A 50 -5.10 -5.68 -1.81
N ILE A 51 -4.51 -4.84 -2.67
CA ILE A 51 -4.30 -3.44 -2.35
C ILE A 51 -5.04 -2.52 -3.31
N TYR A 52 -5.80 -1.57 -2.75
CA TYR A 52 -6.51 -0.60 -3.56
C TYR A 52 -5.78 0.75 -3.57
N ARG A 53 -5.67 1.34 -4.75
CA ARG A 53 -4.96 2.59 -4.92
C ARG A 53 -5.87 3.68 -5.47
N LYS A 54 -5.58 4.93 -5.09
CA LYS A 54 -6.42 6.06 -5.51
C LYS A 54 -5.65 7.37 -5.42
N TRP A 55 -6.10 8.37 -6.14
CA TRP A 55 -5.48 9.69 -6.13
C TRP A 55 -6.18 10.62 -5.15
N ARG A 56 -5.40 11.21 -4.25
CA ARG A 56 -5.92 12.21 -3.33
C ARG A 56 -5.13 13.51 -3.41
N HIS A 57 -5.84 14.63 -3.53
CA HIS A 57 -5.21 15.94 -3.58
C HIS A 57 -4.92 16.45 -2.17
N PHE A 58 -3.63 16.59 -1.85
CA PHE A 58 -3.21 17.21 -0.60
C PHE A 58 -1.80 17.77 -0.70
N SER A 59 -1.51 18.77 0.12
CA SER A 59 -0.22 19.45 0.08
C SER A 59 -0.02 20.14 -1.27
N GLY A 60 -1.12 20.47 -1.94
CA GLY A 60 -1.07 21.26 -3.16
C GLY A 60 -0.94 20.37 -4.39
N ARG A 61 -0.83 19.07 -4.15
CA ARG A 61 -0.57 18.11 -5.24
C ARG A 61 -1.38 16.84 -5.05
N LYS A 62 -1.65 16.15 -6.15
CA LYS A 62 -2.31 14.86 -6.10
C LYS A 62 -1.32 13.72 -5.97
N TYR A 63 -1.53 12.85 -4.99
CA TYR A 63 -0.67 11.69 -4.79
C TYR A 63 -1.48 10.39 -4.85
N ARG A 64 -0.88 9.37 -5.43
CA ARG A 64 -1.51 8.06 -5.52
C ARG A 64 -1.26 7.23 -4.26
N GLU A 65 -2.23 7.19 -3.36
CA GLU A 65 -2.08 6.50 -2.09
C GLU A 65 -2.50 5.04 -2.21
N TYR A 66 -1.88 4.19 -1.41
CA TYR A 66 -2.20 2.77 -1.41
C TYR A 66 -2.79 2.32 -0.07
N CYS A 67 -3.88 1.58 -0.14
CA CYS A 67 -4.60 1.16 1.07
C CYS A 67 -5.00 -0.30 0.99
N LEU A 68 -4.84 -1.02 2.10
CA LEU A 68 -5.17 -2.43 2.15
C LEU A 68 -6.65 -2.65 1.88
N LYS A 69 -6.94 -3.39 0.82
CA LYS A 69 -8.31 -3.50 0.31
C LYS A 69 -9.11 -4.54 1.09
N HIS A 70 -10.24 -4.12 1.63
CA HIS A 70 -11.12 -5.02 2.36
C HIS A 70 -12.53 -5.02 1.79
N ARG A 71 -13.36 -5.95 2.25
CA ARG A 71 -14.78 -5.93 1.94
C ARG A 71 -15.49 -4.76 2.60
N ASP A 72 -16.50 -4.21 1.92
CA ASP A 72 -17.23 -3.06 2.44
C ASP A 72 -17.70 -3.31 3.87
N GLU A 73 -18.20 -4.52 4.13
CA GLU A 73 -18.66 -4.89 5.46
C GLU A 73 -17.50 -4.92 6.44
N LEU A 74 -16.37 -5.48 6.01
CA LEU A 74 -15.19 -5.58 6.85
C LEU A 74 -14.64 -4.20 7.19
N ALA A 75 -14.72 -3.29 6.23
CA ALA A 75 -14.27 -1.92 6.44
C ALA A 75 -15.15 -1.20 7.46
N ASP A 76 -16.45 -1.47 7.40
CA ASP A 76 -17.39 -0.91 8.37
C ASP A 76 -17.13 -1.46 9.76
N LEU A 77 -16.73 -2.73 9.84
CA LEU A 77 -16.39 -3.35 11.10
C LEU A 77 -15.12 -2.76 11.69
N GLU A 78 -14.16 -2.45 10.83
CA GLU A 78 -12.94 -1.78 11.25
C GLU A 78 -13.20 -0.34 11.66
N HIS A 79 -14.13 0.30 10.98
CA HIS A 79 -14.51 1.67 11.29
C HIS A 79 -15.12 1.78 12.68
N LYS A 3 12.60 -6.21 9.00
CA LYS A 3 11.62 -5.93 7.96
C LYS A 3 12.09 -6.43 6.60
N ALA A 4 13.40 -6.39 6.39
CA ALA A 4 13.99 -6.80 5.12
C ALA A 4 13.78 -8.29 4.87
N LYS A 5 13.58 -9.04 5.95
CA LYS A 5 13.30 -10.46 5.85
C LYS A 5 11.95 -10.71 5.18
N LEU A 6 11.05 -9.74 5.31
CA LEU A 6 9.74 -9.83 4.69
C LEU A 6 9.77 -9.29 3.26
N SER A 7 8.84 -9.75 2.44
CA SER A 7 8.75 -9.30 1.05
C SER A 7 8.19 -7.89 0.97
N LEU A 8 8.35 -7.26 -0.19
CA LEU A 8 7.81 -5.93 -0.42
C LEU A 8 6.30 -5.91 -0.28
N THR A 9 5.64 -6.91 -0.86
CA THR A 9 4.19 -7.04 -0.75
C THR A 9 3.76 -7.16 0.70
N GLN A 10 4.46 -8.01 1.46
CA GLN A 10 4.13 -8.23 2.86
C GLN A 10 4.28 -6.96 3.67
N LEU A 11 5.36 -6.23 3.44
CA LEU A 11 5.62 -4.98 4.16
C LEU A 11 4.56 -3.94 3.86
N ILE A 12 4.16 -3.86 2.59
CA ILE A 12 3.09 -2.95 2.19
C ILE A 12 1.79 -3.27 2.90
N LEU A 13 1.44 -4.55 2.96
CA LEU A 13 0.20 -4.99 3.59
C LEU A 13 0.22 -4.71 5.08
N ILE A 14 1.38 -4.88 5.70
CA ILE A 14 1.53 -4.64 7.13
C ILE A 14 1.31 -3.17 7.47
N ARG A 15 1.95 -2.29 6.71
CA ARG A 15 1.86 -0.86 6.95
C ARG A 15 0.45 -0.34 6.71
N LEU A 16 -0.19 -0.87 5.66
CA LEU A 16 -1.54 -0.44 5.29
C LEU A 16 -2.58 -1.05 6.21
N SER A 17 -2.20 -2.11 6.91
CA SER A 17 -3.07 -2.72 7.90
C SER A 17 -2.88 -2.10 9.27
N ASN A 18 -1.72 -1.46 9.48
CA ASN A 18 -1.42 -0.78 10.72
C ASN A 18 -1.96 0.65 10.71
N ARG A 19 -2.37 1.11 9.54
CA ARG A 19 -2.93 2.45 9.40
C ARG A 19 -4.18 2.43 8.52
N GLY A 20 -4.83 3.59 8.41
CA GLY A 20 -6.02 3.70 7.57
C GLY A 20 -5.64 3.83 6.10
N CYS A 21 -4.64 4.64 5.81
CA CYS A 21 -4.25 4.93 4.43
C CYS A 21 -2.88 5.59 4.37
N GLN A 22 -2.04 5.11 3.45
CA GLN A 22 -0.69 5.65 3.29
C GLN A 22 -0.39 5.98 1.84
N THR A 23 0.60 6.83 1.62
CA THR A 23 0.95 7.27 0.28
C THR A 23 2.08 6.42 -0.29
N LEU A 24 2.39 6.63 -1.57
CA LEU A 24 3.55 6.00 -2.19
C LEU A 24 4.83 6.35 -1.43
N GLU A 25 4.97 7.61 -1.05
CA GLU A 25 6.18 8.09 -0.40
C GLU A 25 6.30 7.53 1.01
N GLU A 26 5.17 7.45 1.71
CA GLU A 26 5.14 6.87 3.05
C GLU A 26 5.46 5.39 3.02
N LEU A 27 4.96 4.69 2.00
CA LEU A 27 5.25 3.27 1.82
C LEU A 27 6.69 3.06 1.37
N GLU A 28 7.23 4.04 0.66
CA GLU A 28 8.64 4.03 0.28
C GLU A 28 9.54 4.14 1.50
N GLU A 29 9.21 5.05 2.40
CA GLU A 29 10.01 5.29 3.59
C GLU A 29 9.89 4.13 4.59
N PHE A 30 8.82 3.34 4.43
CA PHE A 30 8.61 2.16 5.26
C PHE A 30 9.40 0.97 4.74
N THR A 31 9.13 0.59 3.49
CA THR A 31 9.65 -0.65 2.95
C THR A 31 11.13 -0.55 2.63
N GLN A 32 11.60 0.68 2.44
CA GLN A 32 12.97 0.92 2.01
C GLN A 32 13.17 0.50 0.56
N ALA A 33 12.07 0.21 -0.13
CA ALA A 33 12.12 -0.26 -1.51
C ALA A 33 12.24 0.90 -2.48
N LYS A 34 12.86 0.65 -3.63
CA LYS A 34 12.95 1.65 -4.68
C LYS A 34 11.57 2.04 -5.19
N ARG A 35 11.34 3.34 -5.34
CA ARG A 35 10.04 3.86 -5.75
C ARG A 35 9.57 3.19 -7.05
N GLU A 36 10.52 2.96 -7.95
CA GLU A 36 10.19 2.36 -9.25
C GLU A 36 9.44 1.05 -9.07
N VAL A 37 9.96 0.17 -8.23
CA VAL A 37 9.41 -1.16 -8.06
C VAL A 37 8.30 -1.18 -7.03
N LEU A 38 8.31 -0.17 -6.14
CA LEU A 38 7.24 -0.01 -5.16
C LEU A 38 5.91 0.29 -5.83
N LEU A 39 5.92 1.24 -6.75
CA LEU A 39 4.70 1.64 -7.44
C LEU A 39 4.17 0.50 -8.31
N VAL A 40 5.06 -0.28 -8.88
CA VAL A 40 4.69 -1.43 -9.68
C VAL A 40 3.96 -2.47 -8.84
N THR A 41 4.50 -2.74 -7.66
CA THR A 41 3.88 -3.70 -6.74
C THR A 41 2.51 -3.22 -6.29
N LEU A 42 2.41 -1.92 -6.01
CA LEU A 42 1.14 -1.32 -5.60
C LEU A 42 0.11 -1.38 -6.72
N THR A 43 0.57 -1.18 -7.95
CA THR A 43 -0.29 -1.29 -9.11
C THR A 43 -0.79 -2.72 -9.30
N ARG A 44 0.10 -3.68 -9.08
CA ARG A 44 -0.27 -5.09 -9.19
C ARG A 44 -1.28 -5.48 -8.13
N LEU A 45 -1.11 -4.96 -6.93
CA LEU A 45 -2.07 -5.18 -5.85
C LEU A 45 -3.42 -4.55 -6.17
N HIS A 46 -3.39 -3.37 -6.79
CA HIS A 46 -4.61 -2.70 -7.20
C HIS A 46 -5.36 -3.51 -8.25
N GLN A 47 -4.63 -4.08 -9.20
CA GLN A 47 -5.23 -4.94 -10.21
C GLN A 47 -5.80 -6.21 -9.60
N ARG A 48 -5.18 -6.67 -8.52
CA ARG A 48 -5.66 -7.84 -7.79
C ARG A 48 -6.93 -7.51 -7.02
N GLY A 49 -7.10 -6.24 -6.67
CA GLY A 49 -8.24 -5.81 -5.87
C GLY A 49 -7.89 -5.74 -4.39
N VAL A 50 -6.59 -5.69 -4.10
CA VAL A 50 -6.11 -5.68 -2.72
C VAL A 50 -6.16 -4.26 -2.15
N ILE A 51 -5.65 -3.30 -2.90
CA ILE A 51 -5.66 -1.91 -2.49
C ILE A 51 -6.34 -1.03 -3.54
N TYR A 52 -6.77 0.15 -3.13
CA TYR A 52 -7.38 1.10 -4.05
C TYR A 52 -6.75 2.48 -3.91
N ARG A 53 -6.55 3.15 -5.05
CA ARG A 53 -5.90 4.46 -5.07
C ARG A 53 -6.93 5.58 -5.17
N LYS A 54 -6.80 6.56 -4.28
CA LYS A 54 -7.64 7.75 -4.33
C LYS A 54 -6.81 9.02 -4.42
N TRP A 55 -7.43 10.09 -4.92
CA TRP A 55 -6.73 11.34 -5.14
C TRP A 55 -7.24 12.44 -4.20
N ARG A 56 -6.34 13.05 -3.46
CA ARG A 56 -6.68 14.20 -2.62
C ARG A 56 -6.08 15.48 -3.18
N HIS A 57 -6.93 16.48 -3.39
CA HIS A 57 -6.51 17.75 -3.94
C HIS A 57 -6.12 18.73 -2.84
N PHE A 58 -4.94 19.34 -2.97
CA PHE A 58 -4.45 20.27 -1.97
C PHE A 58 -3.45 21.25 -2.58
N SER A 59 -3.71 22.54 -2.41
CA SER A 59 -2.85 23.58 -2.96
C SER A 59 -2.65 23.39 -4.46
N GLY A 60 -3.69 22.92 -5.13
CA GLY A 60 -3.66 22.79 -6.59
C GLY A 60 -2.79 21.61 -7.01
N ARG A 61 -2.63 20.65 -6.11
CA ARG A 61 -1.81 19.47 -6.38
C ARG A 61 -2.57 18.19 -6.06
N LYS A 62 -2.32 17.15 -6.85
CA LYS A 62 -3.04 15.89 -6.70
C LYS A 62 -2.19 14.85 -5.99
N TYR A 63 -2.55 14.54 -4.75
CA TYR A 63 -1.81 13.58 -3.94
C TYR A 63 -2.44 12.19 -4.02
N ARG A 64 -1.60 11.17 -4.16
CA ARG A 64 -2.08 9.81 -4.33
C ARG A 64 -2.02 9.04 -3.03
N GLU A 65 -3.17 8.50 -2.62
CA GLU A 65 -3.26 7.78 -1.35
C GLU A 65 -3.80 6.37 -1.56
N TYR A 66 -3.16 5.39 -0.92
CA TYR A 66 -3.52 3.99 -1.09
C TYR A 66 -4.23 3.44 0.13
N CYS A 67 -5.37 2.79 -0.09
CA CYS A 67 -6.13 2.18 0.99
C CYS A 67 -6.19 0.66 0.84
N LEU A 68 -6.17 -0.04 1.96
CA LEU A 68 -6.16 -1.50 1.96
C LEU A 68 -7.53 -2.06 2.31
N LYS A 69 -8.04 -2.93 1.45
CA LYS A 69 -9.34 -3.57 1.67
C LYS A 69 -9.18 -5.04 1.97
N HIS A 70 -7.94 -5.52 1.98
CA HIS A 70 -7.66 -6.91 2.30
C HIS A 70 -8.16 -7.26 3.69
N ARG A 71 -8.93 -8.34 3.79
CA ARG A 71 -9.45 -8.81 5.07
C ARG A 71 -8.44 -9.69 5.80
N ASP A 72 -7.89 -9.18 6.89
CA ASP A 72 -6.93 -9.94 7.68
C ASP A 72 -7.60 -11.10 8.41
N GLU A 73 -8.83 -10.87 8.85
CA GLU A 73 -9.61 -11.93 9.49
C GLU A 73 -9.87 -13.09 8.53
N LEU A 74 -10.32 -12.77 7.33
CA LEU A 74 -10.58 -13.78 6.31
C LEU A 74 -9.31 -14.54 5.95
N ALA A 75 -8.21 -13.80 5.83
CA ALA A 75 -6.91 -14.40 5.54
C ALA A 75 -6.54 -15.43 6.60
N ASP A 76 -6.74 -15.07 7.86
CA ASP A 76 -6.43 -15.97 8.97
C ASP A 76 -7.35 -17.18 8.97
N LEU A 77 -8.60 -16.98 8.57
CA LEU A 77 -9.56 -18.07 8.44
C LEU A 77 -9.16 -19.02 7.33
N GLU A 78 -8.59 -18.48 6.26
CA GLU A 78 -8.09 -19.30 5.15
C GLU A 78 -6.82 -20.03 5.54
N HIS A 79 -6.02 -19.43 6.42
CA HIS A 79 -4.80 -20.05 6.89
C HIS A 79 -5.09 -21.25 7.78
N LYS A 3 13.21 -6.30 9.23
CA LYS A 3 12.47 -6.07 8.00
C LYS A 3 13.05 -6.88 6.85
N ALA A 4 14.34 -7.19 6.94
CA ALA A 4 15.03 -7.92 5.88
C ALA A 4 14.49 -9.33 5.73
N LYS A 5 14.03 -9.90 6.84
CA LYS A 5 13.46 -11.23 6.84
C LYS A 5 12.13 -11.27 6.08
N LEU A 6 11.42 -10.14 6.09
CA LEU A 6 10.15 -10.04 5.40
C LEU A 6 10.34 -9.62 3.95
N SER A 7 9.45 -10.08 3.08
CA SER A 7 9.45 -9.65 1.69
C SER A 7 8.85 -8.25 1.54
N LEU A 8 8.98 -7.68 0.36
CA LEU A 8 8.37 -6.39 0.05
C LEU A 8 6.86 -6.45 0.20
N THR A 9 6.26 -7.51 -0.34
CA THR A 9 4.81 -7.72 -0.22
C THR A 9 4.39 -7.82 1.24
N GLN A 10 5.14 -8.60 2.01
CA GLN A 10 4.83 -8.80 3.42
C GLN A 10 4.97 -7.50 4.20
N LEU A 11 6.06 -6.77 3.94
CA LEU A 11 6.30 -5.50 4.60
C LEU A 11 5.16 -4.51 4.34
N ILE A 12 4.74 -4.44 3.07
CA ILE A 12 3.68 -3.52 2.68
C ILE A 12 2.37 -3.86 3.39
N LEU A 13 1.98 -5.12 3.32
CA LEU A 13 0.66 -5.54 3.80
C LEU A 13 0.61 -5.54 5.32
N ILE A 14 1.72 -5.88 5.96
CA ILE A 14 1.81 -5.87 7.41
C ILE A 14 1.75 -4.44 7.94
N ARG A 15 2.41 -3.52 7.25
CA ARG A 15 2.36 -2.11 7.60
C ARG A 15 0.95 -1.55 7.42
N LEU A 16 0.31 -1.93 6.32
CA LEU A 16 -1.03 -1.45 6.02
C LEU A 16 -2.06 -2.02 6.99
N SER A 17 -1.80 -3.25 7.45
CA SER A 17 -2.70 -3.90 8.39
C SER A 17 -2.58 -3.31 9.79
N ASN A 18 -1.46 -2.63 10.05
CA ASN A 18 -1.23 -2.02 11.34
C ASN A 18 -1.99 -0.71 11.48
N ARG A 19 -1.87 0.16 10.48
CA ARG A 19 -2.42 1.51 10.55
C ARG A 19 -3.58 1.68 9.58
N GLY A 20 -3.92 0.60 8.87
CA GLY A 20 -5.12 0.58 8.05
C GLY A 20 -4.83 1.11 6.64
N CYS A 21 -4.22 2.28 6.58
CA CYS A 21 -3.88 2.90 5.30
C CYS A 21 -2.62 3.75 5.42
N GLN A 22 -1.78 3.69 4.39
CA GLN A 22 -0.52 4.44 4.38
C GLN A 22 -0.25 5.02 3.00
N THR A 23 0.44 6.15 2.97
CA THR A 23 0.78 6.81 1.72
C THR A 23 1.95 6.14 1.03
N LEU A 24 2.13 6.43 -0.25
CA LEU A 24 3.26 5.91 -1.00
C LEU A 24 4.59 6.30 -0.37
N GLU A 25 4.65 7.54 0.13
CA GLU A 25 5.86 8.04 0.78
C GLU A 25 6.13 7.28 2.07
N GLU A 26 5.09 7.08 2.88
CA GLU A 26 5.20 6.33 4.12
C GLU A 26 5.65 4.90 3.86
N LEU A 27 5.08 4.29 2.82
CA LEU A 27 5.41 2.91 2.47
C LEU A 27 6.83 2.81 1.93
N GLU A 28 7.25 3.85 1.21
CA GLU A 28 8.63 3.93 0.73
C GLU A 28 9.61 3.94 1.89
N GLU A 29 9.32 4.76 2.91
CA GLU A 29 10.20 4.89 4.06
C GLU A 29 10.24 3.61 4.88
N PHE A 30 9.08 2.97 5.00
CA PHE A 30 8.97 1.75 5.80
C PHE A 30 9.80 0.62 5.20
N THR A 31 9.58 0.35 3.92
CA THR A 31 10.22 -0.78 3.25
C THR A 31 11.65 -0.45 2.86
N GLN A 32 11.90 0.83 2.55
CA GLN A 32 13.16 1.23 1.95
C GLN A 32 13.46 0.43 0.68
N ALA A 33 12.40 0.01 0.00
CA ALA A 33 12.55 -0.78 -1.22
C ALA A 33 12.90 0.10 -2.41
N LYS A 34 13.54 -0.50 -3.41
CA LYS A 34 13.84 0.20 -4.65
C LYS A 34 12.57 0.69 -5.34
N ARG A 35 12.57 1.95 -5.77
CA ARG A 35 11.38 2.56 -6.33
C ARG A 35 10.91 1.82 -7.57
N GLU A 36 11.85 1.21 -8.29
CA GLU A 36 11.53 0.44 -9.48
C GLU A 36 10.50 -0.64 -9.19
N VAL A 37 10.67 -1.31 -8.05
CA VAL A 37 9.86 -2.49 -7.73
C VAL A 37 8.82 -2.16 -6.67
N LEU A 38 9.03 -1.07 -5.95
CA LEU A 38 8.12 -0.66 -4.89
C LEU A 38 6.73 -0.36 -5.45
N LEU A 39 6.66 0.57 -6.38
CA LEU A 39 5.38 0.98 -6.96
C LEU A 39 4.74 -0.16 -7.74
N VAL A 40 5.58 -0.98 -8.38
CA VAL A 40 5.10 -2.10 -9.17
C VAL A 40 4.38 -3.12 -8.30
N THR A 41 4.98 -3.45 -7.17
CA THR A 41 4.37 -4.38 -6.22
C THR A 41 3.07 -3.82 -5.66
N LEU A 42 3.07 -2.52 -5.36
CA LEU A 42 1.87 -1.85 -4.87
C LEU A 42 0.76 -1.87 -5.92
N THR A 43 1.14 -1.67 -7.17
CA THR A 43 0.18 -1.75 -8.28
C THR A 43 -0.37 -3.17 -8.43
N ARG A 44 0.50 -4.15 -8.27
CA ARG A 44 0.11 -5.55 -8.37
C ARG A 44 -0.85 -5.94 -7.25
N LEU A 45 -0.63 -5.39 -6.07
CA LEU A 45 -1.51 -5.63 -4.94
C LEU A 45 -2.86 -4.96 -5.13
N HIS A 46 -2.86 -3.85 -5.85
CA HIS A 46 -4.10 -3.16 -6.21
C HIS A 46 -4.86 -3.95 -7.28
N GLN A 47 -4.15 -4.40 -8.30
CA GLN A 47 -4.77 -5.09 -9.43
C GLN A 47 -5.34 -6.43 -9.01
N ARG A 48 -4.65 -7.09 -8.09
CA ARG A 48 -5.06 -8.41 -7.62
C ARG A 48 -6.19 -8.33 -6.61
N GLY A 49 -6.46 -7.11 -6.15
CA GLY A 49 -7.59 -6.87 -5.26
C GLY A 49 -7.22 -7.13 -3.81
N VAL A 50 -5.96 -6.89 -3.48
CA VAL A 50 -5.49 -7.02 -2.10
C VAL A 50 -5.59 -5.69 -1.36
N ILE A 51 -5.15 -4.62 -2.02
CA ILE A 51 -5.24 -3.28 -1.46
C ILE A 51 -5.98 -2.34 -2.39
N TYR A 52 -6.40 -1.20 -1.86
CA TYR A 52 -7.09 -0.18 -2.65
C TYR A 52 -6.24 1.07 -2.82
N ARG A 53 -5.85 1.36 -4.06
CA ARG A 53 -5.17 2.59 -4.39
C ARG A 53 -6.14 3.77 -4.45
N LYS A 54 -5.79 4.86 -3.78
CA LYS A 54 -6.60 6.07 -3.81
C LYS A 54 -5.74 7.31 -4.02
N TRP A 55 -6.16 8.17 -4.95
CA TRP A 55 -5.44 9.40 -5.22
C TRP A 55 -5.82 10.49 -4.22
N ARG A 56 -4.80 11.08 -3.58
CA ARG A 56 -5.02 12.16 -2.62
C ARG A 56 -4.44 13.47 -3.13
N HIS A 57 -5.03 14.58 -2.70
CA HIS A 57 -4.61 15.90 -3.15
C HIS A 57 -3.98 16.69 -2.00
N PHE A 58 -2.66 16.81 -2.02
CA PHE A 58 -1.94 17.58 -1.02
C PHE A 58 -1.36 18.87 -1.62
N SER A 59 -1.91 20.00 -1.21
CA SER A 59 -1.50 21.29 -1.76
C SER A 59 -1.76 21.36 -3.26
N GLY A 60 -2.73 20.59 -3.73
CA GLY A 60 -3.11 20.60 -5.14
C GLY A 60 -2.34 19.55 -5.92
N ARG A 61 -1.38 18.90 -5.26
CA ARG A 61 -0.55 17.90 -5.91
C ARG A 61 -1.07 16.50 -5.66
N LYS A 62 -0.93 15.63 -6.65
CA LYS A 62 -1.47 14.27 -6.58
C LYS A 62 -0.45 13.32 -5.96
N TYR A 63 -0.88 12.63 -4.90
CA TYR A 63 -0.05 11.60 -4.27
C TYR A 63 -0.83 10.31 -4.08
N ARG A 64 -0.14 9.18 -4.23
CA ARG A 64 -0.76 7.87 -4.07
C ARG A 64 -0.92 7.51 -2.60
N GLU A 65 -2.11 7.05 -2.22
CA GLU A 65 -2.34 6.50 -0.89
C GLU A 65 -2.99 5.14 -0.97
N TYR A 66 -2.43 4.18 -0.24
CA TYR A 66 -2.86 2.79 -0.34
C TYR A 66 -3.53 2.32 0.95
N CYS A 67 -4.76 1.87 0.85
CA CYS A 67 -5.52 1.44 2.01
C CYS A 67 -5.82 -0.06 1.96
N LEU A 68 -5.51 -0.76 3.04
CA LEU A 68 -5.81 -2.18 3.14
C LEU A 68 -7.13 -2.43 3.88
N LYS A 69 -7.38 -1.62 4.90
CA LYS A 69 -8.61 -1.72 5.68
C LYS A 69 -9.82 -1.73 4.77
N HIS A 70 -9.78 -0.94 3.70
CA HIS A 70 -10.88 -0.87 2.75
C HIS A 70 -11.16 -2.24 2.13
N ARG A 71 -10.09 -2.93 1.73
CA ARG A 71 -10.21 -4.21 1.04
C ARG A 71 -10.31 -5.35 2.04
N ASP A 72 -10.11 -5.04 3.31
CA ASP A 72 -10.41 -5.99 4.38
C ASP A 72 -11.90 -6.06 4.65
N GLU A 73 -12.56 -4.90 4.61
CA GLU A 73 -14.01 -4.84 4.76
C GLU A 73 -14.71 -5.36 3.52
N LEU A 74 -14.17 -5.03 2.35
CA LEU A 74 -14.72 -5.51 1.09
C LEU A 74 -14.53 -7.00 0.95
N ALA A 75 -13.42 -7.52 1.47
CA ALA A 75 -13.17 -8.96 1.49
C ALA A 75 -14.23 -9.69 2.31
N ASP A 76 -14.60 -9.10 3.45
CA ASP A 76 -15.66 -9.66 4.28
C ASP A 76 -16.99 -9.69 3.55
N LEU A 77 -17.22 -8.67 2.71
CA LEU A 77 -18.42 -8.61 1.90
C LEU A 77 -18.37 -9.60 0.74
N GLU A 78 -17.16 -9.85 0.25
CA GLU A 78 -16.95 -10.86 -0.78
C GLU A 78 -17.16 -12.27 -0.23
N HIS A 79 -16.87 -12.44 1.05
CA HIS A 79 -17.04 -13.73 1.71
C HIS A 79 -18.52 -14.00 2.02
N LYS A 3 11.70 -5.93 8.37
CA LYS A 3 10.99 -5.54 7.17
C LYS A 3 11.59 -6.19 5.93
N ALA A 4 12.89 -6.48 6.00
CA ALA A 4 13.59 -7.09 4.88
C ALA A 4 13.22 -8.56 4.73
N LYS A 5 12.81 -9.17 5.83
CA LYS A 5 12.36 -10.57 5.81
C LYS A 5 11.04 -10.71 5.06
N LEU A 6 10.23 -9.67 5.10
CA LEU A 6 8.97 -9.64 4.35
C LEU A 6 9.21 -9.27 2.90
N SER A 7 8.34 -9.75 2.02
CA SER A 7 8.31 -9.31 0.63
C SER A 7 7.75 -7.90 0.52
N LEU A 8 7.78 -7.36 -0.69
CA LEU A 8 7.17 -6.06 -0.96
C LEU A 8 5.66 -6.11 -0.77
N THR A 9 5.07 -7.25 -1.08
CA THR A 9 3.62 -7.42 -0.95
C THR A 9 3.23 -7.72 0.49
N GLN A 10 4.08 -8.48 1.18
CA GLN A 10 3.84 -8.81 2.58
C GLN A 10 4.04 -7.59 3.47
N LEU A 11 5.12 -6.85 3.22
CA LEU A 11 5.45 -5.68 4.03
C LEU A 11 4.39 -4.59 3.88
N ILE A 12 4.00 -4.31 2.64
CA ILE A 12 2.97 -3.31 2.37
C ILE A 12 1.63 -3.73 2.97
N LEU A 13 1.27 -4.99 2.78
CA LEU A 13 -0.01 -5.51 3.27
C LEU A 13 -0.11 -5.38 4.79
N ILE A 14 0.94 -5.83 5.48
CA ILE A 14 0.92 -5.86 6.94
C ILE A 14 0.95 -4.44 7.52
N ARG A 15 1.84 -3.61 6.99
CA ARG A 15 2.01 -2.25 7.50
C ARG A 15 0.82 -1.38 7.15
N LEU A 16 0.25 -1.60 5.98
CA LEU A 16 -0.95 -0.89 5.56
C LEU A 16 -2.16 -1.31 6.39
N SER A 17 -2.25 -2.60 6.68
CA SER A 17 -3.35 -3.13 7.48
C SER A 17 -3.37 -2.53 8.87
N ASN A 18 -2.19 -2.37 9.46
CA ASN A 18 -2.06 -1.81 10.79
C ASN A 18 -2.58 -0.37 10.85
N ARG A 19 -2.30 0.39 9.80
CA ARG A 19 -2.71 1.79 9.74
C ARG A 19 -4.05 1.94 9.04
N GLY A 20 -4.44 0.91 8.29
CA GLY A 20 -5.66 0.97 7.50
C GLY A 20 -5.41 1.62 6.14
N CYS A 21 -5.06 2.91 6.16
CA CYS A 21 -4.78 3.64 4.94
C CYS A 21 -3.46 4.41 5.06
N GLN A 22 -2.69 4.40 3.99
CA GLN A 22 -1.41 5.11 3.96
C GLN A 22 -1.13 5.70 2.58
N THR A 23 -0.41 6.82 2.56
CA THR A 23 -0.11 7.51 1.31
C THR A 23 1.12 6.91 0.64
N LEU A 24 1.35 7.32 -0.62
CA LEU A 24 2.45 6.77 -1.41
C LEU A 24 3.77 6.92 -0.67
N GLU A 25 4.02 8.11 -0.15
CA GLU A 25 5.28 8.40 0.55
C GLU A 25 5.41 7.55 1.80
N GLU A 26 4.30 7.39 2.53
CA GLU A 26 4.30 6.60 3.75
C GLU A 26 4.58 5.13 3.47
N LEU A 27 4.10 4.66 2.32
CA LEU A 27 4.38 3.30 1.88
C LEU A 27 5.82 3.17 1.38
N GLU A 28 6.34 4.25 0.83
CA GLU A 28 7.75 4.30 0.43
C GLU A 28 8.67 4.22 1.65
N GLU A 29 8.23 4.83 2.74
CA GLU A 29 8.98 4.78 3.99
C GLU A 29 9.02 3.36 4.56
N PHE A 30 7.94 2.61 4.33
CA PHE A 30 7.87 1.23 4.79
C PHE A 30 8.88 0.35 4.08
N THR A 31 8.89 0.43 2.75
CA THR A 31 9.69 -0.47 1.94
C THR A 31 11.11 0.06 1.75
N GLN A 32 11.25 1.39 1.78
CA GLN A 32 12.49 2.04 1.38
C GLN A 32 12.91 1.61 -0.02
N ALA A 33 11.93 1.25 -0.84
CA ALA A 33 12.19 0.84 -2.22
C ALA A 33 12.05 2.02 -3.18
N LYS A 34 12.62 1.88 -4.37
CA LYS A 34 12.44 2.87 -5.42
C LYS A 34 10.96 3.13 -5.68
N ARG A 35 10.61 4.41 -5.75
CA ARG A 35 9.20 4.81 -5.90
C ARG A 35 8.55 4.10 -7.08
N GLU A 36 9.27 4.02 -8.19
CA GLU A 36 8.81 3.31 -9.36
C GLU A 36 8.45 1.86 -9.03
N VAL A 37 9.39 1.18 -8.37
CA VAL A 37 9.18 -0.21 -7.97
C VAL A 37 8.01 -0.34 -7.02
N LEU A 38 7.89 0.60 -6.09
CA LEU A 38 6.77 0.64 -5.17
C LEU A 38 5.44 0.72 -5.92
N LEU A 39 5.39 1.59 -6.92
CA LEU A 39 4.17 1.80 -7.69
C LEU A 39 3.79 0.56 -8.47
N VAL A 40 4.80 -0.16 -8.96
CA VAL A 40 4.58 -1.42 -9.67
C VAL A 40 3.93 -2.46 -8.76
N THR A 41 4.45 -2.59 -7.55
CA THR A 41 3.90 -3.51 -6.57
C THR A 41 2.49 -3.11 -6.16
N LEU A 42 2.29 -1.82 -5.91
CA LEU A 42 0.99 -1.31 -5.49
C LEU A 42 -0.04 -1.43 -6.60
N THR A 43 0.42 -1.27 -7.85
CA THR A 43 -0.45 -1.45 -9.01
C THR A 43 -0.94 -2.88 -9.11
N ARG A 44 -0.03 -3.83 -8.93
CA ARG A 44 -0.38 -5.25 -8.99
C ARG A 44 -1.32 -5.63 -7.85
N LEU A 45 -1.09 -5.05 -6.68
CA LEU A 45 -1.97 -5.25 -5.54
C LEU A 45 -3.36 -4.71 -5.81
N HIS A 46 -3.42 -3.54 -6.45
CA HIS A 46 -4.70 -2.93 -6.81
C HIS A 46 -5.44 -3.79 -7.84
N GLN A 47 -4.70 -4.30 -8.83
CA GLN A 47 -5.28 -5.15 -9.86
C GLN A 47 -5.78 -6.46 -9.25
N ARG A 48 -5.10 -6.93 -8.21
CA ARG A 48 -5.52 -8.13 -7.50
C ARG A 48 -6.74 -7.89 -6.64
N GLY A 49 -7.01 -6.62 -6.35
CA GLY A 49 -8.18 -6.24 -5.58
C GLY A 49 -7.88 -6.20 -4.08
N VAL A 50 -6.62 -5.99 -3.75
CA VAL A 50 -6.20 -5.94 -2.35
C VAL A 50 -6.30 -4.52 -1.79
N ILE A 51 -5.82 -3.56 -2.57
CA ILE A 51 -5.82 -2.16 -2.14
C ILE A 51 -6.53 -1.27 -3.15
N TYR A 52 -6.93 -0.09 -2.70
CA TYR A 52 -7.63 0.86 -3.57
C TYR A 52 -6.90 2.19 -3.63
N ARG A 53 -6.79 2.73 -4.84
CA ARG A 53 -6.07 3.99 -5.05
C ARG A 53 -7.01 5.18 -4.90
N LYS A 54 -6.69 6.07 -3.97
CA LYS A 54 -7.34 7.37 -3.89
C LYS A 54 -6.37 8.49 -4.22
N TRP A 55 -6.91 9.68 -4.46
CA TRP A 55 -6.10 10.83 -4.84
C TRP A 55 -6.31 12.00 -3.87
N ARG A 56 -5.21 12.57 -3.40
CA ARG A 56 -5.25 13.83 -2.68
C ARG A 56 -4.84 14.99 -3.59
N HIS A 57 -5.36 16.17 -3.30
CA HIS A 57 -5.06 17.35 -4.11
C HIS A 57 -4.39 18.43 -3.26
N PHE A 58 -3.08 18.58 -3.44
CA PHE A 58 -2.33 19.60 -2.72
C PHE A 58 -1.92 20.74 -3.64
N SER A 59 -2.59 21.87 -3.50
CA SER A 59 -2.32 23.03 -4.34
C SER A 59 -2.49 22.69 -5.81
N GLY A 60 -3.44 21.81 -6.11
CA GLY A 60 -3.76 21.46 -7.49
C GLY A 60 -2.93 20.28 -7.97
N ARG A 61 -2.01 19.83 -7.12
CA ARG A 61 -1.13 18.71 -7.46
C ARG A 61 -1.73 17.39 -7.01
N LYS A 62 -1.59 16.37 -7.85
CA LYS A 62 -2.16 15.06 -7.57
C LYS A 62 -1.19 14.19 -6.79
N TYR A 63 -1.66 13.67 -5.65
CA TYR A 63 -0.83 12.86 -4.78
C TYR A 63 -1.49 11.53 -4.45
N ARG A 64 -0.74 10.43 -4.63
CA ARG A 64 -1.31 9.10 -4.55
C ARG A 64 -1.51 8.67 -3.10
N GLU A 65 -2.67 8.10 -2.81
CA GLU A 65 -2.90 7.43 -1.54
C GLU A 65 -3.49 6.04 -1.75
N TYR A 66 -3.09 5.09 -0.90
CA TYR A 66 -3.53 3.72 -1.05
C TYR A 66 -4.13 3.20 0.26
N CYS A 67 -5.38 2.72 0.17
CA CYS A 67 -6.06 2.19 1.35
C CYS A 67 -6.38 0.71 1.17
N LEU A 68 -6.30 -0.04 2.27
CA LEU A 68 -6.55 -1.47 2.23
C LEU A 68 -8.02 -1.78 2.03
N LYS A 69 -8.32 -2.56 0.99
CA LYS A 69 -9.70 -2.96 0.70
C LYS A 69 -9.95 -4.39 1.16
N HIS A 70 -8.95 -5.25 0.99
CA HIS A 70 -9.07 -6.64 1.40
C HIS A 70 -9.49 -6.76 2.86
N ARG A 71 -10.48 -7.61 3.12
CA ARG A 71 -11.01 -7.77 4.46
C ARG A 71 -9.90 -7.88 5.49
N ASP A 72 -9.98 -7.07 6.54
CA ASP A 72 -8.95 -7.05 7.57
C ASP A 72 -8.84 -8.40 8.26
N GLU A 73 -9.99 -9.04 8.49
CA GLU A 73 -10.02 -10.38 9.07
C GLU A 73 -9.23 -11.37 8.22
N LEU A 74 -9.49 -11.35 6.91
CA LEU A 74 -8.83 -12.26 5.99
C LEU A 74 -7.34 -11.95 5.87
N ALA A 75 -7.01 -10.66 5.94
CA ALA A 75 -5.61 -10.24 5.93
C ALA A 75 -4.84 -10.81 7.11
N ASP A 76 -5.44 -10.73 8.29
CA ASP A 76 -4.82 -11.26 9.50
C ASP A 76 -4.67 -12.76 9.43
N LEU A 77 -5.64 -13.43 8.82
CA LEU A 77 -5.58 -14.86 8.61
C LEU A 77 -4.47 -15.24 7.63
N GLU A 78 -4.26 -14.39 6.63
CA GLU A 78 -3.20 -14.60 5.66
C GLU A 78 -1.83 -14.30 6.26
N HIS A 79 -1.79 -13.38 7.22
CA HIS A 79 -0.56 -13.03 7.91
C HIS A 79 -0.03 -14.20 8.72
N LYS A 3 11.66 -8.96 7.65
CA LYS A 3 10.82 -8.48 6.57
C LYS A 3 11.30 -9.03 5.22
N ALA A 4 12.61 -9.18 5.08
CA ALA A 4 13.19 -9.60 3.81
C ALA A 4 12.75 -11.00 3.44
N LYS A 5 12.39 -11.80 4.45
CA LYS A 5 11.91 -13.16 4.22
C LYS A 5 10.55 -13.15 3.53
N LEU A 6 9.81 -12.07 3.71
CA LEU A 6 8.48 -11.95 3.11
C LEU A 6 8.55 -11.28 1.76
N SER A 7 7.54 -11.53 0.92
CA SER A 7 7.44 -10.87 -0.38
C SER A 7 7.08 -9.40 -0.22
N LEU A 8 7.46 -8.59 -1.19
CA LEU A 8 7.09 -7.18 -1.21
C LEU A 8 5.58 -7.00 -1.29
N THR A 9 4.91 -7.98 -1.88
CA THR A 9 3.45 -7.97 -1.96
C THR A 9 2.82 -8.34 -0.63
N GLN A 10 3.57 -9.07 0.19
CA GLN A 10 3.14 -9.39 1.54
C GLN A 10 3.47 -8.27 2.51
N LEU A 11 4.62 -7.62 2.30
CA LEU A 11 5.07 -6.54 3.17
C LEU A 11 4.17 -5.32 3.04
N ILE A 12 3.80 -4.98 1.81
CA ILE A 12 2.89 -3.87 1.56
C ILE A 12 1.52 -4.14 2.15
N LEU A 13 1.02 -5.36 1.95
CA LEU A 13 -0.25 -5.77 2.55
C LEU A 13 -0.24 -5.59 4.06
N ILE A 14 0.83 -6.06 4.69
CA ILE A 14 0.98 -5.94 6.15
C ILE A 14 1.01 -4.48 6.58
N ARG A 15 1.74 -3.67 5.83
CA ARG A 15 1.85 -2.24 6.13
C ARG A 15 0.51 -1.54 5.99
N LEU A 16 -0.27 -1.97 5.01
CA LEU A 16 -1.55 -1.33 4.72
C LEU A 16 -2.66 -1.91 5.60
N SER A 17 -2.40 -3.08 6.17
CA SER A 17 -3.31 -3.67 7.14
C SER A 17 -3.10 -3.06 8.53
N ASN A 18 -1.97 -2.40 8.72
CA ASN A 18 -1.68 -1.73 9.97
C ASN A 18 -2.05 -0.25 9.90
N ARG A 19 -1.69 0.40 8.80
CA ARG A 19 -1.94 1.82 8.63
C ARG A 19 -3.30 2.06 7.97
N GLY A 20 -3.63 1.22 6.99
CA GLY A 20 -4.87 1.38 6.24
C GLY A 20 -4.60 1.91 4.84
N CYS A 21 -3.67 2.85 4.74
CA CYS A 21 -3.36 3.47 3.45
C CYS A 21 -2.04 4.23 3.52
N GLN A 22 -1.13 3.93 2.59
CA GLN A 22 0.19 4.54 2.57
C GLN A 22 0.54 5.03 1.17
N THR A 23 1.53 5.92 1.10
CA THR A 23 2.09 6.33 -0.19
C THR A 23 3.21 5.41 -0.63
N LEU A 24 3.66 5.58 -1.87
CA LEU A 24 4.81 4.85 -2.38
C LEU A 24 6.04 5.09 -1.51
N GLU A 25 6.21 6.34 -1.09
CA GLU A 25 7.37 6.71 -0.28
C GLU A 25 7.29 6.12 1.12
N GLU A 26 6.09 6.10 1.68
CA GLU A 26 5.87 5.49 2.99
C GLU A 26 6.05 3.99 2.94
N LEU A 27 5.68 3.38 1.81
CA LEU A 27 5.92 1.97 1.58
C LEU A 27 7.39 1.70 1.28
N GLU A 28 8.05 2.69 0.68
CA GLU A 28 9.49 2.62 0.44
C GLU A 28 10.26 2.57 1.75
N GLU A 29 9.79 3.33 2.74
CA GLU A 29 10.41 3.33 4.06
C GLU A 29 10.27 1.98 4.74
N PHE A 30 9.10 1.36 4.59
CA PHE A 30 8.82 0.08 5.23
C PHE A 30 9.64 -1.04 4.60
N THR A 31 9.64 -1.08 3.26
CA THR A 31 10.26 -2.19 2.54
C THR A 31 11.73 -1.90 2.25
N GLN A 32 12.07 -0.62 2.16
CA GLN A 32 13.38 -0.21 1.66
C GLN A 32 13.65 -0.81 0.28
N ALA A 33 12.61 -0.93 -0.53
CA ALA A 33 12.74 -1.44 -1.89
C ALA A 33 12.73 -0.33 -2.91
N LYS A 34 13.14 -0.65 -4.13
CA LYS A 34 13.14 0.32 -5.23
C LYS A 34 11.72 0.74 -5.57
N ARG A 35 11.55 2.03 -5.88
CA ARG A 35 10.24 2.57 -6.23
C ARG A 35 9.66 1.84 -7.43
N GLU A 36 10.48 1.63 -8.45
CA GLU A 36 10.06 0.89 -9.63
C GLU A 36 9.51 -0.49 -9.26
N VAL A 37 10.26 -1.22 -8.45
CA VAL A 37 9.88 -2.56 -8.05
C VAL A 37 8.60 -2.54 -7.22
N LEU A 38 8.49 -1.56 -6.33
CA LEU A 38 7.31 -1.43 -5.48
C LEU A 38 6.06 -1.13 -6.30
N LEU A 39 6.23 -0.33 -7.35
CA LEU A 39 5.13 -0.01 -8.25
C LEU A 39 4.64 -1.25 -8.98
N VAL A 40 5.57 -2.15 -9.31
CA VAL A 40 5.23 -3.43 -9.91
C VAL A 40 4.43 -4.29 -8.95
N THR A 41 4.86 -4.34 -7.69
CA THR A 41 4.19 -5.14 -6.69
C THR A 41 2.89 -4.51 -6.23
N LEU A 42 2.80 -3.19 -6.38
CA LEU A 42 1.54 -2.48 -6.14
C LEU A 42 0.54 -2.77 -7.26
N THR A 43 1.03 -2.87 -8.49
CA THR A 43 0.20 -3.31 -9.60
C THR A 43 -0.26 -4.75 -9.40
N ARG A 44 0.61 -5.59 -8.87
CA ARG A 44 0.25 -6.96 -8.54
C ARG A 44 -0.87 -7.01 -7.52
N LEU A 45 -0.73 -6.24 -6.46
CA LEU A 45 -1.72 -6.22 -5.39
C LEU A 45 -3.00 -5.53 -5.85
N HIS A 46 -2.88 -4.69 -6.86
CA HIS A 46 -4.05 -4.04 -7.47
C HIS A 46 -4.86 -5.02 -8.30
N GLN A 47 -4.17 -5.80 -9.12
CA GLN A 47 -4.82 -6.80 -9.97
C GLN A 47 -5.30 -7.98 -9.14
N ARG A 48 -4.65 -8.23 -8.02
CA ARG A 48 -5.05 -9.30 -7.10
C ARG A 48 -6.34 -8.94 -6.39
N GLY A 49 -6.64 -7.65 -6.31
CA GLY A 49 -7.80 -7.16 -5.58
C GLY A 49 -7.49 -6.98 -4.10
N VAL A 50 -6.22 -6.77 -3.79
CA VAL A 50 -5.79 -6.60 -2.41
C VAL A 50 -5.80 -5.13 -2.00
N ILE A 51 -5.32 -4.28 -2.89
CA ILE A 51 -5.25 -2.84 -2.62
C ILE A 51 -5.96 -2.04 -3.71
N TYR A 52 -6.15 -0.75 -3.46
CA TYR A 52 -6.76 0.14 -4.44
C TYR A 52 -6.15 1.53 -4.38
N ARG A 53 -5.90 2.11 -5.54
CA ARG A 53 -5.28 3.43 -5.62
C ARG A 53 -6.33 4.53 -5.64
N LYS A 54 -6.16 5.53 -4.78
CA LYS A 54 -7.05 6.69 -4.74
C LYS A 54 -6.27 7.98 -4.94
N TRP A 55 -6.96 9.01 -5.42
CA TRP A 55 -6.34 10.30 -5.67
C TRP A 55 -6.81 11.35 -4.68
N ARG A 56 -5.94 11.69 -3.73
CA ARG A 56 -6.22 12.76 -2.78
C ARG A 56 -6.00 14.13 -3.42
N HIS A 57 -6.91 15.06 -3.14
CA HIS A 57 -6.87 16.38 -3.75
C HIS A 57 -6.63 17.47 -2.70
N PHE A 58 -5.57 18.24 -2.89
CA PHE A 58 -5.25 19.34 -1.98
C PHE A 58 -4.46 20.43 -2.70
N SER A 59 -4.97 21.65 -2.62
CA SER A 59 -4.32 22.79 -3.27
C SER A 59 -4.26 22.62 -4.78
N GLY A 60 -5.20 21.82 -5.31
CA GLY A 60 -5.28 21.61 -6.75
C GLY A 60 -4.29 20.53 -7.20
N ARG A 61 -3.60 19.94 -6.24
CA ARG A 61 -2.60 18.91 -6.54
C ARG A 61 -3.16 17.52 -6.30
N LYS A 62 -2.73 16.57 -7.13
CA LYS A 62 -3.18 15.19 -6.99
C LYS A 62 -2.15 14.34 -6.27
N TYR A 63 -2.60 13.58 -5.28
CA TYR A 63 -1.71 12.74 -4.48
C TYR A 63 -2.15 11.28 -4.53
N ARG A 64 -1.39 10.47 -5.26
CA ARG A 64 -1.69 9.04 -5.37
C ARG A 64 -1.41 8.32 -4.06
N GLU A 65 -2.41 7.65 -3.53
CA GLU A 65 -2.25 6.85 -2.32
C GLU A 65 -2.79 5.44 -2.52
N TYR A 66 -2.19 4.49 -1.81
CA TYR A 66 -2.58 3.09 -1.94
C TYR A 66 -3.18 2.56 -0.64
N CYS A 67 -4.46 2.25 -0.68
CA CYS A 67 -5.18 1.78 0.51
C CYS A 67 -5.48 0.28 0.41
N LEU A 68 -5.71 -0.34 1.56
CA LEU A 68 -6.10 -1.74 1.59
C LEU A 68 -7.58 -1.92 1.26
N LYS A 69 -7.87 -2.83 0.35
CA LYS A 69 -9.25 -3.09 -0.07
C LYS A 69 -10.05 -3.71 1.06
N HIS A 70 -9.43 -4.62 1.80
CA HIS A 70 -10.05 -5.22 2.97
C HIS A 70 -10.57 -4.15 3.93
N ARG A 71 -11.80 -4.36 4.41
CA ARG A 71 -12.43 -3.38 5.29
C ARG A 71 -11.46 -2.85 6.32
N ASP A 72 -11.32 -1.52 6.36
CA ASP A 72 -10.38 -0.88 7.27
C ASP A 72 -10.72 -1.18 8.73
N GLU A 73 -12.01 -1.23 9.02
CA GLU A 73 -12.47 -1.59 10.37
C GLU A 73 -11.96 -2.95 10.78
N LEU A 74 -12.11 -3.93 9.90
CA LEU A 74 -11.68 -5.30 10.18
C LEU A 74 -10.16 -5.38 10.26
N ALA A 75 -9.48 -4.58 9.44
CA ALA A 75 -8.03 -4.51 9.46
C ALA A 75 -7.52 -3.95 10.78
N ASP A 76 -8.24 -2.97 11.31
CA ASP A 76 -7.89 -2.38 12.60
C ASP A 76 -8.17 -3.36 13.74
N LEU A 77 -9.23 -4.14 13.60
CA LEU A 77 -9.57 -5.15 14.60
C LEU A 77 -8.53 -6.27 14.63
N GLU A 78 -8.00 -6.60 13.46
CA GLU A 78 -6.93 -7.59 13.36
C GLU A 78 -5.60 -7.00 13.82
N HIS A 79 -5.40 -5.72 13.54
CA HIS A 79 -4.20 -5.02 13.99
C HIS A 79 -4.08 -5.05 15.51
N LYS A 3 9.90 -13.95 8.50
CA LYS A 3 9.96 -13.79 7.06
C LYS A 3 8.97 -12.73 6.57
N ALA A 4 7.95 -12.48 7.38
CA ALA A 4 6.95 -11.46 7.06
C ALA A 4 7.55 -10.07 7.03
N LYS A 5 8.53 -9.84 7.91
CA LYS A 5 9.21 -8.55 7.98
C LYS A 5 10.31 -8.47 6.93
N LEU A 6 10.81 -9.61 6.50
CA LEU A 6 11.82 -9.67 5.45
C LEU A 6 11.22 -9.39 4.08
N SER A 7 10.01 -9.89 3.87
CA SER A 7 9.26 -9.60 2.65
C SER A 7 8.73 -8.17 2.65
N LEU A 8 9.01 -7.43 1.59
CA LEU A 8 8.47 -6.09 1.43
C LEU A 8 6.96 -6.11 1.25
N THR A 9 6.48 -7.14 0.56
CA THR A 9 5.04 -7.32 0.37
C THR A 9 4.33 -7.52 1.69
N GLN A 10 4.87 -8.40 2.53
CA GLN A 10 4.27 -8.71 3.82
C GLN A 10 4.51 -7.60 4.83
N LEU A 11 5.67 -6.96 4.72
CA LEU A 11 6.05 -5.89 5.64
C LEU A 11 5.12 -4.70 5.50
N ILE A 12 4.75 -4.38 4.27
CA ILE A 12 3.76 -3.34 4.00
C ILE A 12 2.42 -3.70 4.64
N LEU A 13 2.04 -4.96 4.56
CA LEU A 13 0.78 -5.43 5.14
C LEU A 13 0.82 -5.34 6.67
N ILE A 14 2.00 -5.57 7.24
CA ILE A 14 2.19 -5.44 8.68
C ILE A 14 1.93 -4.01 9.13
N ARG A 15 2.47 -3.04 8.39
CA ARG A 15 2.29 -1.64 8.72
C ARG A 15 0.84 -1.21 8.50
N LEU A 16 0.23 -1.73 7.45
CA LEU A 16 -1.16 -1.40 7.12
C LEU A 16 -2.13 -2.15 8.02
N SER A 17 -1.66 -3.26 8.58
CA SER A 17 -2.45 -4.02 9.55
C SER A 17 -2.56 -3.26 10.87
N ASN A 18 -1.44 -2.77 11.38
CA ASN A 18 -1.41 -2.09 12.66
C ASN A 18 -1.97 -0.68 12.56
N ARG A 19 -1.65 0.00 11.46
CA ARG A 19 -1.96 1.41 11.32
C ARG A 19 -3.21 1.61 10.47
N GLY A 20 -3.57 0.58 9.71
CA GLY A 20 -4.81 0.60 8.93
C GLY A 20 -4.58 1.15 7.54
N CYS A 21 -4.06 2.37 7.46
CA CYS A 21 -3.81 3.03 6.18
C CYS A 21 -2.67 4.02 6.28
N GLN A 22 -1.77 3.99 5.31
CA GLN A 22 -0.57 4.82 5.34
C GLN A 22 -0.19 5.29 3.95
N THR A 23 0.51 6.42 3.87
CA THR A 23 0.92 7.00 2.60
C THR A 23 2.09 6.22 1.99
N LEU A 24 2.30 6.39 0.70
CA LEU A 24 3.42 5.75 0.00
C LEU A 24 4.74 6.15 0.62
N GLU A 25 4.87 7.43 0.98
CA GLU A 25 6.09 7.94 1.58
C GLU A 25 6.34 7.32 2.95
N GLU A 26 5.28 7.19 3.74
CA GLU A 26 5.38 6.55 5.04
C GLU A 26 5.77 5.08 4.91
N LEU A 27 5.13 4.39 3.97
CA LEU A 27 5.40 2.97 3.74
C LEU A 27 6.83 2.76 3.24
N GLU A 28 7.31 3.69 2.43
CA GLU A 28 8.69 3.64 1.95
C GLU A 28 9.67 3.78 3.09
N GLU A 29 9.39 4.69 4.02
CA GLU A 29 10.24 4.89 5.18
C GLU A 29 10.14 3.73 6.15
N PHE A 30 8.97 3.09 6.18
CA PHE A 30 8.76 1.93 7.04
C PHE A 30 9.54 0.72 6.53
N THR A 31 9.61 0.57 5.21
CA THR A 31 10.23 -0.59 4.60
C THR A 31 11.69 -0.32 4.25
N GLN A 32 12.04 0.96 4.15
CA GLN A 32 13.39 1.35 3.77
C GLN A 32 13.84 0.64 2.51
N ALA A 33 13.06 0.78 1.44
CA ALA A 33 13.33 0.07 0.19
C ALA A 33 13.03 0.94 -1.02
N LYS A 34 13.47 0.49 -2.19
CA LYS A 34 13.26 1.23 -3.42
C LYS A 34 11.78 1.42 -3.72
N ARG A 35 11.38 2.66 -3.98
CA ARG A 35 9.98 2.98 -4.22
C ARG A 35 9.41 2.15 -5.35
N GLU A 36 10.16 2.04 -6.44
CA GLU A 36 9.73 1.27 -7.59
C GLU A 36 9.40 -0.17 -7.20
N VAL A 37 10.31 -0.80 -6.46
CA VAL A 37 10.09 -2.16 -5.99
C VAL A 37 8.86 -2.25 -5.10
N LEU A 38 8.69 -1.26 -4.24
CA LEU A 38 7.54 -1.22 -3.33
C LEU A 38 6.24 -1.08 -4.10
N LEU A 39 6.28 -0.32 -5.19
CA LEU A 39 5.11 -0.14 -6.03
C LEU A 39 4.73 -1.43 -6.74
N VAL A 40 5.74 -2.24 -7.06
CA VAL A 40 5.51 -3.56 -7.65
C VAL A 40 4.78 -4.48 -6.67
N THR A 41 5.22 -4.46 -5.41
CA THR A 41 4.62 -5.28 -4.38
C THR A 41 3.24 -4.76 -3.99
N LEU A 42 3.05 -3.45 -4.09
CA LEU A 42 1.75 -2.84 -3.86
C LEU A 42 0.77 -3.19 -4.97
N THR A 43 1.27 -3.26 -6.20
CA THR A 43 0.47 -3.71 -7.33
C THR A 43 0.08 -5.17 -7.18
N ARG A 44 1.01 -5.98 -6.69
CA ARG A 44 0.74 -7.40 -6.45
C ARG A 44 -0.33 -7.57 -5.39
N LEU A 45 -0.35 -6.68 -4.41
CA LEU A 45 -1.39 -6.69 -3.39
C LEU A 45 -2.74 -6.28 -3.96
N HIS A 46 -2.71 -5.36 -4.92
CA HIS A 46 -3.92 -4.98 -5.66
C HIS A 46 -4.47 -6.16 -6.44
N GLN A 47 -3.59 -6.93 -7.06
CA GLN A 47 -4.00 -8.06 -7.89
C GLN A 47 -4.72 -9.11 -7.05
N ARG A 48 -4.29 -9.27 -5.80
CA ARG A 48 -4.92 -10.22 -4.89
C ARG A 48 -6.14 -9.60 -4.21
N GLY A 49 -6.30 -8.29 -4.39
CA GLY A 49 -7.45 -7.59 -3.83
C GLY A 49 -7.32 -7.40 -2.32
N VAL A 50 -6.10 -7.07 -1.88
CA VAL A 50 -5.82 -6.94 -0.46
C VAL A 50 -5.89 -5.49 -0.01
N ILE A 51 -5.29 -4.60 -0.80
CA ILE A 51 -5.28 -3.17 -0.49
C ILE A 51 -5.84 -2.35 -1.63
N TYR A 52 -6.14 -1.09 -1.36
CA TYR A 52 -6.58 -0.15 -2.39
C TYR A 52 -5.95 1.22 -2.21
N ARG A 53 -5.84 1.96 -3.30
CA ARG A 53 -5.15 3.25 -3.29
C ARG A 53 -6.13 4.41 -3.44
N LYS A 54 -5.84 5.51 -2.77
CA LYS A 54 -6.60 6.75 -2.96
C LYS A 54 -5.70 7.97 -2.87
N TRP A 55 -6.13 9.06 -3.49
CA TRP A 55 -5.34 10.29 -3.51
C TRP A 55 -5.74 11.21 -2.36
N ARG A 56 -4.75 11.69 -1.62
CA ARG A 56 -4.97 12.65 -0.56
C ARG A 56 -4.32 13.99 -0.88
N HIS A 57 -5.13 15.02 -1.04
CA HIS A 57 -4.63 16.37 -1.29
C HIS A 57 -3.94 16.95 -0.07
N PHE A 58 -2.77 17.53 -0.28
CA PHE A 58 -1.99 18.10 0.82
C PHE A 58 -1.02 19.15 0.32
N SER A 59 -1.17 20.38 0.81
CA SER A 59 -0.25 21.46 0.48
C SER A 59 -0.17 21.67 -1.02
N GLY A 60 -1.30 21.49 -1.71
CA GLY A 60 -1.41 21.82 -3.12
C GLY A 60 -1.07 20.61 -3.99
N ARG A 61 -0.73 19.50 -3.36
CA ARG A 61 -0.32 18.30 -4.07
C ARG A 61 -1.01 17.06 -3.51
N LYS A 62 -1.49 16.21 -4.41
CA LYS A 62 -2.11 14.95 -4.01
C LYS A 62 -1.06 13.84 -3.89
N TYR A 63 -1.13 13.07 -2.81
CA TYR A 63 -0.17 12.00 -2.57
C TYR A 63 -0.87 10.65 -2.48
N ARG A 64 -0.17 9.59 -2.84
CA ARG A 64 -0.72 8.25 -2.84
C ARG A 64 -0.88 7.73 -1.41
N GLU A 65 -2.07 7.26 -1.08
CA GLU A 65 -2.33 6.64 0.21
C GLU A 65 -2.92 5.25 0.05
N TYR A 66 -2.34 4.27 0.74
CA TYR A 66 -2.75 2.88 0.61
C TYR A 66 -3.42 2.38 1.88
N CYS A 67 -4.59 1.75 1.72
CA CYS A 67 -5.36 1.28 2.87
C CYS A 67 -5.61 -0.22 2.76
N LEU A 68 -5.54 -0.91 3.90
CA LEU A 68 -5.77 -2.34 3.96
C LEU A 68 -7.26 -2.66 3.85
N LYS A 69 -7.73 -2.81 2.61
CA LYS A 69 -9.12 -3.15 2.36
C LYS A 69 -9.36 -3.52 0.90
N HIS A 70 -10.20 -4.52 0.67
CA HIS A 70 -10.53 -4.95 -0.67
C HIS A 70 -11.09 -3.80 -1.50
N ARG A 71 -10.47 -3.52 -2.64
CA ARG A 71 -10.88 -2.41 -3.49
C ARG A 71 -12.28 -2.63 -4.04
N ASP A 72 -13.13 -1.62 -3.90
CA ASP A 72 -14.50 -1.68 -4.41
C ASP A 72 -14.51 -1.76 -5.94
N GLU A 73 -13.56 -1.08 -6.57
CA GLU A 73 -13.42 -1.13 -8.02
C GLU A 73 -13.11 -2.55 -8.49
N LEU A 74 -12.23 -3.23 -7.76
CA LEU A 74 -11.87 -4.60 -8.07
C LEU A 74 -13.06 -5.54 -7.89
N ALA A 75 -13.87 -5.26 -6.86
CA ALA A 75 -15.09 -6.01 -6.63
C ALA A 75 -16.08 -5.83 -7.77
N ASP A 76 -16.18 -4.60 -8.27
CA ASP A 76 -17.06 -4.30 -9.39
C ASP A 76 -16.60 -5.01 -10.66
N LEU A 77 -15.28 -5.13 -10.81
CA LEU A 77 -14.70 -5.88 -11.94
C LEU A 77 -14.99 -7.36 -11.82
N GLU A 78 -15.02 -7.86 -10.59
CA GLU A 78 -15.38 -9.25 -10.33
C GLU A 78 -16.86 -9.48 -10.59
N HIS A 79 -17.67 -8.45 -10.40
CA HIS A 79 -19.10 -8.53 -10.65
C HIS A 79 -19.40 -8.53 -12.14
N LYS A 3 12.87 -7.44 10.19
CA LYS A 3 12.11 -6.60 9.28
C LYS A 3 12.58 -6.79 7.84
N ALA A 4 13.87 -6.99 7.66
CA ALA A 4 14.46 -7.19 6.35
C ALA A 4 14.17 -8.58 5.81
N LYS A 5 13.75 -9.47 6.71
CA LYS A 5 13.38 -10.83 6.31
C LYS A 5 12.08 -10.84 5.52
N LEU A 6 11.26 -9.81 5.73
CA LEU A 6 10.00 -9.68 5.00
C LEU A 6 10.23 -9.18 3.58
N SER A 7 9.44 -9.68 2.64
CA SER A 7 9.49 -9.22 1.26
C SER A 7 8.82 -7.86 1.11
N LEU A 8 8.98 -7.25 -0.06
CA LEU A 8 8.31 -5.99 -0.37
C LEU A 8 6.80 -6.15 -0.37
N THR A 9 6.35 -7.33 -0.79
CA THR A 9 4.92 -7.65 -0.75
C THR A 9 4.42 -7.78 0.69
N GLN A 10 5.17 -8.51 1.50
CA GLN A 10 4.79 -8.73 2.89
C GLN A 10 4.86 -7.43 3.69
N LEU A 11 5.88 -6.64 3.41
CA LEU A 11 6.07 -5.37 4.12
C LEU A 11 4.90 -4.43 3.87
N ILE A 12 4.49 -4.31 2.61
CA ILE A 12 3.39 -3.41 2.24
C ILE A 12 2.07 -3.88 2.85
N LEU A 13 1.81 -5.18 2.73
CA LEU A 13 0.54 -5.74 3.19
C LEU A 13 0.41 -5.66 4.69
N ILE A 14 1.51 -5.92 5.40
CA ILE A 14 1.53 -5.84 6.85
C ILE A 14 1.41 -4.40 7.33
N ARG A 15 2.09 -3.49 6.64
CA ARG A 15 2.03 -2.07 6.97
C ARG A 15 0.62 -1.53 6.78
N LEU A 16 -0.04 -1.94 5.70
CA LEU A 16 -1.40 -1.49 5.42
C LEU A 16 -2.41 -2.19 6.33
N SER A 17 -2.07 -3.39 6.77
CA SER A 17 -2.88 -4.10 7.74
C SER A 17 -2.86 -3.42 9.10
N ASN A 18 -1.68 -2.95 9.50
CA ASN A 18 -1.52 -2.32 10.80
C ASN A 18 -2.11 -0.92 10.82
N ARG A 19 -1.92 -0.18 9.74
CA ARG A 19 -2.24 1.24 9.72
C ARG A 19 -3.48 1.51 8.87
N GLY A 20 -3.94 0.49 8.15
CA GLY A 20 -5.13 0.61 7.33
C GLY A 20 -4.81 1.18 5.96
N CYS A 21 -4.28 2.40 5.95
CA CYS A 21 -3.92 3.07 4.71
C CYS A 21 -2.64 3.90 4.87
N GLN A 22 -1.75 3.79 3.89
CA GLN A 22 -0.52 4.58 3.90
C GLN A 22 -0.30 5.26 2.56
N THR A 23 0.45 6.36 2.58
CA THR A 23 0.78 7.08 1.35
C THR A 23 1.95 6.45 0.63
N LEU A 24 1.89 6.44 -0.70
CA LEU A 24 2.95 5.86 -1.51
C LEU A 24 4.33 6.22 -0.97
N GLU A 25 4.51 7.50 -0.64
CA GLU A 25 5.79 7.97 -0.13
C GLU A 25 6.11 7.36 1.22
N GLU A 26 5.07 7.14 2.03
CA GLU A 26 5.24 6.53 3.34
C GLU A 26 5.62 5.06 3.23
N LEU A 27 5.02 4.37 2.27
CA LEU A 27 5.35 2.98 1.99
C LEU A 27 6.77 2.87 1.44
N GLU A 28 7.18 3.85 0.64
CA GLU A 28 8.53 3.90 0.12
C GLU A 28 9.56 4.03 1.24
N GLU A 29 9.29 4.93 2.18
CA GLU A 29 10.18 5.14 3.31
C GLU A 29 10.17 3.95 4.26
N PHE A 30 9.02 3.29 4.36
CA PHE A 30 8.88 2.13 5.24
C PHE A 30 9.76 0.97 4.75
N THR A 31 9.66 0.67 3.46
CA THR A 31 10.40 -0.44 2.87
C THR A 31 11.81 -0.01 2.46
N GLN A 32 11.99 1.29 2.28
CA GLN A 32 13.26 1.82 1.79
C GLN A 32 13.65 1.18 0.47
N ALA A 33 12.65 0.87 -0.35
CA ALA A 33 12.88 0.22 -1.63
C ALA A 33 12.60 1.17 -2.79
N LYS A 34 13.04 0.79 -3.99
CA LYS A 34 12.79 1.58 -5.19
C LYS A 34 11.30 1.74 -5.44
N ARG A 35 10.87 2.99 -5.64
CA ARG A 35 9.46 3.28 -5.82
C ARG A 35 8.87 2.47 -6.97
N GLU A 36 9.59 2.43 -8.09
CA GLU A 36 9.14 1.70 -9.26
C GLU A 36 8.85 0.24 -8.93
N VAL A 37 9.79 -0.40 -8.24
CA VAL A 37 9.64 -1.79 -7.84
C VAL A 37 8.44 -1.97 -6.90
N LEU A 38 8.27 -1.02 -5.99
CA LEU A 38 7.14 -1.04 -5.07
C LEU A 38 5.82 -0.89 -5.81
N LEU A 39 5.83 -0.08 -6.87
CA LEU A 39 4.64 0.15 -7.67
C LEU A 39 4.26 -1.08 -8.46
N VAL A 40 5.26 -1.86 -8.85
CA VAL A 40 5.02 -3.14 -9.52
C VAL A 40 4.30 -4.11 -8.59
N THR A 41 4.75 -4.18 -7.35
CA THR A 41 4.08 -5.01 -6.34
C THR A 41 2.67 -4.50 -6.05
N LEU A 42 2.55 -3.19 -5.91
CA LEU A 42 1.25 -2.56 -5.64
C LEU A 42 0.29 -2.77 -6.80
N THR A 43 0.81 -2.69 -8.02
CA THR A 43 0.00 -2.85 -9.22
C THR A 43 -0.51 -4.29 -9.35
N ARG A 44 0.38 -5.24 -9.13
CA ARG A 44 0.03 -6.65 -9.24
C ARG A 44 -0.99 -7.05 -8.18
N LEU A 45 -0.83 -6.52 -6.97
CA LEU A 45 -1.79 -6.74 -5.90
C LEU A 45 -3.11 -6.04 -6.20
N HIS A 46 -3.03 -4.88 -6.81
CA HIS A 46 -4.22 -4.14 -7.20
C HIS A 46 -5.02 -4.90 -8.25
N GLN A 47 -4.32 -5.51 -9.20
CA GLN A 47 -4.96 -6.36 -10.19
C GLN A 47 -5.57 -7.60 -9.57
N ARG A 48 -4.91 -8.13 -8.54
CA ARG A 48 -5.43 -9.26 -7.79
C ARG A 48 -6.68 -8.87 -7.00
N GLY A 49 -6.75 -7.61 -6.59
CA GLY A 49 -7.89 -7.12 -5.84
C GLY A 49 -7.57 -7.05 -4.34
N VAL A 50 -6.29 -7.04 -4.02
CA VAL A 50 -5.85 -7.00 -2.64
C VAL A 50 -5.73 -5.57 -2.12
N ILE A 51 -4.94 -4.76 -2.82
CA ILE A 51 -4.73 -3.37 -2.42
C ILE A 51 -5.45 -2.42 -3.37
N TYR A 52 -6.12 -1.42 -2.80
CA TYR A 52 -6.74 -0.37 -3.59
C TYR A 52 -6.18 1.00 -3.23
N ARG A 53 -6.38 1.97 -4.11
CA ARG A 53 -5.73 3.27 -3.97
C ARG A 53 -6.68 4.40 -4.34
N LYS A 54 -6.50 5.54 -3.70
CA LYS A 54 -7.18 6.77 -4.10
C LYS A 54 -6.20 7.90 -4.37
N TRP A 55 -6.64 8.90 -5.12
CA TRP A 55 -5.74 9.97 -5.58
C TRP A 55 -6.04 11.27 -4.85
N ARG A 56 -5.05 11.76 -4.12
CA ARG A 56 -5.20 13.03 -3.39
C ARG A 56 -4.53 14.17 -4.14
N HIS A 57 -5.17 15.33 -4.14
CA HIS A 57 -4.58 16.53 -4.73
C HIS A 57 -4.37 17.62 -3.69
N PHE A 58 -3.32 17.45 -2.89
CA PHE A 58 -3.06 18.35 -1.76
C PHE A 58 -2.04 19.41 -2.14
N SER A 59 -2.43 20.67 -2.02
CA SER A 59 -1.53 21.79 -2.31
C SER A 59 -0.98 21.70 -3.73
N GLY A 60 -1.82 21.21 -4.65
CA GLY A 60 -1.45 21.15 -6.06
C GLY A 60 -0.48 20.01 -6.32
N ARG A 61 -0.37 19.10 -5.36
CA ARG A 61 0.53 17.95 -5.49
C ARG A 61 -0.25 16.64 -5.49
N LYS A 62 0.20 15.69 -6.31
CA LYS A 62 -0.49 14.41 -6.44
C LYS A 62 0.06 13.39 -5.46
N TYR A 63 -0.84 12.77 -4.70
CA TYR A 63 -0.46 11.70 -3.79
C TYR A 63 -1.30 10.46 -4.00
N ARG A 64 -0.70 9.29 -3.82
CA ARG A 64 -1.41 8.02 -3.96
C ARG A 64 -1.54 7.31 -2.61
N GLU A 65 -2.76 7.23 -2.12
CA GLU A 65 -3.03 6.58 -0.83
C GLU A 65 -3.47 5.14 -1.02
N TYR A 66 -2.67 4.20 -0.53
CA TYR A 66 -2.96 2.78 -0.68
C TYR A 66 -3.53 2.21 0.61
N CYS A 67 -4.53 1.34 0.48
CA CYS A 67 -5.27 0.83 1.64
C CYS A 67 -5.79 -0.57 1.39
N LEU A 68 -5.87 -1.37 2.45
CA LEU A 68 -6.47 -2.70 2.37
C LEU A 68 -7.93 -2.67 2.78
N LYS A 69 -8.30 -1.69 3.59
CA LYS A 69 -9.67 -1.58 4.10
C LYS A 69 -10.65 -1.28 2.97
N HIS A 70 -10.12 -0.78 1.86
CA HIS A 70 -10.93 -0.54 0.67
C HIS A 70 -11.52 -1.85 0.14
N ARG A 71 -10.80 -2.94 0.36
CA ARG A 71 -11.28 -4.27 -0.05
C ARG A 71 -12.55 -4.64 0.67
N ASP A 72 -13.55 -5.07 -0.09
CA ASP A 72 -14.88 -5.34 0.46
C ASP A 72 -14.85 -6.49 1.45
N GLU A 73 -14.05 -7.51 1.13
CA GLU A 73 -13.95 -8.69 1.97
C GLU A 73 -13.26 -8.38 3.30
N LEU A 74 -12.21 -7.56 3.22
CA LEU A 74 -11.48 -7.14 4.41
C LEU A 74 -12.30 -6.15 5.25
N ALA A 75 -13.11 -5.36 4.57
CA ALA A 75 -14.03 -4.45 5.24
C ALA A 75 -15.11 -5.20 6.01
N ASP A 76 -15.57 -6.31 5.43
CA ASP A 76 -16.55 -7.17 6.08
C ASP A 76 -15.94 -7.89 7.28
N LEU A 77 -14.68 -8.27 7.15
CA LEU A 77 -13.94 -8.89 8.24
C LEU A 77 -13.65 -7.89 9.36
N GLU A 78 -13.42 -6.64 8.98
CA GLU A 78 -13.18 -5.58 9.94
C GLU A 78 -14.44 -5.24 10.73
N HIS A 79 -15.54 -5.06 10.02
CA HIS A 79 -16.79 -4.65 10.65
C HIS A 79 -17.80 -5.79 10.67
N LYS A 3 12.50 -6.29 8.64
CA LYS A 3 11.77 -5.95 7.43
C LYS A 3 12.42 -6.60 6.20
N ALA A 4 13.73 -6.77 6.25
CA ALA A 4 14.48 -7.34 5.13
C ALA A 4 14.07 -8.77 4.87
N LYS A 5 13.68 -9.49 5.93
CA LYS A 5 13.25 -10.87 5.80
C LYS A 5 11.93 -10.98 5.05
N LEU A 6 11.12 -9.93 5.15
CA LEU A 6 9.83 -9.90 4.48
C LEU A 6 9.93 -9.26 3.09
N SER A 7 9.01 -9.61 2.21
CA SER A 7 8.93 -9.00 0.89
C SER A 7 8.32 -7.62 0.96
N LEU A 8 8.46 -6.85 -0.12
CA LEU A 8 7.84 -5.54 -0.22
C LEU A 8 6.31 -5.65 -0.23
N THR A 9 5.81 -6.74 -0.78
CA THR A 9 4.37 -7.01 -0.78
C THR A 9 3.87 -7.29 0.63
N GLN A 10 4.60 -8.12 1.36
CA GLN A 10 4.23 -8.46 2.73
C GLN A 10 4.30 -7.25 3.63
N LEU A 11 5.30 -6.40 3.42
CA LEU A 11 5.47 -5.18 4.20
C LEU A 11 4.31 -4.21 3.96
N ILE A 12 3.91 -4.09 2.70
CA ILE A 12 2.76 -3.25 2.35
C ILE A 12 1.49 -3.76 3.02
N LEU A 13 1.29 -5.07 3.00
CA LEU A 13 0.11 -5.68 3.60
C LEU A 13 0.07 -5.43 5.10
N ILE A 14 1.23 -5.48 5.74
CA ILE A 14 1.34 -5.14 7.15
C ILE A 14 1.01 -3.68 7.40
N ARG A 15 1.53 -2.80 6.53
CA ARG A 15 1.26 -1.38 6.64
C ARG A 15 -0.22 -1.08 6.43
N LEU A 16 -0.86 -1.86 5.57
CA LEU A 16 -2.29 -1.73 5.33
C LEU A 16 -3.10 -2.21 6.52
N SER A 17 -2.55 -3.16 7.26
CA SER A 17 -3.16 -3.61 8.50
C SER A 17 -3.08 -2.55 9.59
N ASN A 18 -1.97 -1.82 9.61
CA ASN A 18 -1.74 -0.81 10.63
C ASN A 18 -2.35 0.53 10.24
N ARG A 19 -2.47 0.75 8.93
CA ARG A 19 -2.92 2.04 8.41
C ARG A 19 -3.92 1.86 7.28
N GLY A 20 -4.91 2.74 7.21
CA GLY A 20 -5.99 2.61 6.24
C GLY A 20 -5.47 2.75 4.82
N CYS A 21 -4.54 3.68 4.62
CA CYS A 21 -3.98 3.93 3.30
C CYS A 21 -2.63 4.63 3.40
N GLN A 22 -1.76 4.38 2.42
CA GLN A 22 -0.43 4.99 2.41
C GLN A 22 -0.07 5.47 1.01
N THR A 23 0.89 6.37 0.93
CA THR A 23 1.42 6.84 -0.35
C THR A 23 2.65 6.06 -0.75
N LEU A 24 3.13 6.30 -1.97
CA LEU A 24 4.37 5.70 -2.45
C LEU A 24 5.56 6.20 -1.63
N GLU A 25 5.51 7.47 -1.23
CA GLU A 25 6.57 8.05 -0.42
C GLU A 25 6.57 7.45 0.98
N GLU A 26 5.39 7.30 1.57
CA GLU A 26 5.26 6.76 2.91
C GLU A 26 5.68 5.30 2.95
N LEU A 27 5.28 4.54 1.93
CA LEU A 27 5.68 3.15 1.81
C LEU A 27 7.16 3.02 1.48
N GLU A 28 7.68 3.97 0.71
CA GLU A 28 9.11 4.02 0.40
C GLU A 28 9.94 4.08 1.69
N GLU A 29 9.54 4.96 2.60
CA GLU A 29 10.28 5.13 3.86
C GLU A 29 10.07 3.93 4.78
N PHE A 30 8.86 3.38 4.77
CA PHE A 30 8.54 2.23 5.60
C PHE A 30 9.37 1.01 5.20
N THR A 31 9.44 0.74 3.91
CA THR A 31 10.13 -0.44 3.41
C THR A 31 11.59 -0.14 3.10
N GLN A 32 11.92 1.15 3.04
CA GLN A 32 13.24 1.57 2.59
C GLN A 32 13.60 0.96 1.24
N ALA A 33 12.73 1.17 0.26
CA ALA A 33 12.87 0.52 -1.04
C ALA A 33 12.29 1.39 -2.15
N LYS A 34 12.72 1.13 -3.38
CA LYS A 34 12.31 1.93 -4.53
C LYS A 34 10.78 1.96 -4.65
N ARG A 35 10.23 3.16 -4.70
CA ARG A 35 8.79 3.34 -4.76
C ARG A 35 8.21 2.80 -6.06
N GLU A 36 9.05 2.76 -7.09
CA GLU A 36 8.67 2.16 -8.36
C GLU A 36 8.35 0.68 -8.20
N VAL A 37 9.22 -0.05 -7.51
CA VAL A 37 9.00 -1.46 -7.24
C VAL A 37 7.78 -1.66 -6.35
N LEU A 38 7.61 -0.77 -5.37
CA LEU A 38 6.43 -0.79 -4.51
C LEU A 38 5.16 -0.59 -5.31
N LEU A 39 5.20 0.35 -6.26
CA LEU A 39 4.07 0.59 -7.14
C LEU A 39 3.66 -0.67 -7.88
N VAL A 40 4.65 -1.42 -8.35
CA VAL A 40 4.39 -2.67 -9.06
C VAL A 40 3.62 -3.65 -8.19
N THR A 41 4.06 -3.80 -6.95
CA THR A 41 3.43 -4.74 -6.02
C THR A 41 2.09 -4.20 -5.51
N LEU A 42 1.95 -2.88 -5.54
CA LEU A 42 0.68 -2.24 -5.21
C LEU A 42 -0.36 -2.50 -6.30
N THR A 43 0.09 -2.45 -7.55
CA THR A 43 -0.76 -2.79 -8.69
C THR A 43 -1.12 -4.27 -8.68
N ARG A 44 -0.16 -5.11 -8.31
CA ARG A 44 -0.39 -6.54 -8.21
C ARG A 44 -1.48 -6.84 -7.18
N LEU A 45 -1.41 -6.17 -6.04
CA LEU A 45 -2.43 -6.32 -5.00
C LEU A 45 -3.75 -5.69 -5.44
N HIS A 46 -3.66 -4.60 -6.18
CA HIS A 46 -4.85 -3.96 -6.74
C HIS A 46 -5.64 -4.92 -7.61
N GLN A 47 -4.93 -5.66 -8.47
CA GLN A 47 -5.57 -6.61 -9.35
C GLN A 47 -6.14 -7.79 -8.57
N ARG A 48 -5.59 -8.02 -7.39
CA ARG A 48 -6.06 -9.10 -6.52
C ARG A 48 -7.26 -8.66 -5.70
N GLY A 49 -7.61 -7.40 -5.81
CA GLY A 49 -8.76 -6.85 -5.10
C GLY A 49 -8.42 -6.51 -3.65
N VAL A 50 -7.13 -6.27 -3.40
CA VAL A 50 -6.67 -5.93 -2.06
C VAL A 50 -6.56 -4.42 -1.88
N ILE A 51 -6.15 -3.73 -2.93
CA ILE A 51 -5.88 -2.31 -2.86
C ILE A 51 -6.66 -1.54 -3.93
N TYR A 52 -7.06 -0.32 -3.61
CA TYR A 52 -7.62 0.60 -4.60
C TYR A 52 -7.01 1.98 -4.48
N ARG A 53 -7.19 2.80 -5.51
CA ARG A 53 -6.56 4.11 -5.57
C ARG A 53 -7.57 5.21 -5.23
N LYS A 54 -7.12 6.18 -4.44
CA LYS A 54 -7.93 7.36 -4.14
C LYS A 54 -7.09 8.63 -4.14
N TRP A 55 -7.58 9.65 -4.81
CA TRP A 55 -6.81 10.87 -5.02
C TRP A 55 -7.31 12.01 -4.11
N ARG A 56 -6.42 12.50 -3.26
CA ARG A 56 -6.76 13.60 -2.36
C ARG A 56 -6.04 14.89 -2.76
N HIS A 57 -6.80 15.94 -3.03
CA HIS A 57 -6.23 17.19 -3.51
C HIS A 57 -6.22 18.24 -2.41
N PHE A 58 -5.03 18.72 -2.07
CA PHE A 58 -4.90 19.79 -1.08
C PHE A 58 -3.58 20.53 -1.25
N SER A 59 -3.55 21.78 -0.81
CA SER A 59 -2.37 22.63 -0.97
C SER A 59 -2.00 22.77 -2.44
N GLY A 60 -3.00 22.67 -3.31
CA GLY A 60 -2.80 22.86 -4.73
C GLY A 60 -2.11 21.65 -5.36
N ARG A 61 -2.12 20.54 -4.64
CA ARG A 61 -1.43 19.33 -5.09
C ARG A 61 -2.30 18.10 -4.90
N LYS A 62 -2.50 17.35 -5.98
CA LYS A 62 -3.23 16.09 -5.92
C LYS A 62 -2.30 14.94 -5.56
N TYR A 63 -2.65 14.21 -4.51
CA TYR A 63 -1.83 13.10 -4.04
C TYR A 63 -2.53 11.76 -4.22
N ARG A 64 -1.82 10.81 -4.80
CA ARG A 64 -2.36 9.45 -4.98
C ARG A 64 -2.13 8.60 -3.75
N GLU A 65 -3.22 8.14 -3.15
CA GLU A 65 -3.13 7.27 -1.97
C GLU A 65 -3.57 5.85 -2.31
N TYR A 66 -2.81 4.88 -1.83
CA TYR A 66 -3.18 3.47 -1.98
C TYR A 66 -3.86 2.94 -0.72
N CYS A 67 -5.12 2.56 -0.86
CA CYS A 67 -5.97 2.27 0.30
C CYS A 67 -6.38 0.81 0.33
N LEU A 68 -6.49 0.26 1.53
CA LEU A 68 -6.95 -1.11 1.72
C LEU A 68 -8.42 -1.24 1.34
N LYS A 69 -8.72 -2.21 0.48
CA LYS A 69 -10.07 -2.39 -0.05
C LYS A 69 -10.89 -3.30 0.86
N HIS A 70 -10.37 -4.50 1.12
CA HIS A 70 -11.04 -5.46 1.98
C HIS A 70 -10.15 -5.88 3.14
N ARG A 71 -10.55 -5.51 4.35
CA ARG A 71 -9.84 -5.92 5.56
C ARG A 71 -10.01 -7.42 5.81
N ASP A 72 -11.07 -7.99 5.24
CA ASP A 72 -11.30 -9.43 5.33
C ASP A 72 -10.32 -10.20 4.47
N GLU A 73 -10.03 -9.67 3.29
CA GLU A 73 -9.04 -10.28 2.39
C GLU A 73 -7.63 -10.16 2.97
N LEU A 74 -7.34 -9.02 3.58
CA LEU A 74 -6.06 -8.82 4.24
C LEU A 74 -5.91 -9.76 5.44
N ALA A 75 -7.00 -9.93 6.18
CA ALA A 75 -7.02 -10.89 7.29
C ALA A 75 -6.68 -12.29 6.82
N ASP A 76 -7.24 -12.68 5.68
CA ASP A 76 -6.95 -13.98 5.08
C ASP A 76 -5.49 -14.08 4.66
N LEU A 77 -4.93 -12.97 4.20
CA LEU A 77 -3.52 -12.91 3.84
C LEU A 77 -2.63 -13.03 5.08
N GLU A 78 -3.10 -12.47 6.19
CA GLU A 78 -2.40 -12.61 7.47
C GLU A 78 -2.49 -14.03 7.99
N HIS A 79 -3.58 -14.71 7.66
CA HIS A 79 -3.77 -16.09 8.09
C HIS A 79 -2.91 -17.05 7.26
N LYS A 3 12.40 -6.79 8.21
CA LYS A 3 11.49 -6.43 7.13
C LYS A 3 11.92 -7.07 5.81
N ALA A 4 13.23 -7.13 5.58
CA ALA A 4 13.78 -7.64 4.34
C ALA A 4 13.45 -9.12 4.17
N LYS A 5 13.23 -9.81 5.29
CA LYS A 5 12.87 -11.22 5.26
C LYS A 5 11.49 -11.42 4.63
N LEU A 6 10.64 -10.40 4.74
CA LEU A 6 9.30 -10.45 4.18
C LEU A 6 9.27 -9.87 2.76
N SER A 7 8.27 -10.28 1.99
CA SER A 7 8.08 -9.76 0.65
C SER A 7 7.57 -8.32 0.69
N LEU A 8 7.66 -7.64 -0.46
CA LEU A 8 7.13 -6.28 -0.57
C LEU A 8 5.62 -6.25 -0.41
N THR A 9 4.96 -7.33 -0.84
CA THR A 9 3.53 -7.48 -0.64
C THR A 9 3.18 -7.57 0.83
N GLN A 10 3.91 -8.43 1.55
CA GLN A 10 3.69 -8.59 2.98
C GLN A 10 3.94 -7.29 3.73
N LEU A 11 5.01 -6.59 3.35
CA LEU A 11 5.37 -5.35 4.00
C LEU A 11 4.30 -4.27 3.78
N ILE A 12 3.79 -4.21 2.56
CA ILE A 12 2.71 -3.29 2.24
C ILE A 12 1.45 -3.61 3.04
N LEU A 13 1.15 -4.90 3.17
CA LEU A 13 -0.01 -5.35 3.93
C LEU A 13 0.12 -5.00 5.40
N ILE A 14 1.35 -5.03 5.91
CA ILE A 14 1.64 -4.63 7.28
C ILE A 14 1.29 -3.17 7.51
N ARG A 15 1.65 -2.32 6.55
CA ARG A 15 1.32 -0.90 6.61
C ARG A 15 -0.18 -0.68 6.45
N LEU A 16 -0.82 -1.53 5.63
CA LEU A 16 -2.26 -1.44 5.41
C LEU A 16 -3.03 -1.97 6.61
N SER A 17 -2.38 -2.81 7.40
CA SER A 17 -2.98 -3.32 8.62
C SER A 17 -2.89 -2.30 9.75
N ASN A 18 -1.97 -1.35 9.61
CA ASN A 18 -1.86 -0.24 10.55
C ASN A 18 -2.83 0.87 10.20
N ARG A 19 -2.83 1.27 8.93
CA ARG A 19 -3.76 2.28 8.44
C ARG A 19 -4.39 1.86 7.12
N GLY A 20 -5.69 2.09 7.00
CA GLY A 20 -6.45 1.59 5.86
C GLY A 20 -5.83 2.05 4.54
N CYS A 21 -5.37 3.30 4.52
CA CYS A 21 -4.81 3.89 3.31
C CYS A 21 -3.42 4.44 3.56
N GLN A 22 -2.48 4.11 2.68
CA GLN A 22 -1.10 4.55 2.81
C GLN A 22 -0.59 5.17 1.51
N THR A 23 0.46 5.96 1.61
CA THR A 23 1.08 6.57 0.44
C THR A 23 2.24 5.73 -0.08
N LEU A 24 2.67 6.01 -1.30
CA LEU A 24 3.83 5.33 -1.89
C LEU A 24 5.12 5.74 -1.17
N GLU A 25 5.17 6.99 -0.72
CA GLU A 25 6.34 7.50 -0.03
C GLU A 25 6.52 6.83 1.34
N GLU A 26 5.41 6.60 2.02
CA GLU A 26 5.42 5.85 3.26
C GLU A 26 5.88 4.42 3.04
N LEU A 27 5.41 3.80 1.98
CA LEU A 27 5.82 2.44 1.61
C LEU A 27 7.27 2.43 1.13
N GLU A 28 7.69 3.51 0.50
CA GLU A 28 9.06 3.64 0.01
C GLU A 28 10.06 3.51 1.15
N GLU A 29 9.83 4.29 2.22
CA GLU A 29 10.75 4.32 3.34
C GLU A 29 10.62 3.06 4.20
N PHE A 30 9.39 2.57 4.32
CA PHE A 30 9.13 1.37 5.11
C PHE A 30 9.81 0.15 4.52
N THR A 31 9.67 -0.02 3.21
CA THR A 31 10.19 -1.21 2.54
C THR A 31 11.61 -1.01 2.07
N GLN A 32 12.05 0.25 2.04
CA GLN A 32 13.35 0.60 1.49
C GLN A 32 13.49 0.09 0.06
N ALA A 33 12.54 0.45 -0.80
CA ALA A 33 12.51 -0.05 -2.17
C ALA A 33 12.17 1.06 -3.16
N LYS A 34 12.45 0.82 -4.43
CA LYS A 34 12.20 1.80 -5.47
C LYS A 34 10.70 2.03 -5.66
N ARG A 35 10.34 3.24 -6.06
CA ARG A 35 8.93 3.59 -6.26
C ARG A 35 8.31 2.75 -7.37
N GLU A 36 9.04 2.56 -8.46
CA GLU A 36 8.55 1.78 -9.58
C GLU A 36 8.34 0.33 -9.19
N VAL A 37 9.26 -0.21 -8.41
CA VAL A 37 9.17 -1.60 -7.97
C VAL A 37 7.96 -1.81 -7.07
N LEU A 38 7.70 -0.85 -6.19
CA LEU A 38 6.53 -0.91 -5.32
C LEU A 38 5.24 -0.73 -6.10
N LEU A 39 5.30 0.10 -7.14
CA LEU A 39 4.15 0.34 -8.00
C LEU A 39 3.74 -0.92 -8.75
N VAL A 40 4.74 -1.73 -9.12
CA VAL A 40 4.50 -3.02 -9.73
C VAL A 40 3.71 -3.94 -8.81
N THR A 41 4.13 -4.02 -7.56
CA THR A 41 3.44 -4.82 -6.56
C THR A 41 2.05 -4.26 -6.28
N LEU A 42 1.95 -2.95 -6.16
CA LEU A 42 0.68 -2.30 -5.85
C LEU A 42 -0.33 -2.48 -6.98
N THR A 43 0.15 -2.40 -8.22
CA THR A 43 -0.70 -2.58 -9.38
C THR A 43 -1.18 -4.03 -9.49
N ARG A 44 -0.29 -4.96 -9.18
CA ARG A 44 -0.63 -6.38 -9.19
C ARG A 44 -1.68 -6.70 -8.13
N LEU A 45 -1.54 -6.09 -6.96
CA LEU A 45 -2.55 -6.21 -5.91
C LEU A 45 -3.86 -5.57 -6.33
N HIS A 46 -3.77 -4.43 -7.03
CA HIS A 46 -4.95 -3.74 -7.53
C HIS A 46 -5.72 -4.63 -8.50
N GLN A 47 -5.00 -5.29 -9.40
CA GLN A 47 -5.62 -6.17 -10.37
C GLN A 47 -6.17 -7.43 -9.71
N ARG A 48 -5.47 -7.90 -8.68
CA ARG A 48 -5.91 -9.07 -7.94
C ARG A 48 -7.18 -8.80 -7.15
N GLY A 49 -7.35 -7.54 -6.74
CA GLY A 49 -8.53 -7.14 -6.00
C GLY A 49 -8.25 -7.07 -4.50
N VAL A 50 -6.98 -6.85 -4.16
CA VAL A 50 -6.57 -6.73 -2.76
C VAL A 50 -6.66 -5.29 -2.29
N ILE A 51 -6.14 -4.37 -3.09
CA ILE A 51 -6.19 -2.95 -2.77
C ILE A 51 -6.81 -2.15 -3.90
N TYR A 52 -7.09 -0.87 -3.65
CA TYR A 52 -7.53 0.04 -4.68
C TYR A 52 -6.81 1.39 -4.57
N ARG A 53 -6.93 2.21 -5.61
CA ARG A 53 -6.18 3.45 -5.70
C ARG A 53 -7.06 4.59 -6.21
N LYS A 54 -6.75 5.81 -5.78
CA LYS A 54 -7.50 6.98 -6.19
C LYS A 54 -6.71 8.26 -5.99
N TRP A 55 -7.08 9.31 -6.71
CA TRP A 55 -6.37 10.59 -6.64
C TRP A 55 -7.06 11.55 -5.67
N ARG A 56 -6.40 11.85 -4.57
CA ARG A 56 -6.93 12.76 -3.57
C ARG A 56 -6.24 14.12 -3.65
N HIS A 57 -7.04 15.18 -3.73
CA HIS A 57 -6.51 16.54 -3.77
C HIS A 57 -5.92 16.94 -2.43
N PHE A 58 -4.73 17.53 -2.45
CA PHE A 58 -4.04 17.92 -1.23
C PHE A 58 -3.02 19.02 -1.49
N SER A 59 -3.21 20.16 -0.83
CA SER A 59 -2.25 21.26 -0.93
C SER A 59 -2.09 21.72 -2.37
N GLY A 60 -3.17 21.66 -3.13
CA GLY A 60 -3.20 22.24 -4.47
C GLY A 60 -2.90 21.20 -5.53
N ARG A 61 -2.46 20.02 -5.10
CA ARG A 61 -2.08 18.96 -6.02
C ARG A 61 -2.74 17.64 -5.64
N LYS A 62 -3.08 16.85 -6.65
CA LYS A 62 -3.68 15.54 -6.42
C LYS A 62 -2.61 14.45 -6.32
N TYR A 63 -2.77 13.57 -5.35
CA TYR A 63 -1.82 12.48 -5.16
C TYR A 63 -2.53 11.13 -5.10
N ARG A 64 -1.97 10.13 -5.76
CA ARG A 64 -2.56 8.80 -5.81
C ARG A 64 -2.23 8.01 -4.56
N GLU A 65 -3.26 7.61 -3.82
CA GLU A 65 -3.07 6.84 -2.60
C GLU A 65 -3.62 5.42 -2.76
N TYR A 66 -3.11 4.50 -1.95
CA TYR A 66 -3.51 3.10 -2.03
C TYR A 66 -4.12 2.63 -0.72
N CYS A 67 -5.22 1.89 -0.81
CA CYS A 67 -5.99 1.52 0.37
C CYS A 67 -6.49 0.08 0.27
N LEU A 68 -6.48 -0.62 1.40
CA LEU A 68 -6.85 -2.04 1.42
C LEU A 68 -8.36 -2.21 1.28
N LYS A 69 -8.77 -3.14 0.42
CA LYS A 69 -10.17 -3.33 0.12
C LYS A 69 -10.85 -4.24 1.15
N HIS A 70 -10.02 -4.90 1.95
CA HIS A 70 -10.51 -5.98 2.82
C HIS A 70 -10.25 -5.66 4.29
N ARG A 71 -11.23 -5.01 4.92
CA ARG A 71 -11.13 -4.68 6.34
C ARG A 71 -11.11 -5.93 7.20
N ASP A 72 -11.78 -6.98 6.72
CA ASP A 72 -11.78 -8.27 7.39
C ASP A 72 -10.38 -8.88 7.44
N GLU A 73 -9.68 -8.78 6.31
CA GLU A 73 -8.29 -9.24 6.24
C GLU A 73 -7.35 -8.26 6.94
N LEU A 74 -7.72 -6.99 6.96
CA LEU A 74 -6.99 -5.98 7.71
C LEU A 74 -6.86 -6.36 9.18
N ALA A 75 -7.99 -6.77 9.76
CA ALA A 75 -8.00 -7.21 11.16
C ALA A 75 -7.17 -8.47 11.35
N ASP A 76 -7.23 -9.36 10.36
CA ASP A 76 -6.45 -10.59 10.40
C ASP A 76 -4.96 -10.30 10.33
N LEU A 77 -4.59 -9.29 9.55
CA LEU A 77 -3.21 -8.84 9.46
C LEU A 77 -2.74 -8.20 10.76
N GLU A 78 -3.62 -7.40 11.36
CA GLU A 78 -3.31 -6.72 12.61
C GLU A 78 -3.11 -7.73 13.74
N HIS A 79 -4.00 -8.73 13.80
CA HIS A 79 -3.97 -9.72 14.86
C HIS A 79 -2.93 -10.79 14.58
N LYS A 3 10.96 -6.75 9.96
CA LYS A 3 10.41 -6.08 8.79
C LYS A 3 11.32 -6.28 7.58
N ALA A 4 12.63 -6.31 7.82
CA ALA A 4 13.60 -6.52 6.75
C ALA A 4 13.65 -7.99 6.34
N LYS A 5 13.28 -8.87 7.26
CA LYS A 5 13.25 -10.30 6.99
C LYS A 5 12.16 -10.64 5.98
N LEU A 6 11.08 -9.88 6.01
CA LEU A 6 10.01 -10.04 5.04
C LEU A 6 10.31 -9.30 3.74
N SER A 7 9.71 -9.76 2.65
CA SER A 7 9.85 -9.09 1.36
C SER A 7 9.15 -7.74 1.36
N LEU A 8 9.41 -6.94 0.33
CA LEU A 8 8.80 -5.63 0.19
C LEU A 8 7.30 -5.75 -0.02
N THR A 9 6.89 -6.79 -0.75
CA THR A 9 5.48 -7.12 -0.91
C THR A 9 4.84 -7.46 0.44
N GLN A 10 5.50 -8.34 1.19
CA GLN A 10 5.00 -8.73 2.50
C GLN A 10 4.97 -7.55 3.45
N LEU A 11 5.97 -6.68 3.36
CA LEU A 11 6.07 -5.52 4.24
C LEU A 11 4.93 -4.55 4.00
N ILE A 12 4.55 -4.38 2.74
CA ILE A 12 3.38 -3.59 2.39
C ILE A 12 2.11 -4.19 2.98
N LEU A 13 2.00 -5.51 2.91
CA LEU A 13 0.84 -6.22 3.45
C LEU A 13 0.75 -6.05 4.96
N ILE A 14 1.90 -6.02 5.62
CA ILE A 14 1.95 -5.78 7.05
C ILE A 14 1.48 -4.37 7.40
N ARG A 15 1.89 -3.41 6.58
CA ARG A 15 1.50 -2.02 6.79
C ARG A 15 0.00 -1.82 6.57
N LEU A 16 -0.55 -2.59 5.64
CA LEU A 16 -1.99 -2.58 5.39
C LEU A 16 -2.77 -3.08 6.60
N SER A 17 -2.20 -4.06 7.29
CA SER A 17 -2.79 -4.57 8.52
C SER A 17 -2.64 -3.58 9.66
N ASN A 18 -1.50 -2.90 9.71
CA ASN A 18 -1.23 -1.93 10.76
C ASN A 18 -2.08 -0.68 10.61
N ARG A 19 -2.26 -0.24 9.36
CA ARG A 19 -2.96 1.00 9.09
C ARG A 19 -3.95 0.82 7.93
N GLY A 20 -5.18 1.27 8.14
CA GLY A 20 -6.24 1.11 7.15
C GLY A 20 -5.84 1.73 5.81
N CYS A 21 -5.32 2.94 5.87
CA CYS A 21 -4.96 3.68 4.66
C CYS A 21 -3.63 4.42 4.84
N GLN A 22 -2.83 4.44 3.79
CA GLN A 22 -1.54 5.12 3.83
C GLN A 22 -1.26 5.85 2.53
N THR A 23 -0.52 6.96 2.62
CA THR A 23 -0.12 7.71 1.44
C THR A 23 1.11 7.08 0.77
N LEU A 24 1.12 7.06 -0.55
CA LEU A 24 2.21 6.45 -1.29
C LEU A 24 3.57 6.89 -0.74
N GLU A 25 3.72 8.19 -0.50
CA GLU A 25 4.97 8.73 0.02
C GLU A 25 5.25 8.22 1.42
N GLU A 26 4.20 8.03 2.20
CA GLU A 26 4.33 7.49 3.54
C GLU A 26 4.83 6.05 3.52
N LEU A 27 4.34 5.28 2.55
CA LEU A 27 4.81 3.92 2.33
C LEU A 27 6.28 3.90 1.89
N GLU A 28 6.63 4.83 1.03
CA GLU A 28 8.01 4.98 0.58
C GLU A 28 8.95 5.20 1.77
N GLU A 29 8.54 6.06 2.70
CA GLU A 29 9.32 6.34 3.89
C GLU A 29 9.32 5.15 4.84
N PHE A 30 8.17 4.47 4.92
CA PHE A 30 8.04 3.30 5.77
C PHE A 30 8.97 2.18 5.35
N THR A 31 8.99 1.90 4.05
CA THR A 31 9.78 0.79 3.52
C THR A 31 11.20 1.24 3.18
N GLN A 32 11.35 2.53 2.89
CA GLN A 32 12.60 3.05 2.34
C GLN A 32 12.98 2.31 1.06
N ALA A 33 11.97 1.86 0.33
CA ALA A 33 12.20 1.11 -0.90
C ALA A 33 11.85 1.96 -2.13
N LYS A 34 12.30 1.50 -3.29
CA LYS A 34 12.00 2.19 -4.55
C LYS A 34 10.50 2.36 -4.74
N ARG A 35 10.07 3.59 -4.97
CA ARG A 35 8.65 3.89 -5.14
C ARG A 35 8.04 3.03 -6.24
N GLU A 36 8.76 2.89 -7.35
CA GLU A 36 8.27 2.12 -8.48
C GLU A 36 8.02 0.67 -8.08
N VAL A 37 8.93 0.11 -7.29
CA VAL A 37 8.79 -1.26 -6.80
C VAL A 37 7.57 -1.40 -5.89
N LEU A 38 7.34 -0.38 -5.07
CA LEU A 38 6.16 -0.36 -4.20
C LEU A 38 4.88 -0.29 -5.01
N LEU A 39 4.92 0.42 -6.13
CA LEU A 39 3.75 0.58 -6.98
C LEU A 39 3.40 -0.72 -7.68
N VAL A 40 4.40 -1.53 -7.97
CA VAL A 40 4.20 -2.85 -8.55
C VAL A 40 3.28 -3.69 -7.67
N THR A 41 3.61 -3.78 -6.39
CA THR A 41 2.79 -4.53 -5.44
C THR A 41 1.42 -3.91 -5.28
N LEU A 42 1.38 -2.59 -5.15
CA LEU A 42 0.13 -1.86 -4.96
C LEU A 42 -0.80 -2.03 -6.15
N THR A 43 -0.21 -2.08 -7.35
CA THR A 43 -0.98 -2.29 -8.57
C THR A 43 -1.55 -3.69 -8.64
N ARG A 44 -0.73 -4.67 -8.25
CA ARG A 44 -1.17 -6.06 -8.24
C ARG A 44 -2.27 -6.28 -7.21
N LEU A 45 -2.17 -5.60 -6.08
CA LEU A 45 -3.20 -5.67 -5.05
C LEU A 45 -4.51 -5.06 -5.52
N HIS A 46 -4.42 -3.85 -6.08
CA HIS A 46 -5.60 -3.16 -6.58
C HIS A 46 -6.23 -3.90 -7.75
N GLN A 47 -5.40 -4.53 -8.56
CA GLN A 47 -5.87 -5.33 -9.69
C GLN A 47 -6.68 -6.53 -9.21
N ARG A 48 -6.21 -7.15 -8.14
CA ARG A 48 -6.90 -8.30 -7.56
C ARG A 48 -8.08 -7.86 -6.69
N GLY A 49 -8.09 -6.59 -6.32
CA GLY A 49 -9.23 -6.00 -5.63
C GLY A 49 -9.01 -6.01 -4.11
N VAL A 50 -7.76 -6.14 -3.70
CA VAL A 50 -7.42 -6.18 -2.28
C VAL A 50 -7.48 -4.79 -1.67
N ILE A 51 -6.95 -3.80 -2.40
CA ILE A 51 -6.91 -2.42 -1.91
C ILE A 51 -7.57 -1.48 -2.90
N TYR A 52 -7.89 -0.27 -2.44
CA TYR A 52 -8.47 0.75 -3.30
C TYR A 52 -7.59 2.00 -3.34
N ARG A 53 -7.42 2.55 -4.55
CA ARG A 53 -6.55 3.70 -4.74
C ARG A 53 -7.37 4.96 -5.03
N LYS A 54 -6.81 6.11 -4.64
CA LYS A 54 -7.45 7.39 -4.93
C LYS A 54 -6.43 8.52 -4.92
N TRP A 55 -6.79 9.65 -5.53
CA TRP A 55 -5.90 10.80 -5.62
C TRP A 55 -6.40 11.94 -4.74
N ARG A 56 -5.63 12.28 -3.71
CA ARG A 56 -5.98 13.38 -2.82
C ARG A 56 -5.27 14.67 -3.24
N HIS A 57 -6.02 15.75 -3.30
CA HIS A 57 -5.48 17.05 -3.71
C HIS A 57 -4.95 17.83 -2.52
N PHE A 58 -3.76 18.38 -2.66
CA PHE A 58 -3.10 19.12 -1.58
C PHE A 58 -2.08 20.10 -2.11
N SER A 59 -2.28 21.38 -1.83
CA SER A 59 -1.31 22.41 -2.21
C SER A 59 -1.10 22.43 -3.71
N GLY A 60 -2.15 22.14 -4.46
CA GLY A 60 -2.11 22.24 -5.92
C GLY A 60 -1.55 20.97 -6.55
N ARG A 61 -1.21 20.00 -5.70
CA ARG A 61 -0.60 18.76 -6.16
C ARG A 61 -1.45 17.55 -5.80
N LYS A 62 -1.39 16.52 -6.63
CA LYS A 62 -2.14 15.29 -6.37
C LYS A 62 -1.24 14.23 -5.76
N TYR A 63 -1.73 13.58 -4.71
CA TYR A 63 -0.97 12.55 -4.02
C TYR A 63 -1.75 11.25 -3.93
N ARG A 64 -1.11 10.15 -4.32
CA ARG A 64 -1.76 8.84 -4.31
C ARG A 64 -1.93 8.32 -2.90
N GLU A 65 -3.15 7.91 -2.55
CA GLU A 65 -3.40 7.22 -1.30
C GLU A 65 -4.02 5.85 -1.53
N TYR A 66 -3.64 4.88 -0.70
CA TYR A 66 -4.11 3.52 -0.84
C TYR A 66 -4.73 3.01 0.45
N CYS A 67 -5.92 2.43 0.34
CA CYS A 67 -6.69 1.99 1.51
C CYS A 67 -7.15 0.55 1.36
N LEU A 68 -6.93 -0.24 2.40
CA LEU A 68 -7.31 -1.65 2.39
C LEU A 68 -8.81 -1.80 2.16
N LYS A 69 -9.19 -2.57 1.15
CA LYS A 69 -10.58 -2.77 0.80
C LYS A 69 -11.12 -4.08 1.37
N HIS A 70 -10.33 -5.15 1.20
CA HIS A 70 -10.71 -6.47 1.71
C HIS A 70 -9.74 -6.92 2.79
N ARG A 71 -10.20 -6.93 4.04
CA ARG A 71 -9.41 -7.44 5.14
C ARG A 71 -9.23 -8.95 5.02
N ASP A 72 -10.22 -9.63 4.48
CA ASP A 72 -10.17 -11.08 4.31
C ASP A 72 -9.13 -11.47 3.27
N GLU A 73 -9.04 -10.69 2.20
CA GLU A 73 -8.07 -10.95 1.13
C GLU A 73 -6.65 -10.69 1.61
N LEU A 74 -6.50 -9.67 2.46
CA LEU A 74 -5.21 -9.39 3.08
C LEU A 74 -4.77 -10.53 3.98
N ALA A 75 -5.70 -11.05 4.78
CA ALA A 75 -5.42 -12.18 5.65
C ALA A 75 -5.06 -13.42 4.84
N ASP A 76 -5.72 -13.58 3.70
CA ASP A 76 -5.42 -14.69 2.80
C ASP A 76 -4.00 -14.58 2.24
N LEU A 77 -3.58 -13.35 1.94
CA LEU A 77 -2.23 -13.09 1.45
C LEU A 77 -1.19 -13.40 2.52
N GLU A 78 -1.51 -13.06 3.76
CA GLU A 78 -0.63 -13.35 4.89
C GLU A 78 -0.52 -14.84 5.14
N HIS A 79 -1.65 -15.54 5.03
CA HIS A 79 -1.70 -16.97 5.31
C HIS A 79 -1.19 -17.78 4.12
N LYS A 3 11.84 -6.38 8.89
CA LYS A 3 11.15 -6.12 7.63
C LYS A 3 11.62 -7.07 6.54
N ALA A 4 12.89 -7.47 6.61
CA ALA A 4 13.49 -8.31 5.58
C ALA A 4 12.83 -9.69 5.54
N LYS A 5 12.32 -10.12 6.69
CA LYS A 5 11.63 -11.40 6.78
C LYS A 5 10.33 -11.38 5.97
N LEU A 6 9.72 -10.21 5.87
CA LEU A 6 8.50 -10.04 5.09
C LEU A 6 8.81 -9.67 3.64
N SER A 7 7.94 -10.08 2.73
CA SER A 7 8.02 -9.63 1.35
C SER A 7 7.60 -8.17 1.21
N LEU A 8 7.79 -7.62 0.02
CA LEU A 8 7.34 -6.26 -0.27
C LEU A 8 5.82 -6.15 -0.17
N THR A 9 5.13 -7.23 -0.52
CA THR A 9 3.67 -7.25 -0.49
C THR A 9 3.15 -7.45 0.92
N GLN A 10 3.85 -8.24 1.71
CA GLN A 10 3.52 -8.43 3.11
C GLN A 10 3.73 -7.13 3.90
N LEU A 11 4.81 -6.42 3.58
CA LEU A 11 5.09 -5.14 4.22
C LEU A 11 4.03 -4.11 3.86
N ILE A 12 3.65 -4.06 2.58
CA ILE A 12 2.61 -3.16 2.13
C ILE A 12 1.29 -3.44 2.83
N LEU A 13 0.85 -4.69 2.77
CA LEU A 13 -0.48 -5.06 3.24
C LEU A 13 -0.60 -4.85 4.74
N ILE A 14 0.41 -5.27 5.48
CA ILE A 14 0.40 -5.15 6.94
C ILE A 14 0.48 -3.70 7.38
N ARG A 15 1.31 -2.93 6.69
CA ARG A 15 1.44 -1.50 6.99
C ARG A 15 0.12 -0.78 6.77
N LEU A 16 -0.57 -1.12 5.69
CA LEU A 16 -1.85 -0.50 5.36
C LEU A 16 -2.95 -1.00 6.30
N SER A 17 -2.78 -2.22 6.80
CA SER A 17 -3.70 -2.76 7.79
C SER A 17 -3.55 -2.05 9.13
N ASN A 18 -2.31 -1.74 9.49
CA ASN A 18 -2.02 -1.12 10.77
C ASN A 18 -2.51 0.31 10.82
N ARG A 19 -2.22 1.07 9.77
CA ARG A 19 -2.44 2.52 9.78
C ARG A 19 -3.58 2.90 8.86
N GLY A 20 -4.18 1.91 8.22
CA GLY A 20 -5.40 2.13 7.44
C GLY A 20 -5.07 2.49 5.99
N CYS A 21 -4.28 3.54 5.82
CA CYS A 21 -3.90 4.01 4.49
C CYS A 21 -2.60 4.79 4.53
N GLN A 22 -1.74 4.56 3.54
CA GLN A 22 -0.45 5.25 3.46
C GLN A 22 -0.24 5.85 2.08
N THR A 23 0.66 6.82 1.99
CA THR A 23 1.06 7.39 0.71
C THR A 23 2.05 6.47 -0.02
N LEU A 24 2.15 6.66 -1.33
CA LEU A 24 3.15 5.96 -2.11
C LEU A 24 4.55 6.15 -1.53
N GLU A 25 4.85 7.37 -1.10
CA GLU A 25 6.15 7.70 -0.56
C GLU A 25 6.40 6.98 0.77
N GLU A 26 5.39 6.98 1.62
CA GLU A 26 5.49 6.31 2.92
C GLU A 26 5.74 4.82 2.74
N LEU A 27 5.07 4.22 1.76
CA LEU A 27 5.24 2.81 1.47
C LEU A 27 6.64 2.52 0.94
N GLU A 28 7.16 3.43 0.12
CA GLU A 28 8.50 3.28 -0.43
C GLU A 28 9.55 3.34 0.66
N GLU A 29 9.38 4.27 1.59
CA GLU A 29 10.33 4.45 2.69
C GLU A 29 10.18 3.35 3.74
N PHE A 30 8.95 2.89 3.93
CA PHE A 30 8.68 1.81 4.87
C PHE A 30 9.41 0.54 4.47
N THR A 31 9.36 0.22 3.17
CA THR A 31 10.00 -1.00 2.66
C THR A 31 11.45 -0.71 2.26
N GLN A 32 11.80 0.57 2.18
CA GLN A 32 13.11 0.97 1.68
C GLN A 32 13.41 0.33 0.33
N ALA A 33 12.51 0.57 -0.64
CA ALA A 33 12.61 -0.07 -1.94
C ALA A 33 12.55 0.96 -3.06
N LYS A 34 12.90 0.53 -4.27
CA LYS A 34 12.79 1.38 -5.45
C LYS A 34 11.32 1.70 -5.75
N ARG A 35 11.07 2.95 -6.12
CA ARG A 35 9.72 3.40 -6.41
C ARG A 35 9.04 2.50 -7.45
N GLU A 36 9.76 2.22 -8.53
CA GLU A 36 9.23 1.40 -9.62
C GLU A 36 8.92 -0.01 -9.14
N VAL A 37 9.85 -0.58 -8.38
CA VAL A 37 9.66 -1.92 -7.82
C VAL A 37 8.47 -1.96 -6.88
N LEU A 38 8.32 -0.91 -6.09
CA LEU A 38 7.14 -0.76 -5.23
C LEU A 38 5.86 -0.77 -6.05
N LEU A 39 5.86 -0.01 -7.13
CA LEU A 39 4.66 0.13 -7.97
C LEU A 39 4.30 -1.19 -8.63
N VAL A 40 5.31 -2.00 -8.91
CA VAL A 40 5.09 -3.33 -9.47
C VAL A 40 4.30 -4.22 -8.50
N THR A 41 4.72 -4.21 -7.24
CA THR A 41 4.09 -5.05 -6.22
C THR A 41 2.72 -4.48 -5.83
N LEU A 42 2.57 -3.17 -5.92
CA LEU A 42 1.29 -2.53 -5.72
C LEU A 42 0.33 -2.83 -6.86
N THR A 43 0.86 -2.86 -8.08
CA THR A 43 0.06 -3.18 -9.25
C THR A 43 -0.45 -4.62 -9.21
N ARG A 44 0.43 -5.53 -8.79
CA ARG A 44 0.08 -6.94 -8.70
C ARG A 44 -1.02 -7.18 -7.69
N LEU A 45 -0.93 -6.51 -6.55
CA LEU A 45 -1.97 -6.58 -5.52
C LEU A 45 -3.28 -5.98 -6.03
N HIS A 46 -3.17 -4.89 -6.78
CA HIS A 46 -4.35 -4.21 -7.32
C HIS A 46 -5.04 -5.07 -8.37
N GLN A 47 -4.25 -5.72 -9.22
CA GLN A 47 -4.79 -6.61 -10.23
C GLN A 47 -5.46 -7.82 -9.60
N ARG A 48 -4.96 -8.23 -8.44
CA ARG A 48 -5.59 -9.30 -7.67
C ARG A 48 -6.88 -8.82 -7.02
N GLY A 49 -7.05 -7.51 -6.94
CA GLY A 49 -8.26 -6.92 -6.37
C GLY A 49 -8.17 -6.78 -4.87
N VAL A 50 -6.93 -6.74 -4.36
CA VAL A 50 -6.70 -6.69 -2.92
C VAL A 50 -6.68 -5.24 -2.43
N ILE A 51 -5.99 -4.38 -3.16
CA ILE A 51 -5.81 -2.99 -2.75
C ILE A 51 -6.30 -2.03 -3.82
N TYR A 52 -6.44 -0.76 -3.45
CA TYR A 52 -6.81 0.27 -4.41
C TYR A 52 -6.09 1.58 -4.12
N ARG A 53 -6.17 2.52 -5.05
CA ARG A 53 -5.47 3.79 -4.93
C ARG A 53 -6.43 4.96 -5.03
N LYS A 54 -6.13 6.03 -4.30
CA LYS A 54 -6.93 7.25 -4.37
C LYS A 54 -6.04 8.49 -4.47
N TRP A 55 -6.48 9.48 -5.21
CA TRP A 55 -5.75 10.74 -5.35
C TRP A 55 -6.37 11.83 -4.51
N ARG A 56 -5.70 12.19 -3.42
CA ARG A 56 -6.14 13.29 -2.56
C ARG A 56 -5.64 14.62 -3.08
N HIS A 57 -6.55 15.44 -3.58
CA HIS A 57 -6.21 16.77 -4.09
C HIS A 57 -6.04 17.77 -2.96
N PHE A 58 -4.87 17.73 -2.32
CA PHE A 58 -4.61 18.57 -1.16
C PHE A 58 -3.63 19.68 -1.49
N SER A 59 -4.01 20.91 -1.15
CA SER A 59 -3.17 22.07 -1.44
C SER A 59 -2.84 22.16 -2.91
N GLY A 60 -3.78 21.76 -3.75
CA GLY A 60 -3.62 21.89 -5.20
C GLY A 60 -2.70 20.79 -5.74
N ARG A 61 -2.51 19.74 -4.94
CA ARG A 61 -1.64 18.63 -5.33
C ARG A 61 -2.30 17.29 -5.07
N LYS A 62 -2.30 16.43 -6.08
CA LYS A 62 -2.94 15.13 -5.98
C LYS A 62 -1.98 14.07 -5.47
N TYR A 63 -2.09 13.77 -4.17
CA TYR A 63 -1.21 12.79 -3.54
C TYR A 63 -1.79 11.39 -3.65
N ARG A 64 -0.94 10.43 -4.04
CA ARG A 64 -1.39 9.06 -4.27
C ARG A 64 -1.32 8.24 -2.98
N GLU A 65 -2.47 7.72 -2.56
CA GLU A 65 -2.54 6.88 -1.37
C GLU A 65 -3.08 5.50 -1.70
N TYR A 66 -2.64 4.49 -0.93
CA TYR A 66 -3.09 3.12 -1.15
C TYR A 66 -3.79 2.58 0.10
N CYS A 67 -4.78 1.72 -0.12
CA CYS A 67 -5.49 1.09 0.98
C CYS A 67 -6.14 -0.22 0.55
N LEU A 68 -6.29 -1.15 1.48
CA LEU A 68 -6.86 -2.45 1.19
C LEU A 68 -8.38 -2.36 0.99
N LYS A 69 -8.89 -3.09 0.00
CA LYS A 69 -10.32 -3.24 -0.18
C LYS A 69 -10.84 -4.46 0.58
N HIS A 70 -10.04 -5.52 0.61
CA HIS A 70 -10.44 -6.76 1.27
C HIS A 70 -10.48 -6.59 2.78
N ARG A 71 -11.68 -6.43 3.32
CA ARG A 71 -11.87 -6.36 4.76
C ARG A 71 -11.51 -7.67 5.43
N ASP A 72 -11.70 -8.77 4.70
CA ASP A 72 -11.32 -10.09 5.21
C ASP A 72 -9.81 -10.19 5.41
N GLU A 73 -9.06 -9.62 4.46
CA GLU A 73 -7.61 -9.61 4.56
C GLU A 73 -7.14 -8.65 5.65
N LEU A 74 -7.81 -7.51 5.77
CA LEU A 74 -7.53 -6.56 6.83
C LEU A 74 -7.70 -7.21 8.21
N ALA A 75 -8.76 -7.97 8.37
CA ALA A 75 -9.01 -8.68 9.62
C ALA A 75 -7.93 -9.72 9.89
N ASP A 76 -7.59 -10.49 8.86
CA ASP A 76 -6.60 -11.55 9.00
C ASP A 76 -5.22 -10.99 9.33
N LEU A 77 -4.92 -9.82 8.76
CA LEU A 77 -3.63 -9.16 9.01
C LEU A 77 -3.56 -8.64 10.44
N GLU A 78 -4.69 -8.16 10.95
CA GLU A 78 -4.76 -7.70 12.33
C GLU A 78 -4.70 -8.88 13.31
N HIS A 79 -5.22 -10.02 12.88
CA HIS A 79 -5.19 -11.22 13.69
C HIS A 79 -3.78 -11.77 13.82
N LYS A 3 11.53 -14.69 6.30
CA LYS A 3 11.04 -14.54 4.94
C LYS A 3 10.13 -13.34 4.82
N ALA A 4 9.58 -12.89 5.95
CA ALA A 4 8.71 -11.72 5.97
C ALA A 4 9.47 -10.46 5.58
N LYS A 5 10.74 -10.40 5.97
CA LYS A 5 11.58 -9.26 5.65
C LYS A 5 12.02 -9.29 4.19
N LEU A 6 12.03 -10.49 3.61
CA LEU A 6 12.47 -10.66 2.23
C LEU A 6 11.33 -10.37 1.26
N SER A 7 10.12 -10.78 1.62
CA SER A 7 8.96 -10.60 0.77
C SER A 7 8.42 -9.18 0.87
N LEU A 8 8.53 -8.43 -0.23
CA LEU A 8 7.95 -7.09 -0.30
C LEU A 8 6.43 -7.15 -0.23
N THR A 9 5.85 -8.20 -0.81
CA THR A 9 4.41 -8.43 -0.71
C THR A 9 3.97 -8.53 0.74
N GLN A 10 4.69 -9.31 1.53
CA GLN A 10 4.39 -9.48 2.95
C GLN A 10 4.57 -8.16 3.70
N LEU A 11 5.65 -7.46 3.40
CA LEU A 11 5.96 -6.20 4.07
C LEU A 11 4.86 -5.18 3.83
N ILE A 12 4.34 -5.13 2.61
CA ILE A 12 3.23 -4.24 2.28
C ILE A 12 2.04 -4.51 3.19
N LEU A 13 1.72 -5.78 3.41
CA LEU A 13 0.56 -6.15 4.20
C LEU A 13 0.84 -6.05 5.69
N ILE A 14 2.12 -6.13 6.06
CA ILE A 14 2.54 -5.89 7.43
C ILE A 14 2.36 -4.42 7.79
N ARG A 15 2.68 -3.53 6.87
CA ARG A 15 2.47 -2.10 7.07
C ARG A 15 0.98 -1.76 7.04
N LEU A 16 0.25 -2.41 6.14
CA LEU A 16 -1.18 -2.16 5.99
C LEU A 16 -1.99 -3.07 6.90
N SER A 17 -1.29 -3.79 7.78
CA SER A 17 -1.94 -4.49 8.89
C SER A 17 -2.45 -3.50 9.93
N ASN A 18 -1.58 -2.57 10.33
CA ASN A 18 -1.96 -1.52 11.28
C ASN A 18 -2.52 -0.31 10.56
N ARG A 19 -1.95 0.01 9.41
CA ARG A 19 -2.39 1.16 8.64
C ARG A 19 -3.48 0.77 7.64
N GLY A 20 -4.36 1.73 7.33
CA GLY A 20 -5.47 1.48 6.43
C GLY A 20 -5.15 1.92 5.01
N CYS A 21 -4.18 2.81 4.89
CA CYS A 21 -3.79 3.33 3.58
C CYS A 21 -2.44 4.05 3.65
N GLN A 22 -1.51 3.63 2.82
CA GLN A 22 -0.19 4.25 2.75
C GLN A 22 0.19 4.60 1.32
N THR A 23 1.14 5.51 1.16
CA THR A 23 1.61 5.91 -0.15
C THR A 23 2.74 5.01 -0.62
N LEU A 24 3.11 5.15 -1.89
CA LEU A 24 4.27 4.45 -2.44
C LEU A 24 5.54 4.85 -1.72
N GLU A 25 5.65 6.12 -1.35
CA GLU A 25 6.83 6.64 -0.70
C GLU A 25 6.92 6.17 0.74
N GLU A 26 5.78 6.11 1.41
CA GLU A 26 5.71 5.59 2.77
C GLU A 26 6.06 4.11 2.82
N LEU A 27 5.53 3.35 1.87
CA LEU A 27 5.84 1.93 1.76
C LEU A 27 7.27 1.71 1.29
N GLU A 28 7.77 2.63 0.48
CA GLU A 28 9.16 2.59 0.04
C GLU A 28 10.11 2.65 1.23
N GLU A 29 9.88 3.62 2.11
CA GLU A 29 10.72 3.81 3.29
C GLU A 29 10.57 2.65 4.27
N PHE A 30 9.36 2.13 4.39
CA PHE A 30 9.09 0.98 5.24
C PHE A 30 9.89 -0.23 4.78
N THR A 31 9.84 -0.51 3.48
CA THR A 31 10.50 -1.69 2.93
C THR A 31 11.98 -1.42 2.66
N GLN A 32 12.33 -0.14 2.58
CA GLN A 32 13.70 0.26 2.24
C GLN A 32 14.15 -0.38 0.93
N ALA A 33 13.25 -0.42 -0.04
CA ALA A 33 13.49 -1.16 -1.28
C ALA A 33 13.32 -0.26 -2.49
N LYS A 34 13.65 -0.79 -3.67
CA LYS A 34 13.54 -0.03 -4.91
C LYS A 34 12.09 0.36 -5.19
N ARG A 35 11.88 1.64 -5.47
CA ARG A 35 10.54 2.15 -5.72
C ARG A 35 9.86 1.40 -6.86
N GLU A 36 10.60 1.18 -7.94
CA GLU A 36 10.04 0.53 -9.13
C GLU A 36 9.52 -0.86 -8.80
N VAL A 37 10.34 -1.66 -8.12
CA VAL A 37 9.98 -3.03 -7.79
C VAL A 37 8.78 -3.07 -6.85
N LEU A 38 8.81 -2.22 -5.83
CA LEU A 38 7.70 -2.10 -4.90
C LEU A 38 6.41 -1.74 -5.63
N LEU A 39 6.50 -0.79 -6.55
CA LEU A 39 5.33 -0.34 -7.32
C LEU A 39 4.72 -1.49 -8.11
N VAL A 40 5.58 -2.31 -8.70
CA VAL A 40 5.13 -3.47 -9.46
C VAL A 40 4.36 -4.44 -8.58
N THR A 41 4.89 -4.69 -7.38
CA THR A 41 4.23 -5.56 -6.42
C THR A 41 2.87 -5.00 -6.00
N LEU A 42 2.82 -3.69 -5.80
CA LEU A 42 1.57 -3.02 -5.43
C LEU A 42 0.55 -3.12 -6.55
N THR A 43 1.01 -3.00 -7.79
CA THR A 43 0.15 -3.15 -8.95
C THR A 43 -0.39 -4.57 -9.06
N ARG A 44 0.47 -5.55 -8.77
CA ARG A 44 0.08 -6.95 -8.83
C ARG A 44 -0.98 -7.27 -7.78
N LEU A 45 -0.84 -6.67 -6.60
CA LEU A 45 -1.81 -6.84 -5.53
C LEU A 45 -3.14 -6.17 -5.88
N HIS A 46 -3.05 -5.02 -6.53
CA HIS A 46 -4.24 -4.34 -7.02
C HIS A 46 -5.02 -5.19 -8.01
N GLN A 47 -4.30 -5.83 -8.92
CA GLN A 47 -4.91 -6.75 -9.88
C GLN A 47 -5.46 -7.99 -9.20
N ARG A 48 -4.76 -8.43 -8.15
CA ARG A 48 -5.22 -9.58 -7.37
C ARG A 48 -6.47 -9.25 -6.58
N GLY A 49 -6.61 -7.98 -6.20
CA GLY A 49 -7.73 -7.54 -5.39
C GLY A 49 -7.40 -7.59 -3.90
N VAL A 50 -6.10 -7.57 -3.59
CA VAL A 50 -5.64 -7.56 -2.22
C VAL A 50 -5.66 -6.16 -1.62
N ILE A 51 -5.14 -5.20 -2.37
CA ILE A 51 -5.27 -3.78 -2.02
C ILE A 51 -5.88 -2.99 -3.17
N TYR A 52 -6.42 -1.82 -2.85
CA TYR A 52 -7.03 -0.96 -3.86
C TYR A 52 -6.20 0.29 -4.08
N ARG A 53 -5.91 0.59 -5.35
CA ARG A 53 -5.29 1.85 -5.72
C ARG A 53 -6.30 2.99 -5.73
N LYS A 54 -5.95 4.09 -5.06
CA LYS A 54 -6.87 5.21 -4.92
C LYS A 54 -6.11 6.53 -4.90
N TRP A 55 -6.66 7.53 -5.58
CA TRP A 55 -6.01 8.84 -5.68
C TRP A 55 -6.65 9.83 -4.72
N ARG A 56 -5.83 10.75 -4.21
CA ARG A 56 -6.31 11.77 -3.29
C ARG A 56 -5.56 13.09 -3.48
N HIS A 57 -6.31 14.17 -3.61
CA HIS A 57 -5.72 15.50 -3.76
C HIS A 57 -5.62 16.22 -2.42
N PHE A 58 -4.40 16.60 -2.05
CA PHE A 58 -4.17 17.36 -0.83
C PHE A 58 -2.84 18.08 -0.87
N SER A 59 -2.72 19.14 -0.07
CA SER A 59 -1.51 19.97 -0.06
C SER A 59 -1.25 20.60 -1.42
N GLY A 60 -2.32 20.76 -2.20
CA GLY A 60 -2.24 21.47 -3.47
C GLY A 60 -1.78 20.56 -4.60
N ARG A 61 -1.65 19.27 -4.28
CA ARG A 61 -1.11 18.30 -5.23
C ARG A 61 -1.90 16.99 -5.19
N LYS A 62 -1.96 16.31 -6.32
CA LYS A 62 -2.63 15.01 -6.40
C LYS A 62 -1.65 13.86 -6.15
N TYR A 63 -1.97 13.05 -5.15
CA TYR A 63 -1.08 11.96 -4.75
C TYR A 63 -1.74 10.60 -4.95
N ARG A 64 -0.92 9.58 -5.17
CA ARG A 64 -1.41 8.21 -5.28
C ARG A 64 -1.28 7.47 -3.96
N GLU A 65 -2.37 6.84 -3.53
CA GLU A 65 -2.37 6.08 -2.28
C GLU A 65 -2.77 4.63 -2.53
N TYR A 66 -2.31 3.73 -1.66
CA TYR A 66 -2.73 2.34 -1.69
C TYR A 66 -3.37 1.93 -0.37
N CYS A 67 -4.64 1.55 -0.44
CA CYS A 67 -5.42 1.25 0.76
C CYS A 67 -5.91 -0.19 0.77
N LEU A 68 -6.39 -0.64 1.92
CA LEU A 68 -6.91 -2.00 2.05
C LEU A 68 -8.11 -2.22 1.15
N LYS A 69 -8.32 -3.47 0.73
CA LYS A 69 -9.49 -3.83 -0.04
C LYS A 69 -10.77 -3.66 0.76
N HIS A 70 -10.63 -3.59 2.08
CA HIS A 70 -11.76 -3.39 2.97
C HIS A 70 -12.39 -2.02 2.77
N ARG A 71 -13.64 -1.87 3.20
CA ARG A 71 -14.33 -0.60 3.12
C ARG A 71 -13.41 0.56 3.49
N ASP A 72 -13.37 1.58 2.65
CA ASP A 72 -12.48 2.71 2.85
C ASP A 72 -12.70 3.34 4.22
N GLU A 73 -13.96 3.48 4.61
CA GLU A 73 -14.31 4.04 5.91
C GLU A 73 -13.82 3.15 7.04
N LEU A 74 -13.96 1.84 6.85
CA LEU A 74 -13.47 0.87 7.83
C LEU A 74 -11.94 0.93 7.94
N ALA A 75 -11.27 1.07 6.81
CA ALA A 75 -9.82 1.18 6.78
C ALA A 75 -9.34 2.44 7.48
N ASP A 76 -10.10 3.52 7.32
CA ASP A 76 -9.79 4.78 8.00
C ASP A 76 -9.96 4.64 9.51
N LEU A 77 -10.97 3.90 9.92
CA LEU A 77 -11.21 3.65 11.35
C LEU A 77 -10.09 2.81 11.96
N GLU A 78 -9.60 1.85 11.18
CA GLU A 78 -8.53 0.98 11.64
C GLU A 78 -7.15 1.61 11.42
N HIS A 79 -7.10 2.58 10.52
CA HIS A 79 -5.84 3.22 10.15
C HIS A 79 -5.08 3.67 11.40
N LYS A 3 12.53 -5.62 8.15
CA LYS A 3 11.75 -5.34 6.95
C LYS A 3 12.13 -6.29 5.83
N ALA A 4 13.44 -6.50 5.65
CA ALA A 4 13.95 -7.26 4.51
C ALA A 4 13.45 -8.70 4.56
N LYS A 5 13.14 -9.18 5.76
CA LYS A 5 12.64 -10.53 5.94
C LYS A 5 11.28 -10.72 5.26
N LEU A 6 10.52 -9.63 5.16
CA LEU A 6 9.20 -9.67 4.54
C LEU A 6 9.29 -9.30 3.07
N SER A 7 8.30 -9.75 2.29
CA SER A 7 8.26 -9.46 0.86
C SER A 7 7.82 -8.03 0.61
N LEU A 8 7.89 -7.62 -0.66
CA LEU A 8 7.41 -6.30 -1.06
C LEU A 8 5.90 -6.18 -0.86
N THR A 9 5.20 -7.30 -1.02
CA THR A 9 3.75 -7.32 -0.90
C THR A 9 3.32 -7.35 0.57
N GLN A 10 4.06 -8.10 1.37
CA GLN A 10 3.78 -8.19 2.80
C GLN A 10 4.00 -6.86 3.49
N LEU A 11 5.10 -6.19 3.14
CA LEU A 11 5.45 -4.91 3.76
C LEU A 11 4.42 -3.85 3.42
N ILE A 12 4.02 -3.80 2.16
CA ILE A 12 3.01 -2.83 1.70
C ILE A 12 1.68 -3.06 2.40
N LEU A 13 1.25 -4.31 2.44
CA LEU A 13 -0.08 -4.64 2.96
C LEU A 13 -0.16 -4.38 4.46
N ILE A 14 0.94 -4.66 5.16
CA ILE A 14 1.01 -4.38 6.59
C ILE A 14 0.93 -2.89 6.87
N ARG A 15 1.62 -2.10 6.07
CA ARG A 15 1.58 -0.64 6.19
C ARG A 15 0.18 -0.11 5.90
N LEU A 16 -0.47 -0.69 4.90
CA LEU A 16 -1.80 -0.26 4.49
C LEU A 16 -2.86 -0.79 5.46
N SER A 17 -2.51 -1.83 6.21
CA SER A 17 -3.37 -2.33 7.28
C SER A 17 -3.30 -1.43 8.51
N ASN A 18 -2.13 -0.85 8.73
CA ASN A 18 -1.92 0.02 9.89
C ASN A 18 -2.48 1.41 9.65
N ARG A 19 -2.38 1.89 8.41
CA ARG A 19 -2.73 3.26 8.08
C ARG A 19 -4.00 3.33 7.25
N GLY A 20 -4.28 2.26 6.53
CA GLY A 20 -5.46 2.21 5.66
C GLY A 20 -5.11 2.59 4.23
N CYS A 21 -4.37 3.68 4.08
CA CYS A 21 -4.00 4.18 2.75
C CYS A 21 -2.74 5.04 2.82
N GLN A 22 -1.77 4.72 1.98
CA GLN A 22 -0.49 5.43 1.98
C GLN A 22 -0.06 5.80 0.57
N THR A 23 0.84 6.77 0.47
CA THR A 23 1.42 7.13 -0.82
C THR A 23 2.53 6.17 -1.21
N LEU A 24 2.97 6.26 -2.46
CA LEU A 24 4.11 5.49 -2.93
C LEU A 24 5.36 5.78 -2.11
N GLU A 25 5.53 7.06 -1.75
CA GLU A 25 6.70 7.49 -0.99
C GLU A 25 6.61 7.01 0.45
N GLU A 26 5.41 7.04 1.01
CA GLU A 26 5.18 6.55 2.37
C GLU A 26 5.34 5.03 2.44
N LEU A 27 4.94 4.35 1.37
CA LEU A 27 5.17 2.91 1.25
C LEU A 27 6.63 2.62 0.95
N GLU A 28 7.30 3.56 0.30
CA GLU A 28 8.73 3.45 0.06
C GLU A 28 9.53 3.49 1.36
N GLU A 29 9.09 4.36 2.27
CA GLU A 29 9.76 4.50 3.56
C GLU A 29 9.65 3.22 4.38
N PHE A 30 8.43 2.68 4.48
CA PHE A 30 8.18 1.48 5.27
C PHE A 30 8.81 0.25 4.60
N THR A 31 8.50 0.05 3.34
CA THR A 31 8.95 -1.13 2.62
C THR A 31 10.45 -1.07 2.36
N GLN A 32 10.97 0.13 2.16
CA GLN A 32 12.39 0.33 1.88
C GLN A 32 12.79 -0.36 0.58
N ALA A 33 12.18 0.06 -0.53
CA ALA A 33 12.44 -0.55 -1.82
C ALA A 33 12.36 0.49 -2.93
N LYS A 34 12.73 0.08 -4.14
CA LYS A 34 12.66 0.96 -5.30
C LYS A 34 11.22 1.26 -5.70
N ARG A 35 10.98 2.45 -6.23
CA ARG A 35 9.64 2.85 -6.64
C ARG A 35 9.13 1.99 -7.79
N GLU A 36 10.06 1.52 -8.62
CA GLU A 36 9.72 0.64 -9.73
C GLU A 36 9.08 -0.66 -9.23
N VAL A 37 9.78 -1.35 -8.33
CA VAL A 37 9.36 -2.65 -7.87
C VAL A 37 8.16 -2.54 -6.92
N LEU A 38 8.02 -1.38 -6.29
CA LEU A 38 6.84 -1.08 -5.49
C LEU A 38 5.59 -0.99 -6.37
N LEU A 39 5.71 -0.27 -7.48
CA LEU A 39 4.59 -0.11 -8.39
C LEU A 39 4.20 -1.42 -9.06
N VAL A 40 5.20 -2.28 -9.27
CA VAL A 40 4.96 -3.62 -9.79
C VAL A 40 4.06 -4.43 -8.86
N THR A 41 4.39 -4.42 -7.58
CA THR A 41 3.66 -5.22 -6.60
C THR A 41 2.35 -4.56 -6.22
N LEU A 42 2.31 -3.23 -6.32
CA LEU A 42 1.07 -2.48 -6.12
C LEU A 42 0.07 -2.77 -7.23
N THR A 43 0.55 -2.88 -8.45
CA THR A 43 -0.28 -3.27 -9.58
C THR A 43 -0.78 -4.70 -9.42
N ARG A 44 0.11 -5.60 -8.99
CA ARG A 44 -0.24 -7.00 -8.79
C ARG A 44 -1.31 -7.14 -7.71
N LEU A 45 -1.16 -6.40 -6.61
CA LEU A 45 -2.12 -6.43 -5.53
C LEU A 45 -3.47 -5.90 -5.99
N HIS A 46 -3.44 -4.83 -6.77
CA HIS A 46 -4.67 -4.23 -7.30
C HIS A 46 -5.39 -5.19 -8.24
N GLN A 47 -4.63 -5.86 -9.09
CA GLN A 47 -5.19 -6.81 -10.03
C GLN A 47 -5.77 -8.03 -9.30
N ARG A 48 -5.21 -8.34 -8.14
CA ARG A 48 -5.69 -9.44 -7.33
C ARG A 48 -6.91 -9.03 -6.51
N GLY A 49 -7.24 -7.74 -6.55
CA GLY A 49 -8.42 -7.23 -5.86
C GLY A 49 -8.12 -7.00 -4.38
N VAL A 50 -6.87 -6.66 -4.07
CA VAL A 50 -6.44 -6.45 -2.69
C VAL A 50 -6.44 -4.97 -2.34
N ILE A 51 -5.84 -4.16 -3.19
CA ILE A 51 -5.79 -2.71 -2.98
C ILE A 51 -6.38 -1.97 -4.18
N TYR A 52 -6.51 -0.66 -4.04
CA TYR A 52 -6.92 0.19 -5.15
C TYR A 52 -6.27 1.57 -5.06
N ARG A 53 -6.17 2.25 -6.20
CA ARG A 53 -5.58 3.59 -6.25
C ARG A 53 -6.66 4.66 -6.28
N LYS A 54 -6.43 5.74 -5.54
CA LYS A 54 -7.39 6.83 -5.46
C LYS A 54 -6.69 8.17 -5.31
N TRP A 55 -7.24 9.19 -5.96
CA TRP A 55 -6.72 10.55 -5.84
C TRP A 55 -7.20 11.21 -4.56
N ARG A 56 -6.31 11.95 -3.91
CA ARG A 56 -6.67 12.72 -2.72
C ARG A 56 -6.14 14.14 -2.80
N HIS A 57 -7.03 15.12 -2.66
CA HIS A 57 -6.63 16.53 -2.67
C HIS A 57 -5.88 16.90 -1.40
N PHE A 58 -4.78 17.62 -1.56
CA PHE A 58 -3.95 18.00 -0.43
C PHE A 58 -3.14 19.27 -0.73
N SER A 59 -3.40 20.32 0.04
CA SER A 59 -2.63 21.55 -0.06
C SER A 59 -2.68 22.11 -1.47
N GLY A 60 -3.82 21.96 -2.13
CA GLY A 60 -4.06 22.59 -3.42
C GLY A 60 -3.68 21.65 -4.56
N ARG A 61 -3.18 20.47 -4.21
CA ARG A 61 -2.72 19.51 -5.20
C ARG A 61 -3.22 18.11 -4.89
N LYS A 62 -3.75 17.44 -5.91
CA LYS A 62 -4.21 16.06 -5.77
C LYS A 62 -3.06 15.08 -5.98
N TYR A 63 -2.96 14.10 -5.08
CA TYR A 63 -1.90 13.10 -5.16
C TYR A 63 -2.48 11.69 -5.21
N ARG A 64 -1.74 10.77 -5.82
CA ARG A 64 -2.16 9.37 -5.91
C ARG A 64 -1.84 8.63 -4.63
N GLU A 65 -2.85 7.94 -4.08
CA GLU A 65 -2.66 7.12 -2.90
C GLU A 65 -3.12 5.69 -3.15
N TYR A 66 -2.51 4.73 -2.45
CA TYR A 66 -2.92 3.34 -2.52
C TYR A 66 -3.56 2.87 -1.23
N CYS A 67 -4.77 2.32 -1.32
CA CYS A 67 -5.55 1.98 -0.15
C CYS A 67 -5.89 0.49 -0.13
N LEU A 68 -5.86 -0.09 1.07
CA LEU A 68 -6.15 -1.51 1.23
C LEU A 68 -7.64 -1.75 1.42
N LYS A 69 -8.19 -2.68 0.65
CA LYS A 69 -9.62 -2.96 0.68
C LYS A 69 -10.00 -3.70 1.96
N HIS A 70 -9.11 -4.59 2.40
CA HIS A 70 -9.42 -5.47 3.53
C HIS A 70 -8.22 -5.57 4.48
N ARG A 71 -8.33 -4.92 5.63
CA ARG A 71 -7.27 -4.93 6.62
C ARG A 71 -6.83 -6.37 6.93
N ASP A 72 -5.52 -6.59 6.94
CA ASP A 72 -4.96 -7.91 7.21
C ASP A 72 -5.39 -8.41 8.59
N GLU A 73 -5.45 -7.49 9.55
CA GLU A 73 -5.96 -7.81 10.88
C GLU A 73 -7.38 -8.38 10.80
N LEU A 74 -8.25 -7.69 10.07
CA LEU A 74 -9.63 -8.11 9.92
C LEU A 74 -9.73 -9.45 9.21
N ALA A 75 -8.84 -9.66 8.24
CA ALA A 75 -8.78 -10.92 7.51
C ALA A 75 -8.42 -12.07 8.44
N ASP A 76 -7.43 -11.85 9.29
CA ASP A 76 -6.99 -12.86 10.24
C ASP A 76 -8.08 -13.18 11.26
N LEU A 77 -8.85 -12.15 11.63
CA LEU A 77 -9.97 -12.31 12.55
C LEU A 77 -11.07 -13.16 11.93
N GLU A 78 -11.28 -12.98 10.63
CA GLU A 78 -12.26 -13.79 9.89
C GLU A 78 -11.75 -15.20 9.68
N HIS A 79 -10.44 -15.35 9.57
CA HIS A 79 -9.83 -16.66 9.39
C HIS A 79 -9.83 -17.47 10.68
N LYS A 3 12.66 -5.10 8.59
CA LYS A 3 12.02 -4.75 7.33
C LYS A 3 12.51 -5.65 6.20
N ALA A 4 13.82 -5.90 6.18
CA ALA A 4 14.42 -6.72 5.14
C ALA A 4 13.94 -8.16 5.23
N LYS A 5 13.53 -8.58 6.42
CA LYS A 5 13.04 -9.93 6.64
C LYS A 5 11.71 -10.14 5.93
N LEU A 6 10.95 -9.06 5.75
CA LEU A 6 9.64 -9.15 5.11
C LEU A 6 9.75 -9.04 3.59
N SER A 7 8.87 -9.73 2.89
CA SER A 7 8.82 -9.65 1.43
C SER A 7 8.18 -8.35 0.98
N LEU A 8 8.16 -8.14 -0.34
CA LEU A 8 7.51 -6.97 -0.91
C LEU A 8 6.03 -6.93 -0.58
N THR A 9 5.41 -8.10 -0.51
CA THR A 9 3.97 -8.20 -0.25
C THR A 9 3.68 -8.20 1.24
N GLN A 10 4.59 -8.78 2.02
CA GLN A 10 4.46 -8.77 3.47
C GLN A 10 4.64 -7.37 4.04
N LEU A 11 5.62 -6.65 3.49
CA LEU A 11 5.87 -5.27 3.91
C LEU A 11 4.64 -4.40 3.75
N ILE A 12 4.02 -4.47 2.57
CA ILE A 12 2.87 -3.64 2.25
C ILE A 12 1.64 -4.06 3.06
N LEU A 13 1.36 -5.36 3.05
CA LEU A 13 0.12 -5.89 3.61
C LEU A 13 0.12 -5.77 5.13
N ILE A 14 1.29 -5.97 5.74
CA ILE A 14 1.44 -5.80 7.17
C ILE A 14 1.34 -4.33 7.57
N ARG A 15 1.87 -3.46 6.71
CA ARG A 15 1.73 -2.01 6.92
C ARG A 15 0.29 -1.58 6.80
N LEU A 16 -0.46 -2.23 5.90
CA LEU A 16 -1.88 -1.96 5.74
C LEU A 16 -2.67 -2.48 6.94
N SER A 17 -2.17 -3.55 7.56
CA SER A 17 -2.77 -4.08 8.77
C SER A 17 -2.69 -3.08 9.92
N ASN A 18 -1.54 -2.41 10.03
CA ASN A 18 -1.35 -1.39 11.05
C ASN A 18 -2.17 -0.14 10.75
N ARG A 19 -2.08 0.33 9.51
CA ARG A 19 -2.81 1.52 9.09
C ARG A 19 -3.45 1.32 7.72
N GLY A 20 -4.77 1.50 7.66
CA GLY A 20 -5.54 1.12 6.49
C GLY A 20 -5.08 1.88 5.25
N CYS A 21 -4.87 3.18 5.42
CA CYS A 21 -4.52 4.05 4.30
C CYS A 21 -3.13 4.64 4.47
N GLN A 22 -2.26 4.38 3.49
CA GLN A 22 -0.92 4.94 3.49
C GLN A 22 -0.58 5.56 2.15
N THR A 23 0.32 6.55 2.16
CA THR A 23 0.82 7.14 0.93
C THR A 23 1.98 6.34 0.36
N LEU A 24 2.40 6.69 -0.86
CA LEU A 24 3.54 6.04 -1.48
C LEU A 24 4.82 6.28 -0.69
N GLU A 25 4.96 7.49 -0.14
CA GLU A 25 6.14 7.85 0.64
C GLU A 25 6.15 7.10 1.97
N GLU A 26 4.99 6.99 2.60
CA GLU A 26 4.86 6.24 3.84
C GLU A 26 5.17 4.76 3.62
N LEU A 27 4.67 4.21 2.52
CA LEU A 27 4.94 2.83 2.14
C LEU A 27 6.41 2.65 1.77
N GLU A 28 7.00 3.67 1.15
CA GLU A 28 8.40 3.64 0.80
C GLU A 28 9.28 3.51 2.04
N GLU A 29 8.95 4.25 3.08
CA GLU A 29 9.72 4.25 4.31
C GLU A 29 9.72 2.88 4.97
N PHE A 30 8.54 2.26 5.02
CA PHE A 30 8.39 0.96 5.65
C PHE A 30 8.96 -0.16 4.76
N THR A 31 8.76 -0.02 3.46
CA THR A 31 9.15 -1.05 2.51
C THR A 31 10.67 -1.11 2.36
N GLN A 32 11.29 0.07 2.27
CA GLN A 32 12.73 0.16 2.04
C GLN A 32 13.13 -0.59 0.78
N ALA A 33 12.53 -0.23 -0.34
CA ALA A 33 12.86 -0.83 -1.63
C ALA A 33 12.79 0.20 -2.75
N LYS A 34 13.26 -0.20 -3.94
CA LYS A 34 13.20 0.66 -5.11
C LYS A 34 11.78 1.17 -5.36
N ARG A 35 11.65 2.45 -5.66
CA ARG A 35 10.35 3.07 -5.83
C ARG A 35 9.54 2.39 -6.92
N GLU A 36 10.21 2.03 -8.01
CA GLU A 36 9.58 1.31 -9.10
C GLU A 36 9.04 -0.04 -8.63
N VAL A 37 9.89 -0.79 -7.93
CA VAL A 37 9.51 -2.12 -7.44
C VAL A 37 8.33 -2.03 -6.50
N LEU A 38 8.33 -1.03 -5.62
CA LEU A 38 7.20 -0.77 -4.74
C LEU A 38 5.92 -0.55 -5.53
N LEU A 39 6.02 0.27 -6.58
CA LEU A 39 4.86 0.59 -7.41
C LEU A 39 4.35 -0.65 -8.13
N VAL A 40 5.26 -1.52 -8.53
CA VAL A 40 4.90 -2.76 -9.22
C VAL A 40 4.07 -3.66 -8.32
N THR A 41 4.55 -3.87 -7.10
CA THR A 41 3.86 -4.73 -6.15
C THR A 41 2.52 -4.14 -5.73
N LEU A 42 2.49 -2.83 -5.54
CA LEU A 42 1.25 -2.12 -5.23
C LEU A 42 0.26 -2.23 -6.39
N THR A 43 0.76 -2.16 -7.61
CA THR A 43 -0.06 -2.35 -8.79
C THR A 43 -0.62 -3.77 -8.85
N ARG A 44 0.19 -4.74 -8.47
CA ARG A 44 -0.22 -6.14 -8.45
C ARG A 44 -1.33 -6.36 -7.44
N LEU A 45 -1.22 -5.72 -6.28
CA LEU A 45 -2.26 -5.76 -5.27
C LEU A 45 -3.52 -5.01 -5.74
N HIS A 46 -3.31 -3.89 -6.42
CA HIS A 46 -4.41 -3.07 -6.91
C HIS A 46 -5.20 -3.79 -7.99
N GLN A 47 -4.49 -4.49 -8.86
CA GLN A 47 -5.13 -5.27 -9.92
C GLN A 47 -5.80 -6.53 -9.38
N ARG A 48 -5.20 -7.11 -8.35
CA ARG A 48 -5.77 -8.28 -7.69
C ARG A 48 -7.07 -7.94 -6.99
N GLY A 49 -7.17 -6.71 -6.48
CA GLY A 49 -8.36 -6.25 -5.79
C GLY A 49 -8.16 -6.21 -4.29
N VAL A 50 -6.95 -5.86 -3.86
CA VAL A 50 -6.63 -5.75 -2.45
C VAL A 50 -6.67 -4.30 -1.98
N ILE A 51 -6.08 -3.41 -2.77
CA ILE A 51 -6.03 -2.00 -2.43
C ILE A 51 -6.59 -1.13 -3.54
N TYR A 52 -6.88 0.13 -3.22
CA TYR A 52 -7.41 1.06 -4.21
C TYR A 52 -6.76 2.43 -4.07
N ARG A 53 -6.79 3.21 -5.15
CA ARG A 53 -6.19 4.53 -5.16
C ARG A 53 -7.19 5.61 -4.77
N LYS A 54 -6.90 6.32 -3.69
CA LYS A 54 -7.74 7.43 -3.25
C LYS A 54 -7.04 8.76 -3.46
N TRP A 55 -7.67 9.64 -4.23
CA TRP A 55 -7.08 10.92 -4.58
C TRP A 55 -7.56 12.01 -3.62
N ARG A 56 -6.60 12.69 -2.98
CA ARG A 56 -6.90 13.83 -2.13
C ARG A 56 -6.32 15.11 -2.72
N HIS A 57 -7.17 16.14 -2.82
CA HIS A 57 -6.74 17.44 -3.33
C HIS A 57 -5.74 18.11 -2.40
N PHE A 58 -4.66 18.64 -2.96
CA PHE A 58 -3.63 19.28 -2.17
C PHE A 58 -2.86 20.30 -2.99
N SER A 59 -2.93 21.57 -2.56
CA SER A 59 -2.14 22.63 -3.19
C SER A 59 -2.44 22.73 -4.68
N GLY A 60 -3.70 22.48 -5.05
CA GLY A 60 -4.15 22.70 -6.41
C GLY A 60 -4.08 21.41 -7.23
N ARG A 61 -3.54 20.36 -6.62
CA ARG A 61 -3.32 19.11 -7.32
C ARG A 61 -3.76 17.92 -6.47
N LYS A 62 -4.52 17.01 -7.08
CA LYS A 62 -4.95 15.80 -6.40
C LYS A 62 -3.89 14.70 -6.48
N TYR A 63 -3.48 14.19 -5.33
CA TYR A 63 -2.49 13.12 -5.28
C TYR A 63 -3.09 11.84 -4.68
N ARG A 64 -2.74 10.71 -5.27
CA ARG A 64 -3.28 9.42 -4.84
C ARG A 64 -2.63 8.96 -3.55
N GLU A 65 -3.36 8.14 -2.79
CA GLU A 65 -2.75 7.31 -1.76
C GLU A 65 -3.30 5.89 -1.79
N TYR A 66 -2.51 4.94 -1.28
CA TYR A 66 -2.83 3.53 -1.41
C TYR A 66 -3.55 3.02 -0.17
N CYS A 67 -4.83 2.68 -0.35
CA CYS A 67 -5.69 2.32 0.78
C CYS A 67 -6.15 0.88 0.68
N LEU A 68 -6.23 0.20 1.83
CA LEU A 68 -6.78 -1.15 1.87
C LEU A 68 -8.28 -1.14 1.63
N LYS A 69 -8.74 -2.05 0.77
CA LYS A 69 -10.16 -2.18 0.47
C LYS A 69 -10.93 -2.72 1.68
N HIS A 70 -10.53 -3.90 2.14
CA HIS A 70 -11.19 -4.53 3.28
C HIS A 70 -10.17 -5.21 4.19
N ARG A 71 -10.39 -5.09 5.50
CA ARG A 71 -9.54 -5.75 6.48
C ARG A 71 -9.84 -7.23 6.58
N ASP A 72 -11.07 -7.60 6.22
CA ASP A 72 -11.46 -9.00 6.16
C ASP A 72 -10.72 -9.74 5.05
N GLU A 73 -10.49 -9.04 3.94
CA GLU A 73 -9.70 -9.59 2.84
C GLU A 73 -8.23 -9.69 3.22
N LEU A 74 -7.74 -8.68 3.93
CA LEU A 74 -6.37 -8.69 4.44
C LEU A 74 -6.18 -9.80 5.47
N ALA A 75 -7.20 -10.03 6.29
CA ALA A 75 -7.18 -11.13 7.25
C ALA A 75 -6.93 -12.46 6.57
N ASP A 76 -7.55 -12.66 5.41
CA ASP A 76 -7.32 -13.85 4.61
C ASP A 76 -5.91 -13.87 4.05
N LEU A 77 -5.40 -12.70 3.68
CA LEU A 77 -4.03 -12.57 3.20
C LEU A 77 -3.03 -12.87 4.30
N GLU A 78 -3.40 -12.55 5.54
CA GLU A 78 -2.56 -12.85 6.69
C GLU A 78 -2.57 -14.33 7.02
N HIS A 79 -3.74 -14.95 6.87
CA HIS A 79 -3.88 -16.38 7.10
C HIS A 79 -2.91 -17.18 6.25
N LYS A 3 9.91 -13.39 6.67
CA LYS A 3 9.96 -13.06 5.26
C LYS A 3 9.21 -11.76 4.97
N ALA A 4 8.24 -11.46 5.83
CA ALA A 4 7.42 -10.27 5.66
C ALA A 4 8.26 -9.00 5.79
N LYS A 5 9.36 -9.10 6.53
CA LYS A 5 10.27 -7.97 6.71
C LYS A 5 11.02 -7.66 5.41
N LEU A 6 11.13 -8.66 4.55
CA LEU A 6 11.86 -8.51 3.30
C LEU A 6 10.91 -8.22 2.13
N SER A 7 9.71 -8.77 2.22
CA SER A 7 8.70 -8.57 1.18
C SER A 7 8.11 -7.16 1.25
N LEU A 8 8.28 -6.40 0.18
CA LEU A 8 7.71 -5.06 0.08
C LEU A 8 6.18 -5.12 0.05
N THR A 9 5.65 -6.16 -0.59
CA THR A 9 4.21 -6.37 -0.62
C THR A 9 3.63 -6.56 0.78
N GLN A 10 4.29 -7.40 1.57
CA GLN A 10 3.87 -7.65 2.94
C GLN A 10 3.96 -6.38 3.78
N LEU A 11 5.09 -5.68 3.66
CA LEU A 11 5.32 -4.47 4.43
C LEU A 11 4.22 -3.44 4.19
N ILE A 12 3.85 -3.26 2.91
CA ILE A 12 2.77 -2.35 2.56
C ILE A 12 1.48 -2.73 3.25
N LEU A 13 1.14 -4.01 3.21
CA LEU A 13 -0.14 -4.49 3.75
C LEU A 13 -0.14 -4.45 5.27
N ILE A 14 1.04 -4.60 5.87
CA ILE A 14 1.18 -4.55 7.31
C ILE A 14 0.84 -3.16 7.85
N ARG A 15 1.46 -2.15 7.27
CA ARG A 15 1.25 -0.77 7.69
C ARG A 15 -0.19 -0.33 7.42
N LEU A 16 -0.72 -0.72 6.27
CA LEU A 16 -2.05 -0.31 5.85
C LEU A 16 -3.12 -1.01 6.68
N SER A 17 -2.80 -2.21 7.17
CA SER A 17 -3.71 -2.95 8.04
C SER A 17 -3.86 -2.25 9.39
N ASN A 18 -2.74 -1.79 9.94
CA ASN A 18 -2.74 -1.17 11.25
C ASN A 18 -3.25 0.25 11.20
N ARG A 19 -2.87 0.99 10.16
CA ARG A 19 -3.15 2.40 10.07
C ARG A 19 -4.35 2.68 9.18
N GLY A 20 -4.77 1.67 8.43
CA GLY A 20 -5.95 1.77 7.59
C GLY A 20 -5.61 2.31 6.21
N CYS A 21 -5.05 3.51 6.17
CA CYS A 21 -4.69 4.14 4.90
C CYS A 21 -3.48 5.06 5.08
N GLN A 22 -2.51 4.92 4.18
CA GLN A 22 -1.29 5.74 4.24
C GLN A 22 -0.96 6.31 2.87
N THR A 23 -0.14 7.37 2.86
CA THR A 23 0.29 7.99 1.61
C THR A 23 1.40 7.17 0.95
N LEU A 24 1.64 7.43 -0.32
CA LEU A 24 2.77 6.85 -1.03
C LEU A 24 4.08 7.16 -0.31
N GLU A 25 4.19 8.38 0.20
CA GLU A 25 5.41 8.81 0.89
C GLU A 25 5.58 8.07 2.21
N GLU A 26 4.49 7.91 2.94
CA GLU A 26 4.51 7.22 4.22
C GLU A 26 4.81 5.74 4.04
N LEU A 27 4.29 5.16 2.96
CA LEU A 27 4.62 3.79 2.59
C LEU A 27 6.05 3.66 2.10
N GLU A 28 6.52 4.70 1.41
CA GLU A 28 7.90 4.75 0.95
C GLU A 28 8.87 4.65 2.12
N GLU A 29 8.62 5.44 3.16
CA GLU A 29 9.52 5.51 4.31
C GLU A 29 9.49 4.21 5.10
N PHE A 30 8.31 3.62 5.23
CA PHE A 30 8.15 2.37 5.96
C PHE A 30 8.89 1.23 5.27
N THR A 31 8.76 1.17 3.95
CA THR A 31 9.31 0.06 3.17
C THR A 31 10.74 0.34 2.74
N GLN A 32 11.12 1.61 2.82
CA GLN A 32 12.45 2.03 2.36
C GLN A 32 12.74 1.50 0.96
N ALA A 33 11.89 1.88 0.00
CA ALA A 33 12.03 1.40 -1.36
C ALA A 33 11.67 2.50 -2.37
N LYS A 34 12.11 2.31 -3.61
CA LYS A 34 11.82 3.27 -4.66
C LYS A 34 10.35 3.26 -5.04
N ARG A 35 9.82 4.43 -5.40
CA ARG A 35 8.42 4.56 -5.79
C ARG A 35 8.14 3.81 -7.09
N GLU A 36 9.14 3.74 -7.95
CA GLU A 36 9.03 3.00 -9.21
C GLU A 36 8.78 1.52 -8.94
N VAL A 37 9.30 1.02 -7.83
CA VAL A 37 9.09 -0.36 -7.43
C VAL A 37 7.79 -0.53 -6.67
N LEU A 38 7.54 0.37 -5.73
CA LEU A 38 6.39 0.27 -4.84
C LEU A 38 5.08 0.43 -5.61
N LEU A 39 5.09 1.32 -6.58
CA LEU A 39 3.88 1.63 -7.35
C LEU A 39 3.44 0.44 -8.18
N VAL A 40 4.39 -0.40 -8.58
CA VAL A 40 4.09 -1.63 -9.28
C VAL A 40 3.31 -2.60 -8.40
N THR A 41 3.79 -2.79 -7.18
CA THR A 41 3.11 -3.63 -6.20
C THR A 41 1.77 -3.03 -5.81
N LEU A 42 1.74 -1.72 -5.60
CA LEU A 42 0.54 -1.03 -5.16
C LEU A 42 -0.56 -1.11 -6.20
N THR A 43 -0.18 -0.94 -7.46
CA THR A 43 -1.12 -1.02 -8.58
C THR A 43 -1.62 -2.43 -8.78
N ARG A 44 -0.72 -3.40 -8.64
CA ARG A 44 -1.07 -4.81 -8.79
C ARG A 44 -2.03 -5.25 -7.70
N LEU A 45 -1.82 -4.75 -6.48
CA LEU A 45 -2.73 -5.01 -5.38
C LEU A 45 -4.08 -4.35 -5.63
N HIS A 46 -4.06 -3.13 -6.15
CA HIS A 46 -5.28 -2.41 -6.52
C HIS A 46 -6.10 -3.21 -7.52
N GLN A 47 -5.43 -3.72 -8.55
CA GLN A 47 -6.09 -4.53 -9.56
C GLN A 47 -6.58 -5.86 -9.00
N ARG A 48 -5.84 -6.38 -8.02
CA ARG A 48 -6.24 -7.61 -7.35
C ARG A 48 -7.47 -7.39 -6.47
N GLY A 49 -7.69 -6.15 -6.06
CA GLY A 49 -8.79 -5.81 -5.18
C GLY A 49 -8.39 -5.89 -3.72
N VAL A 50 -7.09 -5.80 -3.46
CA VAL A 50 -6.57 -5.86 -2.11
C VAL A 50 -6.60 -4.49 -1.44
N ILE A 51 -5.99 -3.51 -2.09
CA ILE A 51 -6.04 -2.13 -1.62
C ILE A 51 -6.75 -1.22 -2.62
N TYR A 52 -7.09 -0.02 -2.19
CA TYR A 52 -7.73 0.96 -3.06
C TYR A 52 -6.96 2.27 -3.10
N ARG A 53 -6.85 2.85 -4.28
CA ARG A 53 -6.14 4.12 -4.46
C ARG A 53 -7.08 5.30 -4.30
N LYS A 54 -6.62 6.33 -3.60
CA LYS A 54 -7.41 7.53 -3.39
C LYS A 54 -6.67 8.78 -3.86
N TRP A 55 -7.34 9.60 -4.65
CA TRP A 55 -6.71 10.78 -5.24
C TRP A 55 -7.11 12.05 -4.49
N ARG A 56 -6.20 12.54 -3.65
CA ARG A 56 -6.42 13.79 -2.94
C ARG A 56 -5.71 14.95 -3.62
N HIS A 57 -6.32 16.12 -3.56
CA HIS A 57 -5.77 17.31 -4.21
C HIS A 57 -5.85 18.53 -3.28
N PHE A 58 -4.72 19.18 -3.06
CA PHE A 58 -4.65 20.33 -2.18
C PHE A 58 -3.56 21.30 -2.61
N SER A 59 -3.94 22.56 -2.80
CA SER A 59 -2.98 23.59 -3.18
C SER A 59 -2.35 23.29 -4.53
N GLY A 60 -3.08 22.57 -5.38
CA GLY A 60 -2.61 22.25 -6.71
C GLY A 60 -1.68 21.04 -6.70
N ARG A 61 -1.51 20.44 -5.52
CA ARG A 61 -0.62 19.29 -5.37
C ARG A 61 -1.40 17.99 -5.36
N LYS A 62 -0.81 16.94 -5.91
CA LYS A 62 -1.44 15.63 -5.96
C LYS A 62 -0.94 14.75 -4.82
N TYR A 63 -1.88 14.11 -4.12
CA TYR A 63 -1.56 13.25 -3.00
C TYR A 63 -2.13 11.85 -3.19
N ARG A 64 -1.26 10.88 -3.43
CA ARG A 64 -1.66 9.50 -3.61
C ARG A 64 -1.77 8.77 -2.28
N GLU A 65 -2.98 8.34 -1.94
CA GLU A 65 -3.20 7.54 -0.74
C GLU A 65 -3.63 6.12 -1.08
N TYR A 66 -3.29 5.18 -0.22
CA TYR A 66 -3.69 3.79 -0.41
C TYR A 66 -4.30 3.22 0.86
N CYS A 67 -5.47 2.60 0.73
CA CYS A 67 -6.18 2.03 1.88
C CYS A 67 -6.36 0.53 1.71
N LEU A 68 -6.16 -0.21 2.80
CA LEU A 68 -6.35 -1.65 2.79
C LEU A 68 -7.68 -2.04 3.42
N LYS A 69 -8.55 -2.65 2.62
CA LYS A 69 -9.86 -3.08 3.11
C LYS A 69 -10.01 -4.59 2.99
N HIS A 70 -9.25 -5.19 2.08
CA HIS A 70 -9.31 -6.63 1.84
C HIS A 70 -8.86 -7.40 3.07
N ARG A 71 -9.61 -8.44 3.43
CA ARG A 71 -9.30 -9.25 4.59
C ARG A 71 -7.88 -9.81 4.53
N ASP A 72 -7.14 -9.66 5.63
CA ASP A 72 -5.77 -10.13 5.69
C ASP A 72 -5.70 -11.65 5.53
N GLU A 73 -6.65 -12.34 6.16
CA GLU A 73 -6.73 -13.79 6.04
C GLU A 73 -6.87 -14.21 4.57
N LEU A 74 -7.74 -13.53 3.84
CA LEU A 74 -7.95 -13.82 2.43
C LEU A 74 -6.69 -13.52 1.62
N ALA A 75 -6.01 -12.44 1.98
CA ALA A 75 -4.77 -12.07 1.32
C ALA A 75 -3.72 -13.17 1.46
N ASP A 76 -3.66 -13.77 2.65
CA ASP A 76 -2.73 -14.87 2.92
C ASP A 76 -3.12 -16.11 2.14
N LEU A 77 -4.42 -16.33 1.99
CA LEU A 77 -4.93 -17.49 1.26
C LEU A 77 -4.64 -17.36 -0.24
N GLU A 78 -4.57 -16.13 -0.72
CA GLU A 78 -4.22 -15.88 -2.12
C GLU A 78 -2.80 -16.32 -2.43
N HIS A 79 -1.93 -16.24 -1.42
CA HIS A 79 -0.54 -16.63 -1.59
C HIS A 79 -0.28 -18.02 -1.01
#